data_1O6B
# 
_entry.id   1O6B 
# 
_audit_conform.dict_name       mmcif_pdbx.dic 
_audit_conform.dict_version    5.398 
_audit_conform.dict_location   http://mmcif.pdb.org/dictionaries/ascii/mmcif_pdbx.dic 
# 
loop_
_database_2.database_id 
_database_2.database_code 
_database_2.pdbx_database_accession 
_database_2.pdbx_DOI 
PDB   1O6B         pdb_00001o6b 10.2210/pdb1o6b/pdb 
RCSB  RCSB001849   ?            ?                   
WWPDB D_1000001849 ?            ?                   
# 
loop_
_pdbx_audit_revision_history.ordinal 
_pdbx_audit_revision_history.data_content_type 
_pdbx_audit_revision_history.major_revision 
_pdbx_audit_revision_history.minor_revision 
_pdbx_audit_revision_history.revision_date 
1 'Structure model' 1 0 2003-11-25 
2 'Structure model' 1 1 2008-04-26 
3 'Structure model' 1 2 2011-07-13 
4 'Structure model' 1 3 2017-10-04 
5 'Structure model' 1 4 2023-12-27 
6 'Structure model' 1 5 2024-11-13 
# 
_pdbx_audit_revision_details.ordinal             1 
_pdbx_audit_revision_details.revision_ordinal    1 
_pdbx_audit_revision_details.data_content_type   'Structure model' 
_pdbx_audit_revision_details.provider            repository 
_pdbx_audit_revision_details.type                'Initial release' 
_pdbx_audit_revision_details.description         ? 
_pdbx_audit_revision_details.details             ? 
# 
loop_
_pdbx_audit_revision_group.ordinal 
_pdbx_audit_revision_group.revision_ordinal 
_pdbx_audit_revision_group.data_content_type 
_pdbx_audit_revision_group.group 
1 2 'Structure model' 'Version format compliance' 
2 3 'Structure model' 'Derived calculations'      
3 3 'Structure model' 'Version format compliance' 
4 4 'Structure model' 'Refinement description'    
5 5 'Structure model' 'Data collection'           
6 5 'Structure model' 'Database references'       
7 5 'Structure model' 'Derived calculations'      
8 6 'Structure model' 'Structure summary'         
# 
loop_
_pdbx_audit_revision_category.ordinal 
_pdbx_audit_revision_category.revision_ordinal 
_pdbx_audit_revision_category.data_content_type 
_pdbx_audit_revision_category.category 
1  4 'Structure model' software                  
2  5 'Structure model' chem_comp_atom            
3  5 'Structure model' chem_comp_bond            
4  5 'Structure model' database_2                
5  5 'Structure model' pdbx_struct_conn_angle    
6  5 'Structure model' struct_conn               
7  5 'Structure model' struct_ref                
8  5 'Structure model' struct_ref_seq_dif        
9  5 'Structure model' struct_site               
10 6 'Structure model' pdbx_entry_details        
11 6 'Structure model' pdbx_modification_feature 
# 
loop_
_pdbx_audit_revision_item.ordinal 
_pdbx_audit_revision_item.revision_ordinal 
_pdbx_audit_revision_item.data_content_type 
_pdbx_audit_revision_item.item 
1  4 'Structure model' '_software.name'                              
2  5 'Structure model' '_database_2.pdbx_DOI'                        
3  5 'Structure model' '_database_2.pdbx_database_accession'         
4  5 'Structure model' '_pdbx_struct_conn_angle.ptnr1_auth_comp_id'  
5  5 'Structure model' '_pdbx_struct_conn_angle.ptnr1_auth_seq_id'   
6  5 'Structure model' '_pdbx_struct_conn_angle.ptnr1_label_asym_id' 
7  5 'Structure model' '_pdbx_struct_conn_angle.ptnr1_label_atom_id' 
8  5 'Structure model' '_pdbx_struct_conn_angle.ptnr1_label_comp_id' 
9  5 'Structure model' '_pdbx_struct_conn_angle.ptnr1_label_seq_id'  
10 5 'Structure model' '_pdbx_struct_conn_angle.ptnr1_symmetry'      
11 5 'Structure model' '_pdbx_struct_conn_angle.ptnr3_auth_comp_id'  
12 5 'Structure model' '_pdbx_struct_conn_angle.ptnr3_auth_seq_id'   
13 5 'Structure model' '_pdbx_struct_conn_angle.ptnr3_label_asym_id' 
14 5 'Structure model' '_pdbx_struct_conn_angle.ptnr3_label_atom_id' 
15 5 'Structure model' '_pdbx_struct_conn_angle.ptnr3_label_comp_id' 
16 5 'Structure model' '_pdbx_struct_conn_angle.ptnr3_label_seq_id'  
17 5 'Structure model' '_pdbx_struct_conn_angle.ptnr3_symmetry'      
18 5 'Structure model' '_pdbx_struct_conn_angle.value'               
19 5 'Structure model' '_struct_conn.pdbx_dist_value'                
20 5 'Structure model' '_struct_conn.pdbx_leaving_atom_flag'         
21 5 'Structure model' '_struct_conn.ptnr1_auth_comp_id'             
22 5 'Structure model' '_struct_conn.ptnr1_auth_seq_id'              
23 5 'Structure model' '_struct_conn.ptnr1_label_asym_id'            
24 5 'Structure model' '_struct_conn.ptnr1_label_atom_id'            
25 5 'Structure model' '_struct_conn.ptnr1_label_comp_id'            
26 5 'Structure model' '_struct_conn.ptnr1_label_seq_id'             
27 5 'Structure model' '_struct_conn.ptnr1_symmetry'                 
28 5 'Structure model' '_struct_conn.ptnr2_auth_comp_id'             
29 5 'Structure model' '_struct_conn.ptnr2_auth_seq_id'              
30 5 'Structure model' '_struct_conn.ptnr2_label_asym_id'            
31 5 'Structure model' '_struct_conn.ptnr2_label_atom_id'            
32 5 'Structure model' '_struct_conn.ptnr2_label_comp_id'            
33 5 'Structure model' '_struct_conn.ptnr2_label_seq_id'             
34 5 'Structure model' '_struct_conn.ptnr2_symmetry'                 
35 5 'Structure model' '_struct_ref.pdbx_seq_one_letter_code'        
36 5 'Structure model' '_struct_ref_seq_dif.details'                 
37 5 'Structure model' '_struct_site.pdbx_auth_asym_id'              
38 5 'Structure model' '_struct_site.pdbx_auth_comp_id'              
39 5 'Structure model' '_struct_site.pdbx_auth_seq_id'               
# 
_pdbx_database_status.status_code                     REL 
_pdbx_database_status.entry_id                        1O6B 
_pdbx_database_status.recvd_initial_deposition_date   2003-11-03 
_pdbx_database_status.deposit_site                    RCSB 
_pdbx_database_status.process_site                    RCSB 
_pdbx_database_status.status_code_sf                  REL 
_pdbx_database_status.SG_entry                        . 
_pdbx_database_status.pdb_format_compatible           Y 
_pdbx_database_status.status_code_mr                  ? 
_pdbx_database_status.status_code_cs                  ? 
_pdbx_database_status.methods_development_category    ? 
_pdbx_database_status.status_code_nmr_data            ? 
# 
_audit_author.name           'Structural GenomiX' 
_audit_author.pdbx_ordinal   1 
# 
_citation.id                        primary 
_citation.title                     'Structural analysis of a set of proteins resulting from a bacterial genomics project' 
_citation.journal_abbrev            Proteins 
_citation.journal_volume            60 
_citation.page_first                787 
_citation.page_last                 796 
_citation.year                      2005 
_citation.journal_id_ASTM           PSFGEY 
_citation.country                   US 
_citation.journal_id_ISSN           0887-3585 
_citation.journal_id_CSD            0867 
_citation.book_publisher            ? 
_citation.pdbx_database_id_PubMed   16021622 
_citation.pdbx_database_id_DOI      10.1002/prot.20541 
# 
loop_
_citation_author.citation_id 
_citation_author.name 
_citation_author.ordinal 
_citation_author.identifier_ORCID 
primary 'Badger, J.'             1  ? 
primary 'Sauder, J.M.'           2  ? 
primary 'Adams, J.M.'            3  ? 
primary 'Antonysamy, S.'         4  ? 
primary 'Bain, K.'               5  ? 
primary 'Bergseid, M.G.'         6  ? 
primary 'Buchanan, S.G.'         7  ? 
primary 'Buchanan, M.D.'         8  ? 
primary 'Batiyenko, Y.'          9  ? 
primary 'Christopher, J.A.'      10 ? 
primary 'Emtage, S.'             11 ? 
primary 'Eroshkina, A.'          12 ? 
primary 'Feil, I.'               13 ? 
primary 'Furlong, E.B.'          14 ? 
primary 'Gajiwala, K.S.'         15 ? 
primary 'Gao, X.'                16 ? 
primary 'He, D.'                 17 ? 
primary 'Hendle, J.'             18 ? 
primary 'Huber, A.'              19 ? 
primary 'Hoda, K.'               20 ? 
primary 'Kearins, P.'            21 ? 
primary 'Kissinger, C.'          22 ? 
primary 'Laubert, B.'            23 ? 
primary 'Lewis, H.A.'            24 ? 
primary 'Lin, J.'                25 ? 
primary 'Loomis, K.'             26 ? 
primary 'Lorimer, D.'            27 ? 
primary 'Louie, G.'              28 ? 
primary 'Maletic, M.'            29 ? 
primary 'Marsh, C.D.'            30 ? 
primary 'Miller, I.'             31 ? 
primary 'Molinari, J.'           32 ? 
primary 'Muller-Dieckmann, H.J.' 33 ? 
primary 'Newman, J.M.'           34 ? 
primary 'Noland, B.W.'           35 ? 
primary 'Pagarigan, B.'          36 ? 
primary 'Park, F.'               37 ? 
primary 'Peat, T.S.'             38 ? 
primary 'Post, K.W.'             39 ? 
primary 'Radojicic, S.'          40 ? 
primary 'Ramos, A.'              41 ? 
primary 'Romero, R.'             42 ? 
primary 'Rutter, M.E.'           43 ? 
primary 'Sanderson, W.E.'        44 ? 
primary 'Schwinn, K.D.'          45 ? 
primary 'Tresser, J.'            46 ? 
primary 'Winhoven, J.'           47 ? 
primary 'Wright, T.A.'           48 ? 
primary 'Wu, L.'                 49 ? 
primary 'Xu, J.'                 50 ? 
primary 'Harris, T.J.'           51 ? 
# 
loop_
_entity.id 
_entity.type 
_entity.src_method 
_entity.pdbx_description 
_entity.formula_weight 
_entity.pdbx_number_of_molecules 
_entity.pdbx_ec 
_entity.pdbx_mutation 
_entity.pdbx_fragment 
_entity.details 
1 polymer     man 'Phosphopantetheine adenylyltransferase' 19358.336 1   2.7.7.3 ? ? ? 
2 non-polymer syn 'PHOSPHATE ION'                          94.971    1   ?       ? ? ? 
3 non-polymer syn 'MAGNESIUM ION'                          24.305    1   ?       ? ? ? 
4 non-polymer syn 'CHLORIDE ION'                           35.453    1   ?       ? ? ? 
5 non-polymer syn "ADENOSINE-5'-DIPHOSPHATE"               427.201   1   ?       ? ? ? 
6 water       nat water                                    18.015    113 ?       ? ? ? 
# 
_entity_name_com.entity_id   1 
_entity_name_com.name        'Pantetheine-phosphate adenylyltransferase, PPAT, Dephospho-CoA pyrophosphorylase' 
# 
_entity_poly.entity_id                      1 
_entity_poly.type                           'polypeptide(L)' 
_entity_poly.nstd_linkage                   no 
_entity_poly.nstd_monomer                   yes 
_entity_poly.pdbx_seq_one_letter_code       
;(MSE)ASIAVCPGSFDPVTYGHLDIIKRGAHIFEQVYVCVLNNSSKKPLFSVEERCELLREVTKDIPNITVETSQGLLID
YARRKNAKAILRGLRAVSDFEYE(MSE)QGTSVNRVLDESIETFF(MSE)(MSE)ANNQYSFLSSSIVKEVARYDGSVSE
FVPPEVELALQQKFRQGGSHHHHHH
;
_entity_poly.pdbx_seq_one_letter_code_can   
;MASIAVCPGSFDPVTYGHLDIIKRGAHIFEQVYVCVLNNSSKKPLFSVEERCELLREVTKDIPNITVETSQGLLIDYARR
KNAKAILRGLRAVSDFEYEMQGTSVNRVLDESIETFFMMANNQYSFLSSSIVKEVARYDGSVSEFVPPEVELALQQKFRQ
GGSHHHHHH
;
_entity_poly.pdbx_strand_id                 A 
_entity_poly.pdbx_target_identifier         ? 
# 
loop_
_pdbx_entity_nonpoly.entity_id 
_pdbx_entity_nonpoly.name 
_pdbx_entity_nonpoly.comp_id 
2 'PHOSPHATE ION'            PO4 
3 'MAGNESIUM ION'            MG  
4 'CHLORIDE ION'             CL  
5 "ADENOSINE-5'-DIPHOSPHATE" ADP 
6 water                      HOH 
# 
loop_
_entity_poly_seq.entity_id 
_entity_poly_seq.num 
_entity_poly_seq.mon_id 
_entity_poly_seq.hetero 
1 1   MSE n 
1 2   ALA n 
1 3   SER n 
1 4   ILE n 
1 5   ALA n 
1 6   VAL n 
1 7   CYS n 
1 8   PRO n 
1 9   GLY n 
1 10  SER n 
1 11  PHE n 
1 12  ASP n 
1 13  PRO n 
1 14  VAL n 
1 15  THR n 
1 16  TYR n 
1 17  GLY n 
1 18  HIS n 
1 19  LEU n 
1 20  ASP n 
1 21  ILE n 
1 22  ILE n 
1 23  LYS n 
1 24  ARG n 
1 25  GLY n 
1 26  ALA n 
1 27  HIS n 
1 28  ILE n 
1 29  PHE n 
1 30  GLU n 
1 31  GLN n 
1 32  VAL n 
1 33  TYR n 
1 34  VAL n 
1 35  CYS n 
1 36  VAL n 
1 37  LEU n 
1 38  ASN n 
1 39  ASN n 
1 40  SER n 
1 41  SER n 
1 42  LYS n 
1 43  LYS n 
1 44  PRO n 
1 45  LEU n 
1 46  PHE n 
1 47  SER n 
1 48  VAL n 
1 49  GLU n 
1 50  GLU n 
1 51  ARG n 
1 52  CYS n 
1 53  GLU n 
1 54  LEU n 
1 55  LEU n 
1 56  ARG n 
1 57  GLU n 
1 58  VAL n 
1 59  THR n 
1 60  LYS n 
1 61  ASP n 
1 62  ILE n 
1 63  PRO n 
1 64  ASN n 
1 65  ILE n 
1 66  THR n 
1 67  VAL n 
1 68  GLU n 
1 69  THR n 
1 70  SER n 
1 71  GLN n 
1 72  GLY n 
1 73  LEU n 
1 74  LEU n 
1 75  ILE n 
1 76  ASP n 
1 77  TYR n 
1 78  ALA n 
1 79  ARG n 
1 80  ARG n 
1 81  LYS n 
1 82  ASN n 
1 83  ALA n 
1 84  LYS n 
1 85  ALA n 
1 86  ILE n 
1 87  LEU n 
1 88  ARG n 
1 89  GLY n 
1 90  LEU n 
1 91  ARG n 
1 92  ALA n 
1 93  VAL n 
1 94  SER n 
1 95  ASP n 
1 96  PHE n 
1 97  GLU n 
1 98  TYR n 
1 99  GLU n 
1 100 MSE n 
1 101 GLN n 
1 102 GLY n 
1 103 THR n 
1 104 SER n 
1 105 VAL n 
1 106 ASN n 
1 107 ARG n 
1 108 VAL n 
1 109 LEU n 
1 110 ASP n 
1 111 GLU n 
1 112 SER n 
1 113 ILE n 
1 114 GLU n 
1 115 THR n 
1 116 PHE n 
1 117 PHE n 
1 118 MSE n 
1 119 MSE n 
1 120 ALA n 
1 121 ASN n 
1 122 ASN n 
1 123 GLN n 
1 124 TYR n 
1 125 SER n 
1 126 PHE n 
1 127 LEU n 
1 128 SER n 
1 129 SER n 
1 130 SER n 
1 131 ILE n 
1 132 VAL n 
1 133 LYS n 
1 134 GLU n 
1 135 VAL n 
1 136 ALA n 
1 137 ARG n 
1 138 TYR n 
1 139 ASP n 
1 140 GLY n 
1 141 SER n 
1 142 VAL n 
1 143 SER n 
1 144 GLU n 
1 145 PHE n 
1 146 VAL n 
1 147 PRO n 
1 148 PRO n 
1 149 GLU n 
1 150 VAL n 
1 151 GLU n 
1 152 LEU n 
1 153 ALA n 
1 154 LEU n 
1 155 GLN n 
1 156 GLN n 
1 157 LYS n 
1 158 PHE n 
1 159 ARG n 
1 160 GLN n 
1 161 GLY n 
1 162 GLY n 
1 163 SER n 
1 164 HIS n 
1 165 HIS n 
1 166 HIS n 
1 167 HIS n 
1 168 HIS n 
1 169 HIS n 
# 
_entity_src_gen.entity_id                          1 
_entity_src_gen.pdbx_src_id                        1 
_entity_src_gen.pdbx_alt_source_flag               sample 
_entity_src_gen.pdbx_seq_type                      ? 
_entity_src_gen.pdbx_beg_seq_num                   ? 
_entity_src_gen.pdbx_end_seq_num                   ? 
_entity_src_gen.gene_src_common_name               ? 
_entity_src_gen.gene_src_genus                     Bacillus 
_entity_src_gen.pdbx_gene_src_gene                 'COAD, BSU15020' 
_entity_src_gen.gene_src_species                   ? 
_entity_src_gen.gene_src_strain                    ? 
_entity_src_gen.gene_src_tissue                    ? 
_entity_src_gen.gene_src_tissue_fraction           ? 
_entity_src_gen.gene_src_details                   ? 
_entity_src_gen.pdbx_gene_src_fragment             ? 
_entity_src_gen.pdbx_gene_src_scientific_name      'Bacillus subtilis' 
_entity_src_gen.pdbx_gene_src_ncbi_taxonomy_id     1423 
_entity_src_gen.pdbx_gene_src_variant              ? 
_entity_src_gen.pdbx_gene_src_cell_line            ? 
_entity_src_gen.pdbx_gene_src_atcc                 ? 
_entity_src_gen.pdbx_gene_src_organ                ? 
_entity_src_gen.pdbx_gene_src_organelle            ? 
_entity_src_gen.pdbx_gene_src_cell                 ? 
_entity_src_gen.pdbx_gene_src_cellular_location    ? 
_entity_src_gen.host_org_common_name               ? 
_entity_src_gen.pdbx_host_org_scientific_name      'Escherichia coli' 
_entity_src_gen.pdbx_host_org_ncbi_taxonomy_id     562 
_entity_src_gen.host_org_genus                     Escherichia 
_entity_src_gen.pdbx_host_org_gene                 ? 
_entity_src_gen.pdbx_host_org_organ                ? 
_entity_src_gen.host_org_species                   ? 
_entity_src_gen.pdbx_host_org_tissue               ? 
_entity_src_gen.pdbx_host_org_tissue_fraction      ? 
_entity_src_gen.pdbx_host_org_strain               ? 
_entity_src_gen.pdbx_host_org_variant              ? 
_entity_src_gen.pdbx_host_org_cell_line            ? 
_entity_src_gen.pdbx_host_org_atcc                 ? 
_entity_src_gen.pdbx_host_org_culture_collection   ? 
_entity_src_gen.pdbx_host_org_cell                 ? 
_entity_src_gen.pdbx_host_org_organelle            ? 
_entity_src_gen.pdbx_host_org_cellular_location    ? 
_entity_src_gen.pdbx_host_org_vector_type          ? 
_entity_src_gen.pdbx_host_org_vector               ? 
_entity_src_gen.host_org_details                   ? 
_entity_src_gen.expression_system_id               ? 
_entity_src_gen.plasmid_name                       ? 
_entity_src_gen.plasmid_details                    ? 
_entity_src_gen.pdbx_description                   ? 
# 
loop_
_chem_comp.id 
_chem_comp.type 
_chem_comp.mon_nstd_flag 
_chem_comp.name 
_chem_comp.pdbx_synonyms 
_chem_comp.formula 
_chem_comp.formula_weight 
ADP non-polymer         n "ADENOSINE-5'-DIPHOSPHATE" ? 'C10 H15 N5 O10 P2' 427.201 
ALA 'L-peptide linking' y ALANINE                    ? 'C3 H7 N O2'        89.093  
ARG 'L-peptide linking' y ARGININE                   ? 'C6 H15 N4 O2 1'    175.209 
ASN 'L-peptide linking' y ASPARAGINE                 ? 'C4 H8 N2 O3'       132.118 
ASP 'L-peptide linking' y 'ASPARTIC ACID'            ? 'C4 H7 N O4'        133.103 
CL  non-polymer         . 'CHLORIDE ION'             ? 'Cl -1'             35.453  
CYS 'L-peptide linking' y CYSTEINE                   ? 'C3 H7 N O2 S'      121.158 
GLN 'L-peptide linking' y GLUTAMINE                  ? 'C5 H10 N2 O3'      146.144 
GLU 'L-peptide linking' y 'GLUTAMIC ACID'            ? 'C5 H9 N O4'        147.129 
GLY 'peptide linking'   y GLYCINE                    ? 'C2 H5 N O2'        75.067  
HIS 'L-peptide linking' y HISTIDINE                  ? 'C6 H10 N3 O2 1'    156.162 
HOH non-polymer         . WATER                      ? 'H2 O'              18.015  
ILE 'L-peptide linking' y ISOLEUCINE                 ? 'C6 H13 N O2'       131.173 
LEU 'L-peptide linking' y LEUCINE                    ? 'C6 H13 N O2'       131.173 
LYS 'L-peptide linking' y LYSINE                     ? 'C6 H15 N2 O2 1'    147.195 
MET 'L-peptide linking' y METHIONINE                 ? 'C5 H11 N O2 S'     149.211 
MG  non-polymer         . 'MAGNESIUM ION'            ? 'Mg 2'              24.305  
MSE 'L-peptide linking' n SELENOMETHIONINE           ? 'C5 H11 N O2 Se'    196.106 
PHE 'L-peptide linking' y PHENYLALANINE              ? 'C9 H11 N O2'       165.189 
PO4 non-polymer         . 'PHOSPHATE ION'            ? 'O4 P -3'           94.971  
PRO 'L-peptide linking' y PROLINE                    ? 'C5 H9 N O2'        115.130 
SER 'L-peptide linking' y SERINE                     ? 'C3 H7 N O3'        105.093 
THR 'L-peptide linking' y THREONINE                  ? 'C4 H9 N O3'        119.119 
TYR 'L-peptide linking' y TYROSINE                   ? 'C9 H11 N O3'       181.189 
VAL 'L-peptide linking' y VALINE                     ? 'C5 H11 N O2'       117.146 
# 
loop_
_pdbx_poly_seq_scheme.asym_id 
_pdbx_poly_seq_scheme.entity_id 
_pdbx_poly_seq_scheme.seq_id 
_pdbx_poly_seq_scheme.mon_id 
_pdbx_poly_seq_scheme.ndb_seq_num 
_pdbx_poly_seq_scheme.pdb_seq_num 
_pdbx_poly_seq_scheme.auth_seq_num 
_pdbx_poly_seq_scheme.pdb_mon_id 
_pdbx_poly_seq_scheme.auth_mon_id 
_pdbx_poly_seq_scheme.pdb_strand_id 
_pdbx_poly_seq_scheme.pdb_ins_code 
_pdbx_poly_seq_scheme.hetero 
A 1 1   MSE 1   1   ?   ?   ?   A . n 
A 1 2   ALA 2   2   2   ALA ALA A . n 
A 1 3   SER 3   3   3   SER SER A . n 
A 1 4   ILE 4   4   4   ILE ILE A . n 
A 1 5   ALA 5   5   5   ALA ALA A . n 
A 1 6   VAL 6   6   6   VAL VAL A . n 
A 1 7   CYS 7   7   7   CYS CYS A . n 
A 1 8   PRO 8   8   8   PRO PRO A . n 
A 1 9   GLY 9   9   9   GLY GLY A . n 
A 1 10  SER 10  10  10  SER SER A . n 
A 1 11  PHE 11  11  11  PHE PHE A . n 
A 1 12  ASP 12  12  12  ASP ASP A . n 
A 1 13  PRO 13  13  13  PRO PRO A . n 
A 1 14  VAL 14  14  14  VAL VAL A . n 
A 1 15  THR 15  15  15  THR THR A . n 
A 1 16  TYR 16  16  16  TYR TYR A . n 
A 1 17  GLY 17  17  17  GLY GLY A . n 
A 1 18  HIS 18  18  18  HIS HIS A . n 
A 1 19  LEU 19  19  19  LEU LEU A . n 
A 1 20  ASP 20  20  20  ASP ASP A . n 
A 1 21  ILE 21  21  21  ILE ILE A . n 
A 1 22  ILE 22  22  22  ILE ILE A . n 
A 1 23  LYS 23  23  23  LYS LYS A . n 
A 1 24  ARG 24  24  24  ARG ARG A . n 
A 1 25  GLY 25  25  25  GLY GLY A . n 
A 1 26  ALA 26  26  26  ALA ALA A . n 
A 1 27  HIS 27  27  27  HIS HIS A . n 
A 1 28  ILE 28  28  28  ILE ILE A . n 
A 1 29  PHE 29  29  29  PHE PHE A . n 
A 1 30  GLU 30  30  30  GLU GLU A . n 
A 1 31  GLN 31  31  31  GLN GLN A . n 
A 1 32  VAL 32  32  32  VAL VAL A . n 
A 1 33  TYR 33  33  33  TYR TYR A . n 
A 1 34  VAL 34  34  34  VAL VAL A . n 
A 1 35  CYS 35  35  35  CYS CYS A . n 
A 1 36  VAL 36  36  36  VAL VAL A . n 
A 1 37  LEU 37  37  37  LEU LEU A . n 
A 1 38  ASN 38  38  38  ASN ASN A . n 
A 1 39  ASN 39  39  39  ASN ASN A . n 
A 1 40  SER 40  40  40  SER SER A . n 
A 1 41  SER 41  41  41  SER SER A . n 
A 1 42  LYS 42  42  42  LYS LYS A . n 
A 1 43  LYS 43  43  43  LYS LYS A . n 
A 1 44  PRO 44  44  44  PRO PRO A . n 
A 1 45  LEU 45  45  45  LEU LEU A . n 
A 1 46  PHE 46  46  46  PHE PHE A . n 
A 1 47  SER 47  47  47  SER SER A . n 
A 1 48  VAL 48  48  48  VAL VAL A . n 
A 1 49  GLU 49  49  49  GLU GLU A . n 
A 1 50  GLU 50  50  50  GLU GLU A . n 
A 1 51  ARG 51  51  51  ARG ARG A . n 
A 1 52  CYS 52  52  52  CYS CYS A . n 
A 1 53  GLU 53  53  53  GLU GLU A . n 
A 1 54  LEU 54  54  54  LEU LEU A . n 
A 1 55  LEU 55  55  55  LEU LEU A . n 
A 1 56  ARG 56  56  56  ARG ARG A . n 
A 1 57  GLU 57  57  57  GLU GLU A . n 
A 1 58  VAL 58  58  58  VAL VAL A . n 
A 1 59  THR 59  59  59  THR THR A . n 
A 1 60  LYS 60  60  60  LYS LYS A . n 
A 1 61  ASP 61  61  61  ASP ASP A . n 
A 1 62  ILE 62  62  62  ILE ILE A . n 
A 1 63  PRO 63  63  63  PRO PRO A . n 
A 1 64  ASN 64  64  64  ASN ASN A . n 
A 1 65  ILE 65  65  65  ILE ILE A . n 
A 1 66  THR 66  66  66  THR THR A . n 
A 1 67  VAL 67  67  67  VAL VAL A . n 
A 1 68  GLU 68  68  68  GLU GLU A . n 
A 1 69  THR 69  69  69  THR THR A . n 
A 1 70  SER 70  70  70  SER SER A . n 
A 1 71  GLN 71  71  71  GLN GLN A . n 
A 1 72  GLY 72  72  72  GLY GLY A . n 
A 1 73  LEU 73  73  73  LEU LEU A . n 
A 1 74  LEU 74  74  74  LEU LEU A . n 
A 1 75  ILE 75  75  75  ILE ILE A . n 
A 1 76  ASP 76  76  76  ASP ASP A . n 
A 1 77  TYR 77  77  77  TYR TYR A . n 
A 1 78  ALA 78  78  78  ALA ALA A . n 
A 1 79  ARG 79  79  79  ARG ARG A . n 
A 1 80  ARG 80  80  80  ARG ARG A . n 
A 1 81  LYS 81  81  81  LYS LYS A . n 
A 1 82  ASN 82  82  82  ASN ASN A . n 
A 1 83  ALA 83  83  83  ALA ALA A . n 
A 1 84  LYS 84  84  84  LYS LYS A . n 
A 1 85  ALA 85  85  85  ALA ALA A . n 
A 1 86  ILE 86  86  86  ILE ILE A . n 
A 1 87  LEU 87  87  87  LEU LEU A . n 
A 1 88  ARG 88  88  88  ARG ARG A . n 
A 1 89  GLY 89  89  89  GLY GLY A . n 
A 1 90  LEU 90  90  90  LEU LEU A . n 
A 1 91  ARG 91  91  91  ARG ARG A . n 
A 1 92  ALA 92  92  92  ALA ALA A . n 
A 1 93  VAL 93  93  93  VAL VAL A . n 
A 1 94  SER 94  94  94  SER SER A . n 
A 1 95  ASP 95  95  95  ASP ASP A . n 
A 1 96  PHE 96  96  96  PHE PHE A . n 
A 1 97  GLU 97  97  97  GLU GLU A . n 
A 1 98  TYR 98  98  98  TYR TYR A . n 
A 1 99  GLU 99  99  99  GLU GLU A . n 
A 1 100 MSE 100 100 100 MSE MSE A . n 
A 1 101 GLN 101 101 101 GLN GLN A . n 
A 1 102 GLY 102 102 102 GLY GLY A . n 
A 1 103 THR 103 103 103 THR THR A . n 
A 1 104 SER 104 104 104 SER SER A . n 
A 1 105 VAL 105 105 105 VAL VAL A . n 
A 1 106 ASN 106 106 106 ASN ASN A . n 
A 1 107 ARG 107 107 107 ARG ARG A . n 
A 1 108 VAL 108 108 108 VAL VAL A . n 
A 1 109 LEU 109 109 109 LEU LEU A . n 
A 1 110 ASP 110 110 110 ASP ASP A . n 
A 1 111 GLU 111 111 111 GLU GLU A . n 
A 1 112 SER 112 112 112 SER SER A . n 
A 1 113 ILE 113 113 113 ILE ILE A . n 
A 1 114 GLU 114 114 114 GLU GLU A . n 
A 1 115 THR 115 115 115 THR THR A . n 
A 1 116 PHE 116 116 116 PHE PHE A . n 
A 1 117 PHE 117 117 117 PHE PHE A . n 
A 1 118 MSE 118 118 118 MSE MSE A . n 
A 1 119 MSE 119 119 119 MSE MSE A . n 
A 1 120 ALA 120 120 120 ALA ALA A . n 
A 1 121 ASN 121 121 121 ASN ASN A . n 
A 1 122 ASN 122 122 122 ASN ASN A . n 
A 1 123 GLN 123 123 123 GLN GLN A . n 
A 1 124 TYR 124 124 124 TYR TYR A . n 
A 1 125 SER 125 125 125 SER SER A . n 
A 1 126 PHE 126 126 126 PHE PHE A . n 
A 1 127 LEU 127 127 127 LEU LEU A . n 
A 1 128 SER 128 128 128 SER SER A . n 
A 1 129 SER 129 129 129 SER SER A . n 
A 1 130 SER 130 130 130 SER SER A . n 
A 1 131 ILE 131 131 131 ILE ILE A . n 
A 1 132 VAL 132 132 132 VAL VAL A . n 
A 1 133 LYS 133 133 133 LYS LYS A . n 
A 1 134 GLU 134 134 134 GLU GLU A . n 
A 1 135 VAL 135 135 135 VAL VAL A . n 
A 1 136 ALA 136 136 136 ALA ALA A . n 
A 1 137 ARG 137 137 137 ARG ARG A . n 
A 1 138 TYR 138 138 138 TYR TYR A . n 
A 1 139 ASP 139 139 139 ASP ASP A . n 
A 1 140 GLY 140 140 140 GLY GLY A . n 
A 1 141 SER 141 141 141 SER SER A . n 
A 1 142 VAL 142 142 142 VAL VAL A . n 
A 1 143 SER 143 143 143 SER SER A . n 
A 1 144 GLU 144 144 144 GLU GLU A . n 
A 1 145 PHE 145 145 145 PHE PHE A . n 
A 1 146 VAL 146 146 146 VAL VAL A . n 
A 1 147 PRO 147 147 147 PRO PRO A . n 
A 1 148 PRO 148 148 148 PRO PRO A . n 
A 1 149 GLU 149 149 149 GLU GLU A . n 
A 1 150 VAL 150 150 150 VAL VAL A . n 
A 1 151 GLU 151 151 151 GLU GLU A . n 
A 1 152 LEU 152 152 152 LEU LEU A . n 
A 1 153 ALA 153 153 153 ALA ALA A . n 
A 1 154 LEU 154 154 154 LEU LEU A . n 
A 1 155 GLN 155 155 155 GLN GLN A . n 
A 1 156 GLN 156 156 156 GLN GLN A . n 
A 1 157 LYS 157 157 157 LYS LYS A . n 
A 1 158 PHE 158 158 158 PHE PHE A . n 
A 1 159 ARG 159 159 159 ARG ARG A . n 
A 1 160 GLN 160 160 160 GLN GLN A . n 
A 1 161 GLY 161 161 161 GLY GLY A . n 
A 1 162 GLY 162 162 162 GLY GLY A . n 
A 1 163 SER 163 163 163 SER SER A . n 
A 1 164 HIS 164 164 164 HIS HIS A . n 
A 1 165 HIS 165 165 ?   ?   ?   A . n 
A 1 166 HIS 166 166 ?   ?   ?   A . n 
A 1 167 HIS 167 167 ?   ?   ?   A . n 
A 1 168 HIS 168 168 ?   ?   ?   A . n 
A 1 169 HIS 169 169 ?   ?   ?   A . n 
# 
loop_
_pdbx_nonpoly_scheme.asym_id 
_pdbx_nonpoly_scheme.entity_id 
_pdbx_nonpoly_scheme.mon_id 
_pdbx_nonpoly_scheme.ndb_seq_num 
_pdbx_nonpoly_scheme.pdb_seq_num 
_pdbx_nonpoly_scheme.auth_seq_num 
_pdbx_nonpoly_scheme.pdb_mon_id 
_pdbx_nonpoly_scheme.auth_mon_id 
_pdbx_nonpoly_scheme.pdb_strand_id 
_pdbx_nonpoly_scheme.pdb_ins_code 
B 2 PO4 1   170 2   PO4 PO4 A . 
C 3 MG  1   171 3   MG  MG  A . 
D 4 CL  1   172 4   CL  CL  A . 
E 5 ADP 1   173 1   ADP ADP A . 
F 6 HOH 1   174 5   HOH HOH A . 
F 6 HOH 2   175 6   HOH HOH A . 
F 6 HOH 3   176 7   HOH HOH A . 
F 6 HOH 4   177 8   HOH HOH A . 
F 6 HOH 5   178 9   HOH HOH A . 
F 6 HOH 6   179 10  HOH HOH A . 
F 6 HOH 7   180 11  HOH HOH A . 
F 6 HOH 8   181 12  HOH HOH A . 
F 6 HOH 9   182 13  HOH HOH A . 
F 6 HOH 10  183 14  HOH HOH A . 
F 6 HOH 11  184 15  HOH HOH A . 
F 6 HOH 12  185 16  HOH HOH A . 
F 6 HOH 13  186 17  HOH HOH A . 
F 6 HOH 14  187 18  HOH HOH A . 
F 6 HOH 15  188 19  HOH HOH A . 
F 6 HOH 16  189 20  HOH HOH A . 
F 6 HOH 17  190 21  HOH HOH A . 
F 6 HOH 18  191 22  HOH HOH A . 
F 6 HOH 19  192 23  HOH HOH A . 
F 6 HOH 20  193 24  HOH HOH A . 
F 6 HOH 21  194 25  HOH HOH A . 
F 6 HOH 22  195 26  HOH HOH A . 
F 6 HOH 23  196 27  HOH HOH A . 
F 6 HOH 24  197 28  HOH HOH A . 
F 6 HOH 25  198 29  HOH HOH A . 
F 6 HOH 26  199 30  HOH HOH A . 
F 6 HOH 27  200 31  HOH HOH A . 
F 6 HOH 28  201 32  HOH HOH A . 
F 6 HOH 29  202 33  HOH HOH A . 
F 6 HOH 30  203 34  HOH HOH A . 
F 6 HOH 31  204 35  HOH HOH A . 
F 6 HOH 32  205 36  HOH HOH A . 
F 6 HOH 33  206 37  HOH HOH A . 
F 6 HOH 34  207 38  HOH HOH A . 
F 6 HOH 35  208 39  HOH HOH A . 
F 6 HOH 36  209 40  HOH HOH A . 
F 6 HOH 37  210 41  HOH HOH A . 
F 6 HOH 38  211 42  HOH HOH A . 
F 6 HOH 39  212 43  HOH HOH A . 
F 6 HOH 40  213 44  HOH HOH A . 
F 6 HOH 41  214 45  HOH HOH A . 
F 6 HOH 42  215 46  HOH HOH A . 
F 6 HOH 43  216 47  HOH HOH A . 
F 6 HOH 44  217 48  HOH HOH A . 
F 6 HOH 45  218 49  HOH HOH A . 
F 6 HOH 46  219 50  HOH HOH A . 
F 6 HOH 47  220 51  HOH HOH A . 
F 6 HOH 48  221 52  HOH HOH A . 
F 6 HOH 49  222 53  HOH HOH A . 
F 6 HOH 50  223 54  HOH HOH A . 
F 6 HOH 51  224 55  HOH HOH A . 
F 6 HOH 52  225 56  HOH HOH A . 
F 6 HOH 53  226 57  HOH HOH A . 
F 6 HOH 54  227 58  HOH HOH A . 
F 6 HOH 55  228 59  HOH HOH A . 
F 6 HOH 56  229 60  HOH HOH A . 
F 6 HOH 57  230 61  HOH HOH A . 
F 6 HOH 58  231 62  HOH HOH A . 
F 6 HOH 59  232 63  HOH HOH A . 
F 6 HOH 60  233 64  HOH HOH A . 
F 6 HOH 61  234 65  HOH HOH A . 
F 6 HOH 62  235 66  HOH HOH A . 
F 6 HOH 63  236 67  HOH HOH A . 
F 6 HOH 64  237 68  HOH HOH A . 
F 6 HOH 65  238 69  HOH HOH A . 
F 6 HOH 66  239 70  HOH HOH A . 
F 6 HOH 67  240 71  HOH HOH A . 
F 6 HOH 68  241 72  HOH HOH A . 
F 6 HOH 69  242 73  HOH HOH A . 
F 6 HOH 70  243 74  HOH HOH A . 
F 6 HOH 71  244 75  HOH HOH A . 
F 6 HOH 72  245 76  HOH HOH A . 
F 6 HOH 73  246 77  HOH HOH A . 
F 6 HOH 74  247 78  HOH HOH A . 
F 6 HOH 75  248 79  HOH HOH A . 
F 6 HOH 76  249 80  HOH HOH A . 
F 6 HOH 77  250 81  HOH HOH A . 
F 6 HOH 78  251 82  HOH HOH A . 
F 6 HOH 79  252 83  HOH HOH A . 
F 6 HOH 80  253 84  HOH HOH A . 
F 6 HOH 81  254 85  HOH HOH A . 
F 6 HOH 82  255 86  HOH HOH A . 
F 6 HOH 83  256 87  HOH HOH A . 
F 6 HOH 84  257 88  HOH HOH A . 
F 6 HOH 85  258 89  HOH HOH A . 
F 6 HOH 86  259 90  HOH HOH A . 
F 6 HOH 87  260 91  HOH HOH A . 
F 6 HOH 88  261 92  HOH HOH A . 
F 6 HOH 89  262 93  HOH HOH A . 
F 6 HOH 90  263 94  HOH HOH A . 
F 6 HOH 91  264 95  HOH HOH A . 
F 6 HOH 92  265 96  HOH HOH A . 
F 6 HOH 93  266 97  HOH HOH A . 
F 6 HOH 94  267 98  HOH HOH A . 
F 6 HOH 95  268 99  HOH HOH A . 
F 6 HOH 96  269 100 HOH HOH A . 
F 6 HOH 97  270 101 HOH HOH A . 
F 6 HOH 98  271 102 HOH HOH A . 
F 6 HOH 99  272 103 HOH HOH A . 
F 6 HOH 100 273 104 HOH HOH A . 
F 6 HOH 101 274 105 HOH HOH A . 
F 6 HOH 102 275 106 HOH HOH A . 
F 6 HOH 103 276 107 HOH HOH A . 
F 6 HOH 104 277 108 HOH HOH A . 
F 6 HOH 105 278 109 HOH HOH A . 
F 6 HOH 106 279 110 HOH HOH A . 
F 6 HOH 107 280 111 HOH HOH A . 
F 6 HOH 108 281 112 HOH HOH A . 
F 6 HOH 109 282 113 HOH HOH A . 
F 6 HOH 110 283 114 HOH HOH A . 
F 6 HOH 111 284 115 HOH HOH A . 
F 6 HOH 112 285 116 HOH HOH A . 
F 6 HOH 113 286 117 HOH HOH A . 
# 
loop_
_pdbx_unobs_or_zero_occ_atoms.id 
_pdbx_unobs_or_zero_occ_atoms.PDB_model_num 
_pdbx_unobs_or_zero_occ_atoms.polymer_flag 
_pdbx_unobs_or_zero_occ_atoms.occupancy_flag 
_pdbx_unobs_or_zero_occ_atoms.auth_asym_id 
_pdbx_unobs_or_zero_occ_atoms.auth_comp_id 
_pdbx_unobs_or_zero_occ_atoms.auth_seq_id 
_pdbx_unobs_or_zero_occ_atoms.PDB_ins_code 
_pdbx_unobs_or_zero_occ_atoms.auth_atom_id 
_pdbx_unobs_or_zero_occ_atoms.label_alt_id 
_pdbx_unobs_or_zero_occ_atoms.label_asym_id 
_pdbx_unobs_or_zero_occ_atoms.label_comp_id 
_pdbx_unobs_or_zero_occ_atoms.label_seq_id 
_pdbx_unobs_or_zero_occ_atoms.label_atom_id 
1  1 Y 1 A GLU 30  ? CD  ? A GLU 30  CD  
2  1 Y 1 A GLU 30  ? OE1 ? A GLU 30  OE1 
3  1 Y 1 A GLU 30  ? OE2 ? A GLU 30  OE2 
4  1 Y 1 A LEU 37  ? CD1 ? A LEU 37  CD1 
5  1 Y 1 A LEU 37  ? CD2 ? A LEU 37  CD2 
6  1 Y 1 A ASN 39  ? CG  ? A ASN 39  CG  
7  1 Y 1 A ASN 39  ? OD1 ? A ASN 39  OD1 
8  1 Y 1 A ASN 39  ? ND2 ? A ASN 39  ND2 
9  1 Y 1 A SER 40  ? OG  ? A SER 40  OG  
10 1 Y 1 A SER 41  ? OG  ? A SER 41  OG  
11 1 Y 1 A LYS 43  ? CG  ? A LYS 43  CG  
12 1 Y 1 A LYS 43  ? CD  ? A LYS 43  CD  
13 1 Y 1 A LYS 43  ? CE  ? A LYS 43  CE  
14 1 Y 1 A LYS 43  ? NZ  ? A LYS 43  NZ  
15 1 Y 1 A GLU 49  ? CD  ? A GLU 49  CD  
16 1 Y 1 A GLU 49  ? OE1 ? A GLU 49  OE1 
17 1 Y 1 A GLU 49  ? OE2 ? A GLU 49  OE2 
18 1 Y 1 A GLU 53  ? CG  ? A GLU 53  CG  
19 1 Y 1 A GLU 53  ? CD  ? A GLU 53  CD  
20 1 Y 1 A GLU 53  ? OE1 ? A GLU 53  OE1 
21 1 Y 1 A GLU 53  ? OE2 ? A GLU 53  OE2 
22 1 Y 1 A GLU 97  ? CD  ? A GLU 97  CD  
23 1 Y 1 A GLU 97  ? OE1 ? A GLU 97  OE1 
24 1 Y 1 A GLU 97  ? OE2 ? A GLU 97  OE2 
25 1 Y 1 A LEU 127 ? CG  ? A LEU 127 CG  
26 1 Y 1 A LEU 127 ? CD1 ? A LEU 127 CD1 
27 1 Y 1 A LEU 127 ? CD2 ? A LEU 127 CD2 
28 1 Y 1 A ARG 137 ? CZ  ? A ARG 137 CZ  
29 1 Y 1 A ARG 137 ? NH1 ? A ARG 137 NH1 
30 1 Y 1 A ARG 137 ? NH2 ? A ARG 137 NH2 
31 1 Y 1 A GLU 144 ? OE1 ? A GLU 144 OE1 
32 1 Y 1 A GLU 144 ? OE2 ? A GLU 144 OE2 
33 1 Y 1 A GLN 160 ? OE1 ? A GLN 160 OE1 
34 1 Y 1 A GLN 160 ? NE2 ? A GLN 160 NE2 
# 
loop_
_software.name 
_software.classification 
_software.version 
_software.citation_id 
_software.pdbx_ordinal 
MOSFLM   'data reduction' .        ? 1 
SCALA    'data scaling'   .        ? 2 
TRUNCATE 'data reduction' .        ? 3 
REFMAC   refinement       4.0      ? 4 
CCP4     'data scaling'   '(SCALA' ? 5 
TRUNCATE 'data scaling'   .        ? 6 
# 
_cell.entry_id           1O6B 
_cell.length_a           115.420 
_cell.length_b           115.420 
_cell.length_c           115.420 
_cell.angle_alpha        90.00 
_cell.angle_beta         90.00 
_cell.angle_gamma        90.00 
_cell.Z_PDB              24 
_cell.pdbx_unique_axis   ? 
# 
_symmetry.entry_id                         1O6B 
_symmetry.space_group_name_H-M             'P 41 3 2' 
_symmetry.Int_Tables_number                213 
_symmetry.pdbx_full_space_group_name_H-M   ? 
_symmetry.cell_setting                     ? 
# 
_exptl.entry_id          1O6B 
_exptl.method            'X-RAY DIFFRACTION' 
_exptl.crystals_number   1 
# 
_exptl_crystal.id                    1 
_exptl_crystal.density_meas          ? 
_exptl_crystal.density_Matthews      3.31 
_exptl_crystal.density_percent_sol   62.83 
_exptl_crystal.description           ? 
# 
_diffrn.id                     1 
_diffrn.crystal_id             1 
_diffrn.ambient_temp           ? 
_diffrn.ambient_temp_details   ? 
# 
_diffrn_detector.diffrn_id              1 
_diffrn_detector.detector               CCD 
_diffrn_detector.type                   MARRESEARCH 
_diffrn_detector.pdbx_collection_date   ? 
_diffrn_detector.details                ? 
# 
_diffrn_radiation.diffrn_id                        1 
_diffrn_radiation.wavelength_id                    1 
_diffrn_radiation.pdbx_diffrn_protocol             'SINGLE WAVELENGTH' 
_diffrn_radiation.pdbx_scattering_type             x-ray 
_diffrn_radiation.pdbx_monochromatic_or_laue_m_l   ? 
_diffrn_radiation.monochromator                    ? 
# 
_diffrn_radiation_wavelength.id           1 
_diffrn_radiation_wavelength.wavelength   0.9798 
_diffrn_radiation_wavelength.wt           1.0 
# 
_diffrn_source.diffrn_id                   1 
_diffrn_source.source                      SYNCHROTRON 
_diffrn_source.type                        'APS BEAMLINE 32-ID' 
_diffrn_source.pdbx_wavelength_list        0.9798 
_diffrn_source.pdbx_synchrotron_site       APS 
_diffrn_source.pdbx_synchrotron_beamline   32-ID 
_diffrn_source.pdbx_wavelength             ? 
# 
_reflns.entry_id                     1O6B 
_reflns.number_all                   13895 
_reflns.number_obs                   13895 
_reflns.d_resolution_low             31.94 
_reflns.d_resolution_high            2.20 
_reflns.percent_possible_obs         100.0 
_reflns.pdbx_redundancy              42.2 
_reflns.pdbx_Rmerge_I_obs            0.096 
_reflns.pdbx_netI_over_sigmaI        38.4 
_reflns.pdbx_ordinal                 1 
_reflns.pdbx_diffrn_id               1 
_reflns.observed_criterion_sigma_I   ? 
_reflns.observed_criterion_sigma_F   ? 
_reflns.pdbx_Rsym_value              ? 
_reflns.B_iso_Wilson_estimate        ? 
# 
_reflns_shell.d_res_low              2.26 
_reflns_shell.d_res_high             2.20 
_reflns_shell.meanI_over_sigI_obs    10.3 
_reflns_shell.Rmerge_I_obs           0.077 
_reflns_shell.percent_possible_all   100.0 
_reflns_shell.pdbx_redundancy        43.2 
_reflns_shell.pdbx_ordinal           1 
_reflns_shell.pdbx_diffrn_id         1 
_reflns_shell.pdbx_Rsym_value        ? 
# 
_refine.entry_id                                 1O6B 
_refine.pdbx_method_to_determine_struct          'Se-Met SAD phasing' 
_refine.ls_d_res_low                             32.01 
_refine.ls_d_res_high                            2.20 
_refine.solvent_model_details                    'Babinet bulk solvent correction' 
_refine.solvent_model_param_ksol                 0.999 
_refine.solvent_model_param_bsol                 490.000 
_refine.aniso_B[1][1]                            0.0 
_refine.aniso_B[1][2]                            0.0 
_refine.aniso_B[1][3]                            0.0 
_refine.aniso_B[2][2]                            0.0 
_refine.aniso_B[2][3]                            0.0 
_refine.aniso_B[3][3]                            0.0 
_refine.B_iso_mean                               33.373 
_refine.ls_number_reflns_obs                     13895 
_refine.ls_number_reflns_R_free                  695 
_refine.ls_R_factor_R_work                       0.229 
_refine.ls_R_factor_R_free                       0.275 
_refine.pdbx_ls_sigma_F                          0 
_refine.pdbx_refine_id                           'X-RAY DIFFRACTION' 
_refine.pdbx_diffrn_id                           1 
_refine.pdbx_TLS_residual_ADP_flag               ? 
_refine.ls_number_reflns_all                     ? 
_refine.pdbx_ls_sigma_I                          ? 
_refine.pdbx_data_cutoff_high_absF               ? 
_refine.pdbx_data_cutoff_low_absF                ? 
_refine.pdbx_data_cutoff_high_rms_absF           ? 
_refine.ls_percent_reflns_obs                    ? 
_refine.ls_R_factor_obs                          ? 
_refine.ls_R_factor_all                          ? 
_refine.ls_R_factor_R_free_error                 ? 
_refine.ls_R_factor_R_free_error_details         ? 
_refine.ls_percent_reflns_R_free                 ? 
_refine.ls_number_parameters                     ? 
_refine.ls_number_restraints                     ? 
_refine.occupancy_min                            ? 
_refine.occupancy_max                            ? 
_refine.correlation_coeff_Fo_to_Fc               ? 
_refine.correlation_coeff_Fo_to_Fc_free          ? 
_refine.pdbx_solvent_vdw_probe_radii             ? 
_refine.pdbx_solvent_ion_probe_radii             ? 
_refine.pdbx_solvent_shrinkage_radii             ? 
_refine.pdbx_ls_cross_valid_method               ? 
_refine.details                                  ? 
_refine.pdbx_starting_model                      ? 
_refine.pdbx_isotropic_thermal_model             ? 
_refine.pdbx_stereochemistry_target_values       ? 
_refine.pdbx_stereochem_target_val_spec_case     ? 
_refine.pdbx_R_Free_selection_details            ? 
_refine.pdbx_overall_ESU_R                       ? 
_refine.pdbx_overall_ESU_R_Free                  ? 
_refine.overall_SU_ML                            ? 
_refine.pdbx_overall_phase_error                 ? 
_refine.overall_SU_B                             ? 
_refine.overall_SU_R_Cruickshank_DPI             ? 
_refine.pdbx_overall_SU_R_free_Cruickshank_DPI   ? 
_refine.pdbx_overall_SU_R_Blow_DPI               ? 
_refine.pdbx_overall_SU_R_free_Blow_DPI          ? 
# 
_refine_hist.pdbx_refine_id                   'X-RAY DIFFRACTION' 
_refine_hist.cycle_id                         LAST 
_refine_hist.pdbx_number_atoms_protein        1254 
_refine_hist.pdbx_number_atoms_nucleic_acid   0 
_refine_hist.pdbx_number_atoms_ligand         34 
_refine_hist.number_atoms_solvent             113 
_refine_hist.number_atoms_total               1401 
_refine_hist.d_res_high                       2.20 
_refine_hist.d_res_low                        32.01 
# 
loop_
_refine_ls_restr.type 
_refine_ls_restr.dev_ideal 
_refine_ls_restr.pdbx_refine_id 
_refine_ls_restr.dev_ideal_target 
_refine_ls_restr.weight 
_refine_ls_restr.number 
_refine_ls_restr.pdbx_restraint_function 
p_bond_d       0.015 'X-RAY DIFFRACTION' ? ? ? ? 
p_angle_d      2.260 'X-RAY DIFFRACTION' ? ? ? ? 
p_planar_tor   2.706 'X-RAY DIFFRACTION' ? ? ? ? 
p_chiral_restr 0.180 'X-RAY DIFFRACTION' ? ? ? ? 
p_plane_restr  0.012 'X-RAY DIFFRACTION' ? ? ? ? 
p_mcbond_it    1.859 'X-RAY DIFFRACTION' ? ? ? ? 
p_mcangle_it   3.284 'X-RAY DIFFRACTION' ? ? ? ? 
p_scbond_it    3.499 'X-RAY DIFFRACTION' ? ? ? ? 
p_scangle_it   4.648 'X-RAY DIFFRACTION' ? ? ? ? 
# 
_struct.entry_id                  1O6B 
_struct.title                     'Crystal structure of phosphopantetheine adenylyltransferase with ADP' 
_struct.pdbx_model_details        ? 
_struct.pdbx_CASP_flag            ? 
_struct.pdbx_model_type_details   ? 
# 
_struct_keywords.entry_id        1O6B 
_struct_keywords.pdbx_keywords   TRANSFERASE 
_struct_keywords.text            'structural genomics, Transferase' 
# 
loop_
_struct_asym.id 
_struct_asym.pdbx_blank_PDB_chainid_flag 
_struct_asym.pdbx_modified 
_struct_asym.entity_id 
_struct_asym.details 
A N N 1 ? 
B N N 2 ? 
C N N 3 ? 
D N N 4 ? 
E N N 5 ? 
F N N 6 ? 
# 
_struct_ref.id                         1 
_struct_ref.entity_id                  1 
_struct_ref.db_name                    UNP 
_struct_ref.db_code                    COAD_BACSU 
_struct_ref.pdbx_db_accession          O34797 
_struct_ref.pdbx_seq_one_letter_code   
;ASIAVCPGSFDPVTYGHLDIIKRGAHIFEQVYVCVLNNSSKKPLFSVEERCELLREVTKDIPNITVETSQGLLIDYAKRK
NAKAILRGLRAVSDFEYEMQGTSVNRVLDESIETFFMMTNNQYSFLSSSIVKEVARYNGSVSEFVPPEVELALQQKFRQG

;
_struct_ref.pdbx_align_begin           2 
_struct_ref.pdbx_db_isoform            ? 
# 
_struct_ref_seq.align_id                      1 
_struct_ref_seq.ref_id                        1 
_struct_ref_seq.pdbx_PDB_id_code              1O6B 
_struct_ref_seq.pdbx_strand_id                A 
_struct_ref_seq.seq_align_beg                 2 
_struct_ref_seq.pdbx_seq_align_beg_ins_code   ? 
_struct_ref_seq.seq_align_end                 161 
_struct_ref_seq.pdbx_seq_align_end_ins_code   ? 
_struct_ref_seq.pdbx_db_accession             O34797 
_struct_ref_seq.db_align_beg                  2 
_struct_ref_seq.pdbx_db_align_beg_ins_code    ? 
_struct_ref_seq.db_align_end                  161 
_struct_ref_seq.pdbx_db_align_end_ins_code    ? 
_struct_ref_seq.pdbx_auth_seq_align_beg       2 
_struct_ref_seq.pdbx_auth_seq_align_end       161 
# 
loop_
_struct_ref_seq_dif.align_id 
_struct_ref_seq_dif.pdbx_pdb_id_code 
_struct_ref_seq_dif.mon_id 
_struct_ref_seq_dif.pdbx_pdb_strand_id 
_struct_ref_seq_dif.seq_num 
_struct_ref_seq_dif.pdbx_pdb_ins_code 
_struct_ref_seq_dif.pdbx_seq_db_name 
_struct_ref_seq_dif.pdbx_seq_db_accession_code 
_struct_ref_seq_dif.db_mon_id 
_struct_ref_seq_dif.pdbx_seq_db_seq_num 
_struct_ref_seq_dif.details 
_struct_ref_seq_dif.pdbx_auth_seq_num 
_struct_ref_seq_dif.pdbx_ordinal 
1 1O6B MSE A 1   ? UNP O34797 ?   ?   'cloning artifact' 1   1  
1 1O6B ARG A 79  ? UNP O34797 LYS 79  variant            79  2  
1 1O6B MSE A 100 ? UNP O34797 MET 100 'modified residue' 100 3  
1 1O6B MSE A 118 ? UNP O34797 MET 118 'modified residue' 118 4  
1 1O6B MSE A 119 ? UNP O34797 MET 119 'modified residue' 119 5  
1 1O6B ALA A 120 ? UNP O34797 THR 120 variant            120 6  
1 1O6B ASP A 139 ? UNP O34797 ASN 139 variant            139 7  
1 1O6B GLY A 162 ? UNP O34797 ?   ?   'cloning artifact' 162 8  
1 1O6B SER A 163 ? UNP O34797 ?   ?   'cloning artifact' 163 9  
1 1O6B HIS A 164 ? UNP O34797 ?   ?   'cloning artifact' 164 10 
1 1O6B HIS A 165 ? UNP O34797 ?   ?   'cloning artifact' 165 11 
1 1O6B HIS A 166 ? UNP O34797 ?   ?   'cloning artifact' 166 12 
1 1O6B HIS A 167 ? UNP O34797 ?   ?   'cloning artifact' 167 13 
1 1O6B HIS A 168 ? UNP O34797 ?   ?   'cloning artifact' 168 14 
1 1O6B HIS A 169 ? UNP O34797 ?   ?   'cloning artifact' 169 15 
# 
loop_
_pdbx_struct_assembly.id 
_pdbx_struct_assembly.details 
_pdbx_struct_assembly.method_details 
_pdbx_struct_assembly.oligomeric_details 
_pdbx_struct_assembly.oligomeric_count 
1 author_defined_assembly   ?        monomeric 1 
2 software_defined_assembly PISA,PQS hexameric 6 
# 
loop_
_pdbx_struct_assembly_prop.biol_id 
_pdbx_struct_assembly_prop.type 
_pdbx_struct_assembly_prop.value 
_pdbx_struct_assembly_prop.details 
2 'ABSA (A^2)' 20190 ? 
2 MORE         -198  ? 
2 'SSA (A^2)'  39460 ? 
# 
loop_
_pdbx_struct_assembly_gen.assembly_id 
_pdbx_struct_assembly_gen.oper_expression 
_pdbx_struct_assembly_gen.asym_id_list 
1 1           A,B,C,D,E,F 
2 1,2,3,4,5,6 A,B,C,D,E,F 
# 
loop_
_pdbx_struct_oper_list.id 
_pdbx_struct_oper_list.type 
_pdbx_struct_oper_list.name 
_pdbx_struct_oper_list.symmetry_operation 
_pdbx_struct_oper_list.matrix[1][1] 
_pdbx_struct_oper_list.matrix[1][2] 
_pdbx_struct_oper_list.matrix[1][3] 
_pdbx_struct_oper_list.vector[1] 
_pdbx_struct_oper_list.matrix[2][1] 
_pdbx_struct_oper_list.matrix[2][2] 
_pdbx_struct_oper_list.matrix[2][3] 
_pdbx_struct_oper_list.vector[2] 
_pdbx_struct_oper_list.matrix[3][1] 
_pdbx_struct_oper_list.matrix[3][2] 
_pdbx_struct_oper_list.matrix[3][3] 
_pdbx_struct_oper_list.vector[3] 
1 'identity operation'         1_555  x,y,z                1.0000000000  0.0000000000  0.0000000000  0.0000000000   0.0000000000  1.0000000000  0.0000000000  0.0000000000   0.0000000000  0.0000000000  1.0000000000  0.0000000000  
2 'crystal symmetry operation' 8_746  -z+2,x-1/2,-y+3/2    -0.2772340987 0.4809812095  0.8317441498  -31.4298233704 0.5836323980  0.7719654655  -0.2518780342 12.3920998093  -0.7632263612 0.4156036529  -0.4947313667 11.8244881411 
3 'crystal symmetry operation' 11_567 y+1/2,-z+3/2,-x+2    -0.2772340987 0.5836323980  -0.7632263612 -6.9210886261  0.4809812095  0.7719654655  0.4156036529  0.6365808954   0.8317441498  -0.2518780342 -0.4947313667 35.1128146347 
4 'crystal symmetry operation' 14_666 -y+7/4,-x+7/4,-z+7/4 -0.2693197375 -0.3631883044 0.8919423381  -38.6893847788 -0.3631883044 -0.8194754242 -0.4433444313 -13.9031358632 0.8919423381  -0.4433444313 0.0887951617  26.0332002342 
5 'crystal symmetry operation' 18_745 -x+9/4,z-1/4,y+1/4   -0.8180577515 -0.0392120677 -0.5737978119 -24.1786171165 -0.0392120677 -0.9915490423 0.1236645079  -17.8855338234 -0.5737978119 0.1236645079  0.8096067938  -6.4444010152 
6 'crystal symmetry operation' 22_564 z+1/4,-y+5/4,x-1/4   0.6418456865  -0.6622132354 -0.3866623147 -5.7379917594  -0.6622132354 -0.7329064645 0.1559543047  -27.4782106537 -0.3866623147 0.1559543047  -0.9089392220 22.6956117206 
# 
_struct_biol.id   1 
# 
loop_
_struct_conf.conf_type_id 
_struct_conf.id 
_struct_conf.pdbx_PDB_helix_id 
_struct_conf.beg_label_comp_id 
_struct_conf.beg_label_asym_id 
_struct_conf.beg_label_seq_id 
_struct_conf.pdbx_beg_PDB_ins_code 
_struct_conf.end_label_comp_id 
_struct_conf.end_label_asym_id 
_struct_conf.end_label_seq_id 
_struct_conf.pdbx_end_PDB_ins_code 
_struct_conf.beg_auth_comp_id 
_struct_conf.beg_auth_asym_id 
_struct_conf.beg_auth_seq_id 
_struct_conf.end_auth_comp_id 
_struct_conf.end_auth_asym_id 
_struct_conf.end_auth_seq_id 
_struct_conf.pdbx_PDB_helix_class 
_struct_conf.details 
_struct_conf.pdbx_PDB_helix_length 
HELX_P HELX_P1 1 THR A 15  ? PHE A 29  ? THR A 15  PHE A 29  1 ? 15 
HELX_P HELX_P2 2 SER A 47  ? LYS A 60  ? SER A 47  LYS A 60  1 ? 14 
HELX_P HELX_P3 3 LEU A 73  ? LYS A 81  ? LEU A 73  LYS A 81  1 ? 9  
HELX_P HELX_P4 4 ALA A 92  ? SER A 94  ? ALA A 92  SER A 94  5 ? 3  
HELX_P HELX_P5 5 ASP A 95  ? ASP A 110 ? ASP A 95  ASP A 110 1 ? 16 
HELX_P HELX_P6 6 SER A 128 ? TYR A 138 ? SER A 128 TYR A 138 1 ? 11 
HELX_P HELX_P7 7 PRO A 147 ? GLN A 160 ? PRO A 147 GLN A 160 1 ? 14 
# 
_struct_conf_type.id          HELX_P 
_struct_conf_type.criteria    ? 
_struct_conf_type.reference   ? 
# 
loop_
_struct_conn.id 
_struct_conn.conn_type_id 
_struct_conn.pdbx_leaving_atom_flag 
_struct_conn.pdbx_PDB_id 
_struct_conn.ptnr1_label_asym_id 
_struct_conn.ptnr1_label_comp_id 
_struct_conn.ptnr1_label_seq_id 
_struct_conn.ptnr1_label_atom_id 
_struct_conn.pdbx_ptnr1_label_alt_id 
_struct_conn.pdbx_ptnr1_PDB_ins_code 
_struct_conn.pdbx_ptnr1_standard_comp_id 
_struct_conn.ptnr1_symmetry 
_struct_conn.ptnr2_label_asym_id 
_struct_conn.ptnr2_label_comp_id 
_struct_conn.ptnr2_label_seq_id 
_struct_conn.ptnr2_label_atom_id 
_struct_conn.pdbx_ptnr2_label_alt_id 
_struct_conn.pdbx_ptnr2_PDB_ins_code 
_struct_conn.ptnr1_auth_asym_id 
_struct_conn.ptnr1_auth_comp_id 
_struct_conn.ptnr1_auth_seq_id 
_struct_conn.ptnr2_auth_asym_id 
_struct_conn.ptnr2_auth_comp_id 
_struct_conn.ptnr2_auth_seq_id 
_struct_conn.ptnr2_symmetry 
_struct_conn.pdbx_ptnr3_label_atom_id 
_struct_conn.pdbx_ptnr3_label_seq_id 
_struct_conn.pdbx_ptnr3_label_comp_id 
_struct_conn.pdbx_ptnr3_label_asym_id 
_struct_conn.pdbx_ptnr3_label_alt_id 
_struct_conn.pdbx_ptnr3_PDB_ins_code 
_struct_conn.details 
_struct_conn.pdbx_dist_value 
_struct_conn.pdbx_value_order 
_struct_conn.pdbx_role 
covale1 covale both ? A GLU 99  C   ? ? ? 1_555  A MSE 100 N  ? ? A GLU 99  A MSE 100 1_555  ? ? ? ? ? ? ? 1.325 ? ? 
covale2 covale both ? A MSE 100 C   ? ? ? 1_555  A GLN 101 N  ? ? A MSE 100 A GLN 101 1_555  ? ? ? ? ? ? ? 1.327 ? ? 
covale3 covale both ? A PHE 117 C   ? ? ? 1_555  A MSE 118 N  ? ? A PHE 117 A MSE 118 1_555  ? ? ? ? ? ? ? 1.332 ? ? 
covale4 covale both ? A MSE 118 C   ? ? ? 1_555  A MSE 119 N  ? ? A MSE 118 A MSE 119 1_555  ? ? ? ? ? ? ? 1.311 ? ? 
covale5 covale both ? A MSE 119 C   ? ? ? 1_555  A ALA 120 N  ? ? A MSE 119 A ALA 120 1_555  ? ? ? ? ? ? ? 1.315 ? ? 
metalc1 metalc ?    ? A ASP 139 OD1 ? ? ? 13_547 C MG  .   MG ? ? A ASP 139 A MG  171 1_555  ? ? ? ? ? ? ? 1.809 ? ? 
metalc2 metalc ?    ? C MG  .   MG  ? ? ? 1_555  F HOH .   O  ? ? A MG  171 A HOH 174 1_555  ? ? ? ? ? ? ? 2.291 ? ? 
metalc3 metalc ?    ? C MG  .   MG  ? ? ? 1_555  F HOH .   O  ? ? A MG  171 A HOH 174 13_547 ? ? ? ? ? ? ? 2.377 ? ? 
metalc4 metalc ?    ? C MG  .   MG  ? ? ? 1_555  F HOH .   O  ? ? A MG  171 A HOH 218 1_555  ? ? ? ? ? ? ? 2.097 ? ? 
# 
loop_
_struct_conn_type.id 
_struct_conn_type.criteria 
_struct_conn_type.reference 
covale ? ? 
metalc ? ? 
# 
loop_
_pdbx_struct_conn_angle.id 
_pdbx_struct_conn_angle.ptnr1_label_atom_id 
_pdbx_struct_conn_angle.ptnr1_label_alt_id 
_pdbx_struct_conn_angle.ptnr1_label_asym_id 
_pdbx_struct_conn_angle.ptnr1_label_comp_id 
_pdbx_struct_conn_angle.ptnr1_label_seq_id 
_pdbx_struct_conn_angle.ptnr1_auth_atom_id 
_pdbx_struct_conn_angle.ptnr1_auth_asym_id 
_pdbx_struct_conn_angle.ptnr1_auth_comp_id 
_pdbx_struct_conn_angle.ptnr1_auth_seq_id 
_pdbx_struct_conn_angle.ptnr1_PDB_ins_code 
_pdbx_struct_conn_angle.ptnr1_symmetry 
_pdbx_struct_conn_angle.ptnr2_label_atom_id 
_pdbx_struct_conn_angle.ptnr2_label_alt_id 
_pdbx_struct_conn_angle.ptnr2_label_asym_id 
_pdbx_struct_conn_angle.ptnr2_label_comp_id 
_pdbx_struct_conn_angle.ptnr2_label_seq_id 
_pdbx_struct_conn_angle.ptnr2_auth_atom_id 
_pdbx_struct_conn_angle.ptnr2_auth_asym_id 
_pdbx_struct_conn_angle.ptnr2_auth_comp_id 
_pdbx_struct_conn_angle.ptnr2_auth_seq_id 
_pdbx_struct_conn_angle.ptnr2_PDB_ins_code 
_pdbx_struct_conn_angle.ptnr2_symmetry 
_pdbx_struct_conn_angle.ptnr3_label_atom_id 
_pdbx_struct_conn_angle.ptnr3_label_alt_id 
_pdbx_struct_conn_angle.ptnr3_label_asym_id 
_pdbx_struct_conn_angle.ptnr3_label_comp_id 
_pdbx_struct_conn_angle.ptnr3_label_seq_id 
_pdbx_struct_conn_angle.ptnr3_auth_atom_id 
_pdbx_struct_conn_angle.ptnr3_auth_asym_id 
_pdbx_struct_conn_angle.ptnr3_auth_comp_id 
_pdbx_struct_conn_angle.ptnr3_auth_seq_id 
_pdbx_struct_conn_angle.ptnr3_PDB_ins_code 
_pdbx_struct_conn_angle.ptnr3_symmetry 
_pdbx_struct_conn_angle.value 
_pdbx_struct_conn_angle.value_esd 
1 OD1 ? A ASP 139 ? A ASP 139 ? 13_547 MG ? C MG . ? A MG 171 ? 1_555 O ? F HOH . ? A HOH 174 ? 1_555  94.4  ? 
2 OD1 ? A ASP 139 ? A ASP 139 ? 13_547 MG ? C MG . ? A MG 171 ? 1_555 O ? F HOH . ? A HOH 174 ? 13_547 103.7 ? 
3 O   ? F HOH .   ? A HOH 174 ? 1_555  MG ? C MG . ? A MG 171 ? 1_555 O ? F HOH . ? A HOH 174 ? 13_547 152.8 ? 
4 OD1 ? A ASP 139 ? A ASP 139 ? 13_547 MG ? C MG . ? A MG 171 ? 1_555 O ? F HOH . ? A HOH 218 ? 1_555  116.6 ? 
5 O   ? F HOH .   ? A HOH 174 ? 1_555  MG ? C MG . ? A MG 171 ? 1_555 O ? F HOH . ? A HOH 218 ? 1_555  101.6 ? 
6 O   ? F HOH .   ? A HOH 174 ? 13_547 MG ? C MG . ? A MG 171 ? 1_555 O ? F HOH . ? A HOH 218 ? 1_555  88.4  ? 
# 
loop_
_pdbx_modification_feature.ordinal 
_pdbx_modification_feature.label_comp_id 
_pdbx_modification_feature.label_asym_id 
_pdbx_modification_feature.label_seq_id 
_pdbx_modification_feature.label_alt_id 
_pdbx_modification_feature.modified_residue_label_comp_id 
_pdbx_modification_feature.modified_residue_label_asym_id 
_pdbx_modification_feature.modified_residue_label_seq_id 
_pdbx_modification_feature.modified_residue_label_alt_id 
_pdbx_modification_feature.auth_comp_id 
_pdbx_modification_feature.auth_asym_id 
_pdbx_modification_feature.auth_seq_id 
_pdbx_modification_feature.PDB_ins_code 
_pdbx_modification_feature.symmetry 
_pdbx_modification_feature.modified_residue_auth_comp_id 
_pdbx_modification_feature.modified_residue_auth_asym_id 
_pdbx_modification_feature.modified_residue_auth_seq_id 
_pdbx_modification_feature.modified_residue_PDB_ins_code 
_pdbx_modification_feature.modified_residue_symmetry 
_pdbx_modification_feature.comp_id_linking_atom 
_pdbx_modification_feature.modified_residue_id_linking_atom 
_pdbx_modification_feature.modified_residue_id 
_pdbx_modification_feature.ref_pcm_id 
_pdbx_modification_feature.ref_comp_id 
_pdbx_modification_feature.type 
_pdbx_modification_feature.category 
1 MSE A 100 ? . . . . MSE A 100 ? 1_555 . . . . . . . MET 1 MSE Selenomethionine 'Named protein modification' 
2 MSE A 118 ? . . . . MSE A 118 ? 1_555 . . . . . . . MET 1 MSE Selenomethionine 'Named protein modification' 
3 MSE A 119 ? . . . . MSE A 119 ? 1_555 . . . . . . . MET 1 MSE Selenomethionine 'Named protein modification' 
# 
_struct_mon_prot_cis.pdbx_id                1 
_struct_mon_prot_cis.label_comp_id          ASP 
_struct_mon_prot_cis.label_seq_id           12 
_struct_mon_prot_cis.label_asym_id          A 
_struct_mon_prot_cis.label_alt_id           . 
_struct_mon_prot_cis.pdbx_PDB_ins_code      ? 
_struct_mon_prot_cis.auth_comp_id           ASP 
_struct_mon_prot_cis.auth_seq_id            12 
_struct_mon_prot_cis.auth_asym_id           A 
_struct_mon_prot_cis.pdbx_label_comp_id_2   PRO 
_struct_mon_prot_cis.pdbx_label_seq_id_2    13 
_struct_mon_prot_cis.pdbx_label_asym_id_2   A 
_struct_mon_prot_cis.pdbx_PDB_ins_code_2    ? 
_struct_mon_prot_cis.pdbx_auth_comp_id_2    PRO 
_struct_mon_prot_cis.pdbx_auth_seq_id_2     13 
_struct_mon_prot_cis.pdbx_auth_asym_id_2    A 
_struct_mon_prot_cis.pdbx_PDB_model_num     1 
_struct_mon_prot_cis.pdbx_omega_angle       -0.50 
# 
_struct_sheet.id               A 
_struct_sheet.type             ? 
_struct_sheet.number_strands   5 
_struct_sheet.details          ? 
# 
loop_
_struct_sheet_order.sheet_id 
_struct_sheet_order.range_id_1 
_struct_sheet_order.range_id_2 
_struct_sheet_order.offset 
_struct_sheet_order.sense 
A 1 2 ? parallel 
A 2 3 ? parallel 
A 3 4 ? parallel 
A 4 5 ? parallel 
# 
loop_
_struct_sheet_range.sheet_id 
_struct_sheet_range.id 
_struct_sheet_range.beg_label_comp_id 
_struct_sheet_range.beg_label_asym_id 
_struct_sheet_range.beg_label_seq_id 
_struct_sheet_range.pdbx_beg_PDB_ins_code 
_struct_sheet_range.end_label_comp_id 
_struct_sheet_range.end_label_asym_id 
_struct_sheet_range.end_label_seq_id 
_struct_sheet_range.pdbx_end_PDB_ins_code 
_struct_sheet_range.beg_auth_comp_id 
_struct_sheet_range.beg_auth_asym_id 
_struct_sheet_range.beg_auth_seq_id 
_struct_sheet_range.end_auth_comp_id 
_struct_sheet_range.end_auth_asym_id 
_struct_sheet_range.end_auth_seq_id 
A 1 ILE A 65  ? THR A 69  ? ILE A 65  THR A 69  
A 2 GLN A 31  ? VAL A 36  ? GLN A 31  VAL A 36  
A 3 ILE A 4   ? GLY A 9   ? ILE A 4   GLY A 9   
A 4 ALA A 85  ? LEU A 90  ? ALA A 85  LEU A 90  
A 5 GLU A 114 ? MSE A 119 ? GLU A 114 MSE A 119 
# 
loop_
_pdbx_struct_sheet_hbond.sheet_id 
_pdbx_struct_sheet_hbond.range_id_1 
_pdbx_struct_sheet_hbond.range_id_2 
_pdbx_struct_sheet_hbond.range_1_label_atom_id 
_pdbx_struct_sheet_hbond.range_1_label_comp_id 
_pdbx_struct_sheet_hbond.range_1_label_asym_id 
_pdbx_struct_sheet_hbond.range_1_label_seq_id 
_pdbx_struct_sheet_hbond.range_1_PDB_ins_code 
_pdbx_struct_sheet_hbond.range_1_auth_atom_id 
_pdbx_struct_sheet_hbond.range_1_auth_comp_id 
_pdbx_struct_sheet_hbond.range_1_auth_asym_id 
_pdbx_struct_sheet_hbond.range_1_auth_seq_id 
_pdbx_struct_sheet_hbond.range_2_label_atom_id 
_pdbx_struct_sheet_hbond.range_2_label_comp_id 
_pdbx_struct_sheet_hbond.range_2_label_asym_id 
_pdbx_struct_sheet_hbond.range_2_label_seq_id 
_pdbx_struct_sheet_hbond.range_2_PDB_ins_code 
_pdbx_struct_sheet_hbond.range_2_auth_atom_id 
_pdbx_struct_sheet_hbond.range_2_auth_comp_id 
_pdbx_struct_sheet_hbond.range_2_auth_asym_id 
_pdbx_struct_sheet_hbond.range_2_auth_seq_id 
A 1 2 O GLU A 68 ? O GLU A 68 N VAL A 34  ? N VAL A 34  
A 2 3 O TYR A 33 ? O TYR A 33 N CYS A 7   ? N CYS A 7   
A 3 4 N VAL A 6  ? N VAL A 6  O LEU A 87  ? O LEU A 87  
A 4 5 N ILE A 86 ? N ILE A 86 O PHE A 116 ? O PHE A 116 
# 
loop_
_struct_site.id 
_struct_site.pdbx_evidence_code 
_struct_site.pdbx_auth_asym_id 
_struct_site.pdbx_auth_comp_id 
_struct_site.pdbx_auth_seq_id 
_struct_site.pdbx_auth_ins_code 
_struct_site.pdbx_num_residues 
_struct_site.details 
AC1 Software A PO4 170 ? 7  'BINDING SITE FOR RESIDUE PO4 A 170' 
AC2 Software A MG  171 ? 6  'BINDING SITE FOR RESIDUE MG A 171'  
AC3 Software A CL  172 ? 4  'BINDING SITE FOR RESIDUE CL A 172'  
AC4 Software A ADP 173 ? 14 'BINDING SITE FOR RESIDUE ADP A 173' 
# 
loop_
_struct_site_gen.id 
_struct_site_gen.site_id 
_struct_site_gen.pdbx_num_res 
_struct_site_gen.label_comp_id 
_struct_site_gen.label_asym_id 
_struct_site_gen.label_seq_id 
_struct_site_gen.pdbx_auth_ins_code 
_struct_site_gen.auth_comp_id 
_struct_site_gen.auth_asym_id 
_struct_site_gen.auth_seq_id 
_struct_site_gen.label_atom_id 
_struct_site_gen.label_alt_id 
_struct_site_gen.symmetry 
_struct_site_gen.details 
1  AC1 7  HIS A 18  ? HIS A 18  . ? 1_555  ? 
2  AC1 7  ARG A 91  ? ARG A 91  . ? 1_555  ? 
3  AC1 7  SER A 128 ? SER A 128 . ? 1_555  ? 
4  AC1 7  SER A 129 ? SER A 129 . ? 1_555  ? 
5  AC1 7  ADP E .   ? ADP A 173 . ? 1_555  ? 
6  AC1 7  HOH F .   ? HOH A 226 . ? 1_555  ? 
7  AC1 7  HOH F .   ? HOH A 284 . ? 1_555  ? 
8  AC2 6  ASP A 139 ? ASP A 139 . ? 13_547 ? 
9  AC2 6  ASP A 139 ? ASP A 139 . ? 1_555  ? 
10 AC2 6  HOH F .   ? HOH A 174 . ? 13_547 ? 
11 AC2 6  HOH F .   ? HOH A 174 . ? 1_555  ? 
12 AC2 6  HOH F .   ? HOH A 218 . ? 1_555  ? 
13 AC2 6  HOH F .   ? HOH A 218 . ? 13_547 ? 
14 AC3 4  SER A 3   ? SER A 3   . ? 1_555  ? 
15 AC3 4  SER A 3   ? SER A 3   . ? 18_745 ? 
16 AC3 4  LYS A 84  ? LYS A 84  . ? 18_745 ? 
17 AC3 4  LYS A 84  ? LYS A 84  . ? 1_555  ? 
18 AC4 14 GLY A 9   ? GLY A 9   . ? 1_555  ? 
19 AC4 14 SER A 10  ? SER A 10  . ? 1_555  ? 
20 AC4 14 PHE A 11  ? PHE A 11  . ? 1_555  ? 
21 AC4 14 GLY A 17  ? GLY A 17  . ? 1_555  ? 
22 AC4 14 HIS A 18  ? HIS A 18  . ? 1_555  ? 
23 AC4 14 ILE A 21  ? ILE A 21  . ? 1_555  ? 
24 AC4 14 ARG A 88  ? ARG A 88  . ? 1_555  ? 
25 AC4 14 GLY A 89  ? GLY A 89  . ? 1_555  ? 
26 AC4 14 ARG A 91  ? ARG A 91  . ? 1_555  ? 
27 AC4 14 ALA A 120 ? ALA A 120 . ? 1_555  ? 
28 AC4 14 TYR A 124 ? TYR A 124 . ? 1_555  ? 
29 AC4 14 LEU A 127 ? LEU A 127 . ? 1_555  ? 
30 AC4 14 PO4 B .   ? PO4 A 170 . ? 1_555  ? 
31 AC4 14 HOH F .   ? HOH A 243 . ? 1_555  ? 
# 
_pdbx_entry_details.entry_id                   1O6B 
_pdbx_entry_details.compound_details           ? 
_pdbx_entry_details.source_details             ? 
_pdbx_entry_details.nonpolymer_details         ? 
_pdbx_entry_details.sequence_details           ? 
_pdbx_entry_details.has_ligand_of_interest     ? 
_pdbx_entry_details.has_protein_modification   Y 
# 
loop_
_pdbx_validate_rmsd_angle.id 
_pdbx_validate_rmsd_angle.PDB_model_num 
_pdbx_validate_rmsd_angle.auth_atom_id_1 
_pdbx_validate_rmsd_angle.auth_asym_id_1 
_pdbx_validate_rmsd_angle.auth_comp_id_1 
_pdbx_validate_rmsd_angle.auth_seq_id_1 
_pdbx_validate_rmsd_angle.PDB_ins_code_1 
_pdbx_validate_rmsd_angle.label_alt_id_1 
_pdbx_validate_rmsd_angle.auth_atom_id_2 
_pdbx_validate_rmsd_angle.auth_asym_id_2 
_pdbx_validate_rmsd_angle.auth_comp_id_2 
_pdbx_validate_rmsd_angle.auth_seq_id_2 
_pdbx_validate_rmsd_angle.PDB_ins_code_2 
_pdbx_validate_rmsd_angle.label_alt_id_2 
_pdbx_validate_rmsd_angle.auth_atom_id_3 
_pdbx_validate_rmsd_angle.auth_asym_id_3 
_pdbx_validate_rmsd_angle.auth_comp_id_3 
_pdbx_validate_rmsd_angle.auth_seq_id_3 
_pdbx_validate_rmsd_angle.PDB_ins_code_3 
_pdbx_validate_rmsd_angle.label_alt_id_3 
_pdbx_validate_rmsd_angle.angle_value 
_pdbx_validate_rmsd_angle.angle_target_value 
_pdbx_validate_rmsd_angle.angle_deviation 
_pdbx_validate_rmsd_angle.angle_standard_deviation 
_pdbx_validate_rmsd_angle.linker_flag 
1 1 NE A ARG 88  ? ? CZ A ARG 88  ? ? NH2 A ARG 88  ? ? 124.24 120.30 3.94 0.50 N 
2 1 NE A ARG 107 ? ? CZ A ARG 107 ? ? NH1 A ARG 107 ? ? 123.67 120.30 3.37 0.50 N 
# 
loop_
_pdbx_validate_torsion.id 
_pdbx_validate_torsion.PDB_model_num 
_pdbx_validate_torsion.auth_comp_id 
_pdbx_validate_torsion.auth_asym_id 
_pdbx_validate_torsion.auth_seq_id 
_pdbx_validate_torsion.PDB_ins_code 
_pdbx_validate_torsion.label_alt_id 
_pdbx_validate_torsion.phi 
_pdbx_validate_torsion.psi 
1 1 SER A 3   ? ? -100.80 74.70   
2 1 PHE A 11  ? ? 38.95   70.52   
3 1 ASN A 39  ? ? -37.81  149.36  
4 1 SER A 40  ? ? 179.65  150.95  
5 1 ASP A 110 ? ? -160.96 95.20   
6 1 ASN A 122 ? ? -155.81 -158.83 
7 1 SER A 163 ? ? -67.23  21.69   
# 
loop_
_pdbx_struct_mod_residue.id 
_pdbx_struct_mod_residue.label_asym_id 
_pdbx_struct_mod_residue.label_comp_id 
_pdbx_struct_mod_residue.label_seq_id 
_pdbx_struct_mod_residue.auth_asym_id 
_pdbx_struct_mod_residue.auth_comp_id 
_pdbx_struct_mod_residue.auth_seq_id 
_pdbx_struct_mod_residue.PDB_ins_code 
_pdbx_struct_mod_residue.parent_comp_id 
_pdbx_struct_mod_residue.details 
1 A MSE 100 A MSE 100 ? MET SELENOMETHIONINE 
2 A MSE 118 A MSE 118 ? MET SELENOMETHIONINE 
3 A MSE 119 A MSE 119 ? MET SELENOMETHIONINE 
# 
_pdbx_struct_special_symmetry.id              1 
_pdbx_struct_special_symmetry.PDB_model_num   1 
_pdbx_struct_special_symmetry.auth_asym_id    A 
_pdbx_struct_special_symmetry.auth_comp_id    CL 
_pdbx_struct_special_symmetry.auth_seq_id     172 
_pdbx_struct_special_symmetry.PDB_ins_code    ? 
_pdbx_struct_special_symmetry.label_asym_id   D 
_pdbx_struct_special_symmetry.label_comp_id   CL 
_pdbx_struct_special_symmetry.label_seq_id    . 
# 
_refine_B_iso.class            all 
_refine_B_iso.treatment        isotropic 
_refine_B_iso.pdbx_refine_id   'X-RAY DIFFRACTION' 
_refine_B_iso.details          ? 
# 
loop_
_pdbx_unobs_or_zero_occ_residues.id 
_pdbx_unobs_or_zero_occ_residues.PDB_model_num 
_pdbx_unobs_or_zero_occ_residues.polymer_flag 
_pdbx_unobs_or_zero_occ_residues.occupancy_flag 
_pdbx_unobs_or_zero_occ_residues.auth_asym_id 
_pdbx_unobs_or_zero_occ_residues.auth_comp_id 
_pdbx_unobs_or_zero_occ_residues.auth_seq_id 
_pdbx_unobs_or_zero_occ_residues.PDB_ins_code 
_pdbx_unobs_or_zero_occ_residues.label_asym_id 
_pdbx_unobs_or_zero_occ_residues.label_comp_id 
_pdbx_unobs_or_zero_occ_residues.label_seq_id 
1 1 Y 1 A MSE 1   ? A MSE 1   
2 1 Y 1 A HIS 165 ? A HIS 165 
3 1 Y 1 A HIS 166 ? A HIS 166 
4 1 Y 1 A HIS 167 ? A HIS 167 
5 1 Y 1 A HIS 168 ? A HIS 168 
6 1 Y 1 A HIS 169 ? A HIS 169 
# 
loop_
_chem_comp_atom.comp_id 
_chem_comp_atom.atom_id 
_chem_comp_atom.type_symbol 
_chem_comp_atom.pdbx_aromatic_flag 
_chem_comp_atom.pdbx_stereo_config 
_chem_comp_atom.pdbx_ordinal 
ADP PB     P  N N 1   
ADP O1B    O  N N 2   
ADP O2B    O  N N 3   
ADP O3B    O  N N 4   
ADP PA     P  N S 5   
ADP O1A    O  N N 6   
ADP O2A    O  N N 7   
ADP O3A    O  N N 8   
ADP "O5'"  O  N N 9   
ADP "C5'"  C  N N 10  
ADP "C4'"  C  N R 11  
ADP "O4'"  O  N N 12  
ADP "C3'"  C  N S 13  
ADP "O3'"  O  N N 14  
ADP "C2'"  C  N R 15  
ADP "O2'"  O  N N 16  
ADP "C1'"  C  N R 17  
ADP N9     N  Y N 18  
ADP C8     C  Y N 19  
ADP N7     N  Y N 20  
ADP C5     C  Y N 21  
ADP C6     C  Y N 22  
ADP N6     N  N N 23  
ADP N1     N  Y N 24  
ADP C2     C  Y N 25  
ADP N3     N  Y N 26  
ADP C4     C  Y N 27  
ADP HOB2   H  N N 28  
ADP HOB3   H  N N 29  
ADP HOA2   H  N N 30  
ADP "H5'1" H  N N 31  
ADP "H5'2" H  N N 32  
ADP "H4'"  H  N N 33  
ADP "H3'"  H  N N 34  
ADP "HO3'" H  N N 35  
ADP "H2'"  H  N N 36  
ADP "HO2'" H  N N 37  
ADP "H1'"  H  N N 38  
ADP H8     H  N N 39  
ADP HN61   H  N N 40  
ADP HN62   H  N N 41  
ADP H2     H  N N 42  
ALA N      N  N N 43  
ALA CA     C  N S 44  
ALA C      C  N N 45  
ALA O      O  N N 46  
ALA CB     C  N N 47  
ALA OXT    O  N N 48  
ALA H      H  N N 49  
ALA H2     H  N N 50  
ALA HA     H  N N 51  
ALA HB1    H  N N 52  
ALA HB2    H  N N 53  
ALA HB3    H  N N 54  
ALA HXT    H  N N 55  
ARG N      N  N N 56  
ARG CA     C  N S 57  
ARG C      C  N N 58  
ARG O      O  N N 59  
ARG CB     C  N N 60  
ARG CG     C  N N 61  
ARG CD     C  N N 62  
ARG NE     N  N N 63  
ARG CZ     C  N N 64  
ARG NH1    N  N N 65  
ARG NH2    N  N N 66  
ARG OXT    O  N N 67  
ARG H      H  N N 68  
ARG H2     H  N N 69  
ARG HA     H  N N 70  
ARG HB2    H  N N 71  
ARG HB3    H  N N 72  
ARG HG2    H  N N 73  
ARG HG3    H  N N 74  
ARG HD2    H  N N 75  
ARG HD3    H  N N 76  
ARG HE     H  N N 77  
ARG HH11   H  N N 78  
ARG HH12   H  N N 79  
ARG HH21   H  N N 80  
ARG HH22   H  N N 81  
ARG HXT    H  N N 82  
ASN N      N  N N 83  
ASN CA     C  N S 84  
ASN C      C  N N 85  
ASN O      O  N N 86  
ASN CB     C  N N 87  
ASN CG     C  N N 88  
ASN OD1    O  N N 89  
ASN ND2    N  N N 90  
ASN OXT    O  N N 91  
ASN H      H  N N 92  
ASN H2     H  N N 93  
ASN HA     H  N N 94  
ASN HB2    H  N N 95  
ASN HB3    H  N N 96  
ASN HD21   H  N N 97  
ASN HD22   H  N N 98  
ASN HXT    H  N N 99  
ASP N      N  N N 100 
ASP CA     C  N S 101 
ASP C      C  N N 102 
ASP O      O  N N 103 
ASP CB     C  N N 104 
ASP CG     C  N N 105 
ASP OD1    O  N N 106 
ASP OD2    O  N N 107 
ASP OXT    O  N N 108 
ASP H      H  N N 109 
ASP H2     H  N N 110 
ASP HA     H  N N 111 
ASP HB2    H  N N 112 
ASP HB3    H  N N 113 
ASP HD2    H  N N 114 
ASP HXT    H  N N 115 
CL  CL     CL N N 116 
CYS N      N  N N 117 
CYS CA     C  N R 118 
CYS C      C  N N 119 
CYS O      O  N N 120 
CYS CB     C  N N 121 
CYS SG     S  N N 122 
CYS OXT    O  N N 123 
CYS H      H  N N 124 
CYS H2     H  N N 125 
CYS HA     H  N N 126 
CYS HB2    H  N N 127 
CYS HB3    H  N N 128 
CYS HG     H  N N 129 
CYS HXT    H  N N 130 
GLN N      N  N N 131 
GLN CA     C  N S 132 
GLN C      C  N N 133 
GLN O      O  N N 134 
GLN CB     C  N N 135 
GLN CG     C  N N 136 
GLN CD     C  N N 137 
GLN OE1    O  N N 138 
GLN NE2    N  N N 139 
GLN OXT    O  N N 140 
GLN H      H  N N 141 
GLN H2     H  N N 142 
GLN HA     H  N N 143 
GLN HB2    H  N N 144 
GLN HB3    H  N N 145 
GLN HG2    H  N N 146 
GLN HG3    H  N N 147 
GLN HE21   H  N N 148 
GLN HE22   H  N N 149 
GLN HXT    H  N N 150 
GLU N      N  N N 151 
GLU CA     C  N S 152 
GLU C      C  N N 153 
GLU O      O  N N 154 
GLU CB     C  N N 155 
GLU CG     C  N N 156 
GLU CD     C  N N 157 
GLU OE1    O  N N 158 
GLU OE2    O  N N 159 
GLU OXT    O  N N 160 
GLU H      H  N N 161 
GLU H2     H  N N 162 
GLU HA     H  N N 163 
GLU HB2    H  N N 164 
GLU HB3    H  N N 165 
GLU HG2    H  N N 166 
GLU HG3    H  N N 167 
GLU HE2    H  N N 168 
GLU HXT    H  N N 169 
GLY N      N  N N 170 
GLY CA     C  N N 171 
GLY C      C  N N 172 
GLY O      O  N N 173 
GLY OXT    O  N N 174 
GLY H      H  N N 175 
GLY H2     H  N N 176 
GLY HA2    H  N N 177 
GLY HA3    H  N N 178 
GLY HXT    H  N N 179 
HIS N      N  N N 180 
HIS CA     C  N S 181 
HIS C      C  N N 182 
HIS O      O  N N 183 
HIS CB     C  N N 184 
HIS CG     C  Y N 185 
HIS ND1    N  Y N 186 
HIS CD2    C  Y N 187 
HIS CE1    C  Y N 188 
HIS NE2    N  Y N 189 
HIS OXT    O  N N 190 
HIS H      H  N N 191 
HIS H2     H  N N 192 
HIS HA     H  N N 193 
HIS HB2    H  N N 194 
HIS HB3    H  N N 195 
HIS HD1    H  N N 196 
HIS HD2    H  N N 197 
HIS HE1    H  N N 198 
HIS HE2    H  N N 199 
HIS HXT    H  N N 200 
HOH O      O  N N 201 
HOH H1     H  N N 202 
HOH H2     H  N N 203 
ILE N      N  N N 204 
ILE CA     C  N S 205 
ILE C      C  N N 206 
ILE O      O  N N 207 
ILE CB     C  N S 208 
ILE CG1    C  N N 209 
ILE CG2    C  N N 210 
ILE CD1    C  N N 211 
ILE OXT    O  N N 212 
ILE H      H  N N 213 
ILE H2     H  N N 214 
ILE HA     H  N N 215 
ILE HB     H  N N 216 
ILE HG12   H  N N 217 
ILE HG13   H  N N 218 
ILE HG21   H  N N 219 
ILE HG22   H  N N 220 
ILE HG23   H  N N 221 
ILE HD11   H  N N 222 
ILE HD12   H  N N 223 
ILE HD13   H  N N 224 
ILE HXT    H  N N 225 
LEU N      N  N N 226 
LEU CA     C  N S 227 
LEU C      C  N N 228 
LEU O      O  N N 229 
LEU CB     C  N N 230 
LEU CG     C  N N 231 
LEU CD1    C  N N 232 
LEU CD2    C  N N 233 
LEU OXT    O  N N 234 
LEU H      H  N N 235 
LEU H2     H  N N 236 
LEU HA     H  N N 237 
LEU HB2    H  N N 238 
LEU HB3    H  N N 239 
LEU HG     H  N N 240 
LEU HD11   H  N N 241 
LEU HD12   H  N N 242 
LEU HD13   H  N N 243 
LEU HD21   H  N N 244 
LEU HD22   H  N N 245 
LEU HD23   H  N N 246 
LEU HXT    H  N N 247 
LYS N      N  N N 248 
LYS CA     C  N S 249 
LYS C      C  N N 250 
LYS O      O  N N 251 
LYS CB     C  N N 252 
LYS CG     C  N N 253 
LYS CD     C  N N 254 
LYS CE     C  N N 255 
LYS NZ     N  N N 256 
LYS OXT    O  N N 257 
LYS H      H  N N 258 
LYS H2     H  N N 259 
LYS HA     H  N N 260 
LYS HB2    H  N N 261 
LYS HB3    H  N N 262 
LYS HG2    H  N N 263 
LYS HG3    H  N N 264 
LYS HD2    H  N N 265 
LYS HD3    H  N N 266 
LYS HE2    H  N N 267 
LYS HE3    H  N N 268 
LYS HZ1    H  N N 269 
LYS HZ2    H  N N 270 
LYS HZ3    H  N N 271 
LYS HXT    H  N N 272 
MET N      N  N N 273 
MET CA     C  N S 274 
MET C      C  N N 275 
MET O      O  N N 276 
MET CB     C  N N 277 
MET CG     C  N N 278 
MET SD     S  N N 279 
MET CE     C  N N 280 
MET OXT    O  N N 281 
MET H      H  N N 282 
MET H2     H  N N 283 
MET HA     H  N N 284 
MET HB2    H  N N 285 
MET HB3    H  N N 286 
MET HG2    H  N N 287 
MET HG3    H  N N 288 
MET HE1    H  N N 289 
MET HE2    H  N N 290 
MET HE3    H  N N 291 
MET HXT    H  N N 292 
MG  MG     MG N N 293 
MSE N      N  N N 294 
MSE CA     C  N S 295 
MSE C      C  N N 296 
MSE O      O  N N 297 
MSE OXT    O  N N 298 
MSE CB     C  N N 299 
MSE CG     C  N N 300 
MSE SE     SE N N 301 
MSE CE     C  N N 302 
MSE H      H  N N 303 
MSE H2     H  N N 304 
MSE HA     H  N N 305 
MSE HXT    H  N N 306 
MSE HB2    H  N N 307 
MSE HB3    H  N N 308 
MSE HG2    H  N N 309 
MSE HG3    H  N N 310 
MSE HE1    H  N N 311 
MSE HE2    H  N N 312 
MSE HE3    H  N N 313 
PHE N      N  N N 314 
PHE CA     C  N S 315 
PHE C      C  N N 316 
PHE O      O  N N 317 
PHE CB     C  N N 318 
PHE CG     C  Y N 319 
PHE CD1    C  Y N 320 
PHE CD2    C  Y N 321 
PHE CE1    C  Y N 322 
PHE CE2    C  Y N 323 
PHE CZ     C  Y N 324 
PHE OXT    O  N N 325 
PHE H      H  N N 326 
PHE H2     H  N N 327 
PHE HA     H  N N 328 
PHE HB2    H  N N 329 
PHE HB3    H  N N 330 
PHE HD1    H  N N 331 
PHE HD2    H  N N 332 
PHE HE1    H  N N 333 
PHE HE2    H  N N 334 
PHE HZ     H  N N 335 
PHE HXT    H  N N 336 
PO4 P      P  N N 337 
PO4 O1     O  N N 338 
PO4 O2     O  N N 339 
PO4 O3     O  N N 340 
PO4 O4     O  N N 341 
PRO N      N  N N 342 
PRO CA     C  N S 343 
PRO C      C  N N 344 
PRO O      O  N N 345 
PRO CB     C  N N 346 
PRO CG     C  N N 347 
PRO CD     C  N N 348 
PRO OXT    O  N N 349 
PRO H      H  N N 350 
PRO HA     H  N N 351 
PRO HB2    H  N N 352 
PRO HB3    H  N N 353 
PRO HG2    H  N N 354 
PRO HG3    H  N N 355 
PRO HD2    H  N N 356 
PRO HD3    H  N N 357 
PRO HXT    H  N N 358 
SER N      N  N N 359 
SER CA     C  N S 360 
SER C      C  N N 361 
SER O      O  N N 362 
SER CB     C  N N 363 
SER OG     O  N N 364 
SER OXT    O  N N 365 
SER H      H  N N 366 
SER H2     H  N N 367 
SER HA     H  N N 368 
SER HB2    H  N N 369 
SER HB3    H  N N 370 
SER HG     H  N N 371 
SER HXT    H  N N 372 
THR N      N  N N 373 
THR CA     C  N S 374 
THR C      C  N N 375 
THR O      O  N N 376 
THR CB     C  N R 377 
THR OG1    O  N N 378 
THR CG2    C  N N 379 
THR OXT    O  N N 380 
THR H      H  N N 381 
THR H2     H  N N 382 
THR HA     H  N N 383 
THR HB     H  N N 384 
THR HG1    H  N N 385 
THR HG21   H  N N 386 
THR HG22   H  N N 387 
THR HG23   H  N N 388 
THR HXT    H  N N 389 
TYR N      N  N N 390 
TYR CA     C  N S 391 
TYR C      C  N N 392 
TYR O      O  N N 393 
TYR CB     C  N N 394 
TYR CG     C  Y N 395 
TYR CD1    C  Y N 396 
TYR CD2    C  Y N 397 
TYR CE1    C  Y N 398 
TYR CE2    C  Y N 399 
TYR CZ     C  Y N 400 
TYR OH     O  N N 401 
TYR OXT    O  N N 402 
TYR H      H  N N 403 
TYR H2     H  N N 404 
TYR HA     H  N N 405 
TYR HB2    H  N N 406 
TYR HB3    H  N N 407 
TYR HD1    H  N N 408 
TYR HD2    H  N N 409 
TYR HE1    H  N N 410 
TYR HE2    H  N N 411 
TYR HH     H  N N 412 
TYR HXT    H  N N 413 
VAL N      N  N N 414 
VAL CA     C  N S 415 
VAL C      C  N N 416 
VAL O      O  N N 417 
VAL CB     C  N N 418 
VAL CG1    C  N N 419 
VAL CG2    C  N N 420 
VAL OXT    O  N N 421 
VAL H      H  N N 422 
VAL H2     H  N N 423 
VAL HA     H  N N 424 
VAL HB     H  N N 425 
VAL HG11   H  N N 426 
VAL HG12   H  N N 427 
VAL HG13   H  N N 428 
VAL HG21   H  N N 429 
VAL HG22   H  N N 430 
VAL HG23   H  N N 431 
VAL HXT    H  N N 432 
# 
loop_
_chem_comp_bond.comp_id 
_chem_comp_bond.atom_id_1 
_chem_comp_bond.atom_id_2 
_chem_comp_bond.value_order 
_chem_comp_bond.pdbx_aromatic_flag 
_chem_comp_bond.pdbx_stereo_config 
_chem_comp_bond.pdbx_ordinal 
ADP PB    O1B    doub N N 1   
ADP PB    O2B    sing N N 2   
ADP PB    O3B    sing N N 3   
ADP PB    O3A    sing N N 4   
ADP O2B   HOB2   sing N N 5   
ADP O3B   HOB3   sing N N 6   
ADP PA    O1A    doub N N 7   
ADP PA    O2A    sing N N 8   
ADP PA    O3A    sing N N 9   
ADP PA    "O5'"  sing N N 10  
ADP O2A   HOA2   sing N N 11  
ADP "O5'" "C5'"  sing N N 12  
ADP "C5'" "C4'"  sing N N 13  
ADP "C5'" "H5'1" sing N N 14  
ADP "C5'" "H5'2" sing N N 15  
ADP "C4'" "O4'"  sing N N 16  
ADP "C4'" "C3'"  sing N N 17  
ADP "C4'" "H4'"  sing N N 18  
ADP "O4'" "C1'"  sing N N 19  
ADP "C3'" "O3'"  sing N N 20  
ADP "C3'" "C2'"  sing N N 21  
ADP "C3'" "H3'"  sing N N 22  
ADP "O3'" "HO3'" sing N N 23  
ADP "C2'" "O2'"  sing N N 24  
ADP "C2'" "C1'"  sing N N 25  
ADP "C2'" "H2'"  sing N N 26  
ADP "O2'" "HO2'" sing N N 27  
ADP "C1'" N9     sing N N 28  
ADP "C1'" "H1'"  sing N N 29  
ADP N9    C8     sing Y N 30  
ADP N9    C4     sing Y N 31  
ADP C8    N7     doub Y N 32  
ADP C8    H8     sing N N 33  
ADP N7    C5     sing Y N 34  
ADP C5    C6     sing Y N 35  
ADP C5    C4     doub Y N 36  
ADP C6    N6     sing N N 37  
ADP C6    N1     doub Y N 38  
ADP N6    HN61   sing N N 39  
ADP N6    HN62   sing N N 40  
ADP N1    C2     sing Y N 41  
ADP C2    N3     doub Y N 42  
ADP C2    H2     sing N N 43  
ADP N3    C4     sing Y N 44  
ALA N     CA     sing N N 45  
ALA N     H      sing N N 46  
ALA N     H2     sing N N 47  
ALA CA    C      sing N N 48  
ALA CA    CB     sing N N 49  
ALA CA    HA     sing N N 50  
ALA C     O      doub N N 51  
ALA C     OXT    sing N N 52  
ALA CB    HB1    sing N N 53  
ALA CB    HB2    sing N N 54  
ALA CB    HB3    sing N N 55  
ALA OXT   HXT    sing N N 56  
ARG N     CA     sing N N 57  
ARG N     H      sing N N 58  
ARG N     H2     sing N N 59  
ARG CA    C      sing N N 60  
ARG CA    CB     sing N N 61  
ARG CA    HA     sing N N 62  
ARG C     O      doub N N 63  
ARG C     OXT    sing N N 64  
ARG CB    CG     sing N N 65  
ARG CB    HB2    sing N N 66  
ARG CB    HB3    sing N N 67  
ARG CG    CD     sing N N 68  
ARG CG    HG2    sing N N 69  
ARG CG    HG3    sing N N 70  
ARG CD    NE     sing N N 71  
ARG CD    HD2    sing N N 72  
ARG CD    HD3    sing N N 73  
ARG NE    CZ     sing N N 74  
ARG NE    HE     sing N N 75  
ARG CZ    NH1    sing N N 76  
ARG CZ    NH2    doub N N 77  
ARG NH1   HH11   sing N N 78  
ARG NH1   HH12   sing N N 79  
ARG NH2   HH21   sing N N 80  
ARG NH2   HH22   sing N N 81  
ARG OXT   HXT    sing N N 82  
ASN N     CA     sing N N 83  
ASN N     H      sing N N 84  
ASN N     H2     sing N N 85  
ASN CA    C      sing N N 86  
ASN CA    CB     sing N N 87  
ASN CA    HA     sing N N 88  
ASN C     O      doub N N 89  
ASN C     OXT    sing N N 90  
ASN CB    CG     sing N N 91  
ASN CB    HB2    sing N N 92  
ASN CB    HB3    sing N N 93  
ASN CG    OD1    doub N N 94  
ASN CG    ND2    sing N N 95  
ASN ND2   HD21   sing N N 96  
ASN ND2   HD22   sing N N 97  
ASN OXT   HXT    sing N N 98  
ASP N     CA     sing N N 99  
ASP N     H      sing N N 100 
ASP N     H2     sing N N 101 
ASP CA    C      sing N N 102 
ASP CA    CB     sing N N 103 
ASP CA    HA     sing N N 104 
ASP C     O      doub N N 105 
ASP C     OXT    sing N N 106 
ASP CB    CG     sing N N 107 
ASP CB    HB2    sing N N 108 
ASP CB    HB3    sing N N 109 
ASP CG    OD1    doub N N 110 
ASP CG    OD2    sing N N 111 
ASP OD2   HD2    sing N N 112 
ASP OXT   HXT    sing N N 113 
CYS N     CA     sing N N 114 
CYS N     H      sing N N 115 
CYS N     H2     sing N N 116 
CYS CA    C      sing N N 117 
CYS CA    CB     sing N N 118 
CYS CA    HA     sing N N 119 
CYS C     O      doub N N 120 
CYS C     OXT    sing N N 121 
CYS CB    SG     sing N N 122 
CYS CB    HB2    sing N N 123 
CYS CB    HB3    sing N N 124 
CYS SG    HG     sing N N 125 
CYS OXT   HXT    sing N N 126 
GLN N     CA     sing N N 127 
GLN N     H      sing N N 128 
GLN N     H2     sing N N 129 
GLN CA    C      sing N N 130 
GLN CA    CB     sing N N 131 
GLN CA    HA     sing N N 132 
GLN C     O      doub N N 133 
GLN C     OXT    sing N N 134 
GLN CB    CG     sing N N 135 
GLN CB    HB2    sing N N 136 
GLN CB    HB3    sing N N 137 
GLN CG    CD     sing N N 138 
GLN CG    HG2    sing N N 139 
GLN CG    HG3    sing N N 140 
GLN CD    OE1    doub N N 141 
GLN CD    NE2    sing N N 142 
GLN NE2   HE21   sing N N 143 
GLN NE2   HE22   sing N N 144 
GLN OXT   HXT    sing N N 145 
GLU N     CA     sing N N 146 
GLU N     H      sing N N 147 
GLU N     H2     sing N N 148 
GLU CA    C      sing N N 149 
GLU CA    CB     sing N N 150 
GLU CA    HA     sing N N 151 
GLU C     O      doub N N 152 
GLU C     OXT    sing N N 153 
GLU CB    CG     sing N N 154 
GLU CB    HB2    sing N N 155 
GLU CB    HB3    sing N N 156 
GLU CG    CD     sing N N 157 
GLU CG    HG2    sing N N 158 
GLU CG    HG3    sing N N 159 
GLU CD    OE1    doub N N 160 
GLU CD    OE2    sing N N 161 
GLU OE2   HE2    sing N N 162 
GLU OXT   HXT    sing N N 163 
GLY N     CA     sing N N 164 
GLY N     H      sing N N 165 
GLY N     H2     sing N N 166 
GLY CA    C      sing N N 167 
GLY CA    HA2    sing N N 168 
GLY CA    HA3    sing N N 169 
GLY C     O      doub N N 170 
GLY C     OXT    sing N N 171 
GLY OXT   HXT    sing N N 172 
HIS N     CA     sing N N 173 
HIS N     H      sing N N 174 
HIS N     H2     sing N N 175 
HIS CA    C      sing N N 176 
HIS CA    CB     sing N N 177 
HIS CA    HA     sing N N 178 
HIS C     O      doub N N 179 
HIS C     OXT    sing N N 180 
HIS CB    CG     sing N N 181 
HIS CB    HB2    sing N N 182 
HIS CB    HB3    sing N N 183 
HIS CG    ND1    sing Y N 184 
HIS CG    CD2    doub Y N 185 
HIS ND1   CE1    doub Y N 186 
HIS ND1   HD1    sing N N 187 
HIS CD2   NE2    sing Y N 188 
HIS CD2   HD2    sing N N 189 
HIS CE1   NE2    sing Y N 190 
HIS CE1   HE1    sing N N 191 
HIS NE2   HE2    sing N N 192 
HIS OXT   HXT    sing N N 193 
HOH O     H1     sing N N 194 
HOH O     H2     sing N N 195 
ILE N     CA     sing N N 196 
ILE N     H      sing N N 197 
ILE N     H2     sing N N 198 
ILE CA    C      sing N N 199 
ILE CA    CB     sing N N 200 
ILE CA    HA     sing N N 201 
ILE C     O      doub N N 202 
ILE C     OXT    sing N N 203 
ILE CB    CG1    sing N N 204 
ILE CB    CG2    sing N N 205 
ILE CB    HB     sing N N 206 
ILE CG1   CD1    sing N N 207 
ILE CG1   HG12   sing N N 208 
ILE CG1   HG13   sing N N 209 
ILE CG2   HG21   sing N N 210 
ILE CG2   HG22   sing N N 211 
ILE CG2   HG23   sing N N 212 
ILE CD1   HD11   sing N N 213 
ILE CD1   HD12   sing N N 214 
ILE CD1   HD13   sing N N 215 
ILE OXT   HXT    sing N N 216 
LEU N     CA     sing N N 217 
LEU N     H      sing N N 218 
LEU N     H2     sing N N 219 
LEU CA    C      sing N N 220 
LEU CA    CB     sing N N 221 
LEU CA    HA     sing N N 222 
LEU C     O      doub N N 223 
LEU C     OXT    sing N N 224 
LEU CB    CG     sing N N 225 
LEU CB    HB2    sing N N 226 
LEU CB    HB3    sing N N 227 
LEU CG    CD1    sing N N 228 
LEU CG    CD2    sing N N 229 
LEU CG    HG     sing N N 230 
LEU CD1   HD11   sing N N 231 
LEU CD1   HD12   sing N N 232 
LEU CD1   HD13   sing N N 233 
LEU CD2   HD21   sing N N 234 
LEU CD2   HD22   sing N N 235 
LEU CD2   HD23   sing N N 236 
LEU OXT   HXT    sing N N 237 
LYS N     CA     sing N N 238 
LYS N     H      sing N N 239 
LYS N     H2     sing N N 240 
LYS CA    C      sing N N 241 
LYS CA    CB     sing N N 242 
LYS CA    HA     sing N N 243 
LYS C     O      doub N N 244 
LYS C     OXT    sing N N 245 
LYS CB    CG     sing N N 246 
LYS CB    HB2    sing N N 247 
LYS CB    HB3    sing N N 248 
LYS CG    CD     sing N N 249 
LYS CG    HG2    sing N N 250 
LYS CG    HG3    sing N N 251 
LYS CD    CE     sing N N 252 
LYS CD    HD2    sing N N 253 
LYS CD    HD3    sing N N 254 
LYS CE    NZ     sing N N 255 
LYS CE    HE2    sing N N 256 
LYS CE    HE3    sing N N 257 
LYS NZ    HZ1    sing N N 258 
LYS NZ    HZ2    sing N N 259 
LYS NZ    HZ3    sing N N 260 
LYS OXT   HXT    sing N N 261 
MET N     CA     sing N N 262 
MET N     H      sing N N 263 
MET N     H2     sing N N 264 
MET CA    C      sing N N 265 
MET CA    CB     sing N N 266 
MET CA    HA     sing N N 267 
MET C     O      doub N N 268 
MET C     OXT    sing N N 269 
MET CB    CG     sing N N 270 
MET CB    HB2    sing N N 271 
MET CB    HB3    sing N N 272 
MET CG    SD     sing N N 273 
MET CG    HG2    sing N N 274 
MET CG    HG3    sing N N 275 
MET SD    CE     sing N N 276 
MET CE    HE1    sing N N 277 
MET CE    HE2    sing N N 278 
MET CE    HE3    sing N N 279 
MET OXT   HXT    sing N N 280 
MSE N     CA     sing N N 281 
MSE N     H      sing N N 282 
MSE N     H2     sing N N 283 
MSE CA    C      sing N N 284 
MSE CA    CB     sing N N 285 
MSE CA    HA     sing N N 286 
MSE C     O      doub N N 287 
MSE C     OXT    sing N N 288 
MSE OXT   HXT    sing N N 289 
MSE CB    CG     sing N N 290 
MSE CB    HB2    sing N N 291 
MSE CB    HB3    sing N N 292 
MSE CG    SE     sing N N 293 
MSE CG    HG2    sing N N 294 
MSE CG    HG3    sing N N 295 
MSE SE    CE     sing N N 296 
MSE CE    HE1    sing N N 297 
MSE CE    HE2    sing N N 298 
MSE CE    HE3    sing N N 299 
PHE N     CA     sing N N 300 
PHE N     H      sing N N 301 
PHE N     H2     sing N N 302 
PHE CA    C      sing N N 303 
PHE CA    CB     sing N N 304 
PHE CA    HA     sing N N 305 
PHE C     O      doub N N 306 
PHE C     OXT    sing N N 307 
PHE CB    CG     sing N N 308 
PHE CB    HB2    sing N N 309 
PHE CB    HB3    sing N N 310 
PHE CG    CD1    doub Y N 311 
PHE CG    CD2    sing Y N 312 
PHE CD1   CE1    sing Y N 313 
PHE CD1   HD1    sing N N 314 
PHE CD2   CE2    doub Y N 315 
PHE CD2   HD2    sing N N 316 
PHE CE1   CZ     doub Y N 317 
PHE CE1   HE1    sing N N 318 
PHE CE2   CZ     sing Y N 319 
PHE CE2   HE2    sing N N 320 
PHE CZ    HZ     sing N N 321 
PHE OXT   HXT    sing N N 322 
PO4 P     O1     doub N N 323 
PO4 P     O2     sing N N 324 
PO4 P     O3     sing N N 325 
PO4 P     O4     sing N N 326 
PRO N     CA     sing N N 327 
PRO N     CD     sing N N 328 
PRO N     H      sing N N 329 
PRO CA    C      sing N N 330 
PRO CA    CB     sing N N 331 
PRO CA    HA     sing N N 332 
PRO C     O      doub N N 333 
PRO C     OXT    sing N N 334 
PRO CB    CG     sing N N 335 
PRO CB    HB2    sing N N 336 
PRO CB    HB3    sing N N 337 
PRO CG    CD     sing N N 338 
PRO CG    HG2    sing N N 339 
PRO CG    HG3    sing N N 340 
PRO CD    HD2    sing N N 341 
PRO CD    HD3    sing N N 342 
PRO OXT   HXT    sing N N 343 
SER N     CA     sing N N 344 
SER N     H      sing N N 345 
SER N     H2     sing N N 346 
SER CA    C      sing N N 347 
SER CA    CB     sing N N 348 
SER CA    HA     sing N N 349 
SER C     O      doub N N 350 
SER C     OXT    sing N N 351 
SER CB    OG     sing N N 352 
SER CB    HB2    sing N N 353 
SER CB    HB3    sing N N 354 
SER OG    HG     sing N N 355 
SER OXT   HXT    sing N N 356 
THR N     CA     sing N N 357 
THR N     H      sing N N 358 
THR N     H2     sing N N 359 
THR CA    C      sing N N 360 
THR CA    CB     sing N N 361 
THR CA    HA     sing N N 362 
THR C     O      doub N N 363 
THR C     OXT    sing N N 364 
THR CB    OG1    sing N N 365 
THR CB    CG2    sing N N 366 
THR CB    HB     sing N N 367 
THR OG1   HG1    sing N N 368 
THR CG2   HG21   sing N N 369 
THR CG2   HG22   sing N N 370 
THR CG2   HG23   sing N N 371 
THR OXT   HXT    sing N N 372 
TYR N     CA     sing N N 373 
TYR N     H      sing N N 374 
TYR N     H2     sing N N 375 
TYR CA    C      sing N N 376 
TYR CA    CB     sing N N 377 
TYR CA    HA     sing N N 378 
TYR C     O      doub N N 379 
TYR C     OXT    sing N N 380 
TYR CB    CG     sing N N 381 
TYR CB    HB2    sing N N 382 
TYR CB    HB3    sing N N 383 
TYR CG    CD1    doub Y N 384 
TYR CG    CD2    sing Y N 385 
TYR CD1   CE1    sing Y N 386 
TYR CD1   HD1    sing N N 387 
TYR CD2   CE2    doub Y N 388 
TYR CD2   HD2    sing N N 389 
TYR CE1   CZ     doub Y N 390 
TYR CE1   HE1    sing N N 391 
TYR CE2   CZ     sing Y N 392 
TYR CE2   HE2    sing N N 393 
TYR CZ    OH     sing N N 394 
TYR OH    HH     sing N N 395 
TYR OXT   HXT    sing N N 396 
VAL N     CA     sing N N 397 
VAL N     H      sing N N 398 
VAL N     H2     sing N N 399 
VAL CA    C      sing N N 400 
VAL CA    CB     sing N N 401 
VAL CA    HA     sing N N 402 
VAL C     O      doub N N 403 
VAL C     OXT    sing N N 404 
VAL CB    CG1    sing N N 405 
VAL CB    CG2    sing N N 406 
VAL CB    HB     sing N N 407 
VAL CG1   HG11   sing N N 408 
VAL CG1   HG12   sing N N 409 
VAL CG1   HG13   sing N N 410 
VAL CG2   HG21   sing N N 411 
VAL CG2   HG22   sing N N 412 
VAL CG2   HG23   sing N N 413 
VAL OXT   HXT    sing N N 414 
# 
_atom_sites.entry_id                    1O6B 
_atom_sites.fract_transf_matrix[1][1]   0.00424150 
_atom_sites.fract_transf_matrix[1][2]   -0.00732588 
_atom_sites.fract_transf_matrix[1][3]   0.00184555 
_atom_sites.fract_transf_matrix[2][1]   -0.00316448 
_atom_sites.fract_transf_matrix[2][2]   -0.00364471 
_atom_sites.fract_transf_matrix[2][3]   -0.00719493 
_atom_sites.fract_transf_matrix[3][1]   0.00686008 
_atom_sites.fract_transf_matrix[3][2]   0.00284823 
_atom_sites.fract_transf_matrix[3][3]   -0.00446002 
_atom_sites.fract_transf_vector[1]      1.116709 
_atom_sites.fract_transf_vector[2]      0.647492 
_atom_sites.fract_transf_vector[3]      1.085559 
# 
loop_
_atom_type.symbol 
C  
CL 
MG 
N  
O  
P  
S  
SE 
# 
loop_
_atom_site.group_PDB 
_atom_site.id 
_atom_site.type_symbol 
_atom_site.label_atom_id 
_atom_site.label_alt_id 
_atom_site.label_comp_id 
_atom_site.label_asym_id 
_atom_site.label_entity_id 
_atom_site.label_seq_id 
_atom_site.pdbx_PDB_ins_code 
_atom_site.Cartn_x 
_atom_site.Cartn_y 
_atom_site.Cartn_z 
_atom_site.occupancy 
_atom_site.B_iso_or_equiv 
_atom_site.pdbx_formal_charge 
_atom_site.auth_seq_id 
_atom_site.auth_comp_id 
_atom_site.auth_asym_id 
_atom_site.auth_atom_id 
_atom_site.pdbx_PDB_model_num 
ATOM   1    N  N     . ALA A 1 2   ? -8.071  -4.550  -21.318 1.00 40.96  ? 2   ALA A N     1 
ATOM   2    C  CA    . ALA A 1 2   ? -6.700  -4.471  -20.792 1.00 40.16  ? 2   ALA A CA    1 
ATOM   3    C  C     . ALA A 1 2   ? -6.645  -5.156  -19.436 1.00 39.44  ? 2   ALA A C     1 
ATOM   4    O  O     . ALA A 1 2   ? -7.633  -5.114  -18.698 1.00 41.66  ? 2   ALA A O     1 
ATOM   5    C  CB    . ALA A 1 2   ? -6.265  -3.019  -20.696 1.00 38.68  ? 2   ALA A CB    1 
ATOM   6    N  N     . SER A 1 3   ? -5.567  -5.848  -19.131 1.00 38.16  ? 3   SER A N     1 
ATOM   7    C  CA    . SER A 1 3   ? -5.484  -6.530  -17.809 1.00 35.87  ? 3   SER A CA    1 
ATOM   8    C  C     . SER A 1 3   ? -4.617  -5.654  -16.907 1.00 33.33  ? 3   SER A C     1 
ATOM   9    O  O     . SER A 1 3   ? -3.423  -5.867  -16.735 1.00 32.40  ? 3   SER A O     1 
ATOM   10   C  CB    . SER A 1 3   ? -4.895  -7.918  -18.013 1.00 34.58  ? 3   SER A CB    1 
ATOM   11   O  OG    . SER A 1 3   ? -4.835  -8.634  -16.790 1.00 38.29  ? 3   SER A OG    1 
ATOM   12   N  N     . ILE A 1 4   ? -5.209  -4.546  -16.454 1.00 31.41  ? 4   ILE A N     1 
ATOM   13   C  CA    . ILE A 1 4   ? -4.536  -3.560  -15.646 1.00 28.45  ? 4   ILE A CA    1 
ATOM   14   C  C     . ILE A 1 4   ? -5.253  -3.270  -14.346 1.00 29.34  ? 4   ILE A C     1 
ATOM   15   O  O     . ILE A 1 4   ? -6.477  -3.061  -14.328 1.00 28.77  ? 4   ILE A O     1 
ATOM   16   C  CB    . ILE A 1 4   ? -4.344  -2.255  -16.463 1.00 24.26  ? 4   ILE A CB    1 
ATOM   17   C  CG1   . ILE A 1 4   ? -3.558  -2.547  -17.746 1.00 27.31  ? 4   ILE A CG1   1 
ATOM   18   C  CG2   . ILE A 1 4   ? -3.588  -1.229  -15.628 1.00 23.79  ? 4   ILE A CG2   1 
ATOM   19   C  CD1   . ILE A 1 4   ? -3.478  -1.394  -18.735 1.00 31.07  ? 4   ILE A CD1   1 
ATOM   20   N  N     . ALA A 1 5   ? -4.495  -3.220  -13.235 1.00 26.72  ? 5   ALA A N     1 
ATOM   21   C  CA    . ALA A 1 5   ? -5.112  -2.927  -11.941 1.00 26.29  ? 5   ALA A CA    1 
ATOM   22   C  C     . ALA A 1 5   ? -4.285  -1.946  -11.127 1.00 24.93  ? 5   ALA A C     1 
ATOM   23   O  O     . ALA A 1 5   ? -3.090  -1.755  -11.421 1.00 23.25  ? 5   ALA A O     1 
ATOM   24   C  CB    . ALA A 1 5   ? -5.190  -4.259  -11.140 1.00 23.29  ? 5   ALA A CB    1 
ATOM   25   N  N     . VAL A 1 6   ? -4.916  -1.244  -10.180 1.00 23.68  ? 6   VAL A N     1 
ATOM   26   C  CA    . VAL A 1 6   ? -4.193  -0.381  -9.290  1.00 23.43  ? 6   VAL A CA    1 
ATOM   27   C  C     . VAL A 1 6   ? -4.300  -0.867  -7.834  1.00 24.15  ? 6   VAL A C     1 
ATOM   28   O  O     . VAL A 1 6   ? -5.332  -1.372  -7.397  1.00 22.13  ? 6   VAL A O     1 
ATOM   29   C  CB    . VAL A 1 6   ? -4.275  1.107   -9.435  1.00 27.39  ? 6   VAL A CB    1 
ATOM   30   C  CG1   . VAL A 1 6   ? -4.980  1.644   -10.663 1.00 24.81  ? 6   VAL A CG1   1 
ATOM   31   C  CG2   . VAL A 1 6   ? -4.580  1.901   -8.204  1.00 21.42  ? 6   VAL A CG2   1 
ATOM   32   N  N     . CYS A 1 7   ? -3.169  -0.809  -7.139  1.00 23.70  ? 7   CYS A N     1 
ATOM   33   C  CA    . CYS A 1 7   ? -3.023  -1.156  -5.735  1.00 22.97  ? 7   CYS A CA    1 
ATOM   34   C  C     . CYS A 1 7   ? -2.675  0.124   -4.959  1.00 22.82  ? 7   CYS A C     1 
ATOM   35   O  O     . CYS A 1 7   ? -1.499  0.491   -4.908  1.00 22.21  ? 7   CYS A O     1 
ATOM   36   C  CB    . CYS A 1 7   ? -1.850  -2.121  -5.491  1.00 22.86  ? 7   CYS A CB    1 
ATOM   37   S  SG    A CYS A 1 7   ? -2.126  -3.188  -4.050  0.50 28.93  ? 7   CYS A SG    1 
ATOM   38   S  SG    B CYS A 1 7   ? -2.043  -3.802  -6.038  0.50 17.04  ? 7   CYS A SG    1 
ATOM   39   N  N     . PRO A 1 8   ? -3.658  0.779   -4.400  1.00 22.41  ? 8   PRO A N     1 
ATOM   40   C  CA    . PRO A 1 8   ? -3.425  2.049   -3.716  1.00 22.46  ? 8   PRO A CA    1 
ATOM   41   C  C     . PRO A 1 8   ? -3.242  1.849   -2.230  1.00 23.64  ? 8   PRO A C     1 
ATOM   42   O  O     . PRO A 1 8   ? -3.715  0.847   -1.686  1.00 24.10  ? 8   PRO A O     1 
ATOM   43   C  CB    . PRO A 1 8   ? -4.759  2.769   -3.980  1.00 21.42  ? 8   PRO A CB    1 
ATOM   44   C  CG    . PRO A 1 8   ? -5.766  1.668   -3.874  1.00 22.12  ? 8   PRO A CG    1 
ATOM   45   C  CD    . PRO A 1 8   ? -5.098  0.426   -4.426  1.00 21.79  ? 8   PRO A CD    1 
ATOM   46   N  N     . GLY A 1 9   ? -2.647  2.818   -1.559  1.00 22.41  ? 9   GLY A N     1 
ATOM   47   C  CA    . GLY A 1 9   ? -2.458  2.684   -0.113  1.00 21.43  ? 9   GLY A CA    1 
ATOM   48   C  C     . GLY A 1 9   ? -1.531  3.802   0.356   1.00 21.89  ? 9   GLY A C     1 
ATOM   49   O  O     . GLY A 1 9   ? -0.977  4.526   -0.480  1.00 21.38  ? 9   GLY A O     1 
ATOM   50   N  N     . SER A 1 10  ? -1.506  4.003   1.673   1.00 21.56  ? 10  SER A N     1 
ATOM   51   C  CA    . SER A 1 10  ? -0.540  5.042   2.143   1.00 26.61  ? 10  SER A CA    1 
ATOM   52   C  C     . SER A 1 10  ? 0.840   4.389   2.235   1.00 25.51  ? 10  SER A C     1 
ATOM   53   O  O     . SER A 1 10  ? 1.844   5.063   2.045   1.00 25.79  ? 10  SER A O     1 
ATOM   54   C  CB    . SER A 1 10  ? -1.022  5.573   3.489   1.00 31.10  ? 10  SER A CB    1 
ATOM   55   O  OG    . SER A 1 10  ? -1.624  4.502   4.194   1.00 38.86  ? 10  SER A OG    1 
ATOM   56   N  N     . PHE A 1 11  ? 0.884   3.064   2.372   1.00 25.60  ? 11  PHE A N     1 
ATOM   57   C  CA    . PHE A 1 11  ? 2.140   2.311   2.456   1.00 26.45  ? 11  PHE A CA    1 
ATOM   58   C  C     . PHE A 1 11  ? 3.143   3.111   3.297   1.00 26.93  ? 11  PHE A C     1 
ATOM   59   O  O     . PHE A 1 11  ? 4.194   3.509   2.789   1.00 26.61  ? 11  PHE A O     1 
ATOM   60   C  CB    . PHE A 1 11  ? 2.721   2.095   1.056   1.00 28.30  ? 11  PHE A CB    1 
ATOM   61   C  CG    . PHE A 1 11  ? 1.824   1.336   0.122   1.00 30.06  ? 11  PHE A CG    1 
ATOM   62   C  CD1   . PHE A 1 11  ? 1.357   1.936   -1.047  1.00 30.30  ? 11  PHE A CD1   1 
ATOM   63   C  CD2   . PHE A 1 11  ? 1.452   0.038   0.401   1.00 26.91  ? 11  PHE A CD2   1 
ATOM   64   C  CE1   . PHE A 1 11  ? 0.518   1.236   -1.901  1.00 29.45  ? 11  PHE A CE1   1 
ATOM   65   C  CE2   . PHE A 1 11  ? 0.622   -0.671  -0.464  1.00 28.66  ? 11  PHE A CE2   1 
ATOM   66   C  CZ    . PHE A 1 11  ? 0.154   -0.059  -1.613  1.00 26.64  ? 11  PHE A CZ    1 
ATOM   67   N  N     . ASP A 1 12  ? 2.887   3.192   4.598   1.00 26.33  ? 12  ASP A N     1 
ATOM   68   C  CA    . ASP A 1 12  ? 3.708   3.996   5.496   1.00 27.68  ? 12  ASP A CA    1 
ATOM   69   C  C     . ASP A 1 12  ? 4.232   3.282   6.704   1.00 27.87  ? 12  ASP A C     1 
ATOM   70   O  O     . ASP A 1 12  ? 3.749   3.518   7.834   1.00 28.25  ? 12  ASP A O     1 
ATOM   71   C  CB    . ASP A 1 12  ? 2.787   5.174   5.952   1.00 28.50  ? 12  ASP A CB    1 
ATOM   72   C  CG    . ASP A 1 12  ? 3.469   6.195   6.831   1.00 32.13  ? 12  ASP A CG    1 
ATOM   73   O  OD1   . ASP A 1 12  ? 2.900   6.515   7.915   1.00 29.47  ? 12  ASP A OD1   1 
ATOM   74   O  OD2   . ASP A 1 12  ? 4.562   6.689   6.464   1.00 29.80  ? 12  ASP A OD2   1 
ATOM   75   N  N     . PRO A 1 13  ? 5.239   2.415   6.575   1.00 26.47  ? 13  PRO A N     1 
ATOM   76   C  CA    . PRO A 1 13  ? 5.881   2.089   5.330   1.00 25.08  ? 13  PRO A CA    1 
ATOM   77   C  C     . PRO A 1 13  ? 5.355   0.754   4.767   1.00 25.01  ? 13  PRO A C     1 
ATOM   78   O  O     . PRO A 1 13  ? 4.538   0.107   5.403   1.00 24.31  ? 13  PRO A O     1 
ATOM   79   C  CB    . PRO A 1 13  ? 7.326   1.857   5.812   1.00 25.20  ? 13  PRO A CB    1 
ATOM   80   C  CG    . PRO A 1 13  ? 7.124   1.118   7.098   1.00 26.17  ? 13  PRO A CG    1 
ATOM   81   C  CD    . PRO A 1 13  ? 5.899   1.749   7.741   1.00 24.55  ? 13  PRO A CD    1 
ATOM   82   N  N     . VAL A 1 14  ? 5.686   0.457   3.523   1.00 25.05  ? 14  VAL A N     1 
ATOM   83   C  CA    . VAL A 1 14  ? 5.290   -0.826  2.917   1.00 24.80  ? 14  VAL A CA    1 
ATOM   84   C  C     . VAL A 1 14  ? 5.813   -1.958  3.808   1.00 24.31  ? 14  VAL A C     1 
ATOM   85   O  O     . VAL A 1 14  ? 6.950   -1.901  4.274   1.00 24.49  ? 14  VAL A O     1 
ATOM   86   C  CB    . VAL A 1 14  ? 5.845   -0.933  1.491   1.00 26.08  ? 14  VAL A CB    1 
ATOM   87   C  CG1   . VAL A 1 14  ? 7.379   -0.939  1.469   1.00 26.44  ? 14  VAL A CG1   1 
ATOM   88   C  CG2   . VAL A 1 14  ? 5.321   -2.170  0.755   1.00 22.31  ? 14  VAL A CG2   1 
ATOM   89   N  N     . THR A 1 15  ? 5.012   -2.982  4.048   1.00 24.27  ? 15  THR A N     1 
ATOM   90   C  CA    . THR A 1 15  ? 5.378   -4.122  4.881   1.00 24.01  ? 15  THR A CA    1 
ATOM   91   C  C     . THR A 1 15  ? 5.289   -5.402  4.035   1.00 23.84  ? 15  THR A C     1 
ATOM   92   O  O     . THR A 1 15  ? 4.730   -5.361  2.939   1.00 23.55  ? 15  THR A O     1 
ATOM   93   C  CB    . THR A 1 15  ? 4.403   -4.335  6.067   1.00 24.37  ? 15  THR A CB    1 
ATOM   94   O  OG1   . THR A 1 15  ? 3.203   -4.967  5.585   1.00 23.32  ? 15  THR A OG1   1 
ATOM   95   C  CG2   . THR A 1 15  ? 4.028   -3.024  6.736   1.00 24.18  ? 15  THR A CG2   1 
ATOM   96   N  N     . TYR A 1 16  ? 5.713   -6.517  4.615   1.00 23.19  ? 16  TYR A N     1 
ATOM   97   C  CA    . TYR A 1 16  ? 5.590   -7.802  3.914   1.00 24.56  ? 16  TYR A CA    1 
ATOM   98   C  C     . TYR A 1 16  ? 4.106   -8.121  3.669   1.00 24.66  ? 16  TYR A C     1 
ATOM   99   O  O     . TYR A 1 16  ? 3.793   -8.847  2.726   1.00 25.65  ? 16  TYR A O     1 
ATOM   100  C  CB    . TYR A 1 16  ? 6.279   -8.913  4.684   1.00 23.17  ? 16  TYR A CB    1 
ATOM   101  C  CG    . TYR A 1 16  ? 7.799   -8.969  4.547   1.00 23.28  ? 16  TYR A CG    1 
ATOM   102  C  CD1   . TYR A 1 16  ? 8.434   -8.712  3.343   1.00 24.18  ? 16  TYR A CD1   1 
ATOM   103  C  CD2   . TYR A 1 16  ? 8.580   -9.346  5.624   1.00 21.85  ? 16  TYR A CD2   1 
ATOM   104  C  CE1   . TYR A 1 16  ? 9.810   -8.803  3.224   1.00 26.55  ? 16  TYR A CE1   1 
ATOM   105  C  CE2   . TYR A 1 16  ? 9.961   -9.421  5.544   1.00 24.52  ? 16  TYR A CE2   1 
ATOM   106  C  CZ    . TYR A 1 16  ? 10.562  -9.164  4.327   1.00 27.11  ? 16  TYR A CZ    1 
ATOM   107  O  OH    . TYR A 1 16  ? 11.921  -9.253  4.212   1.00 29.61  ? 16  TYR A OH    1 
ATOM   108  N  N     . GLY A 1 17  ? 3.207   -7.659  4.504   1.00 23.74  ? 17  GLY A N     1 
ATOM   109  C  CA    . GLY A 1 17  ? 1.751   -7.894  4.310   1.00 24.09  ? 17  GLY A CA    1 
ATOM   110  C  C     . GLY A 1 17  ? 1.293   -7.133  3.060   1.00 24.11  ? 17  GLY A C     1 
ATOM   111  O  O     . GLY A 1 17  ? 0.576   -7.700  2.238   1.00 24.95  ? 17  GLY A O     1 
ATOM   112  N  N     . HIS A 1 18  ? 1.771   -5.906  2.853   1.00 22.27  ? 18  HIS A N     1 
ATOM   113  C  CA    . HIS A 1 18  ? 1.417   -5.167  1.664   1.00 23.55  ? 18  HIS A CA    1 
ATOM   114  C  C     . HIS A 1 18  ? 2.005   -5.834  0.417   1.00 24.65  ? 18  HIS A C     1 
ATOM   115  O  O     . HIS A 1 18  ? 1.341   -5.919  -0.615  1.00 23.68  ? 18  HIS A O     1 
ATOM   116  C  CB    . HIS A 1 18  ? 1.969   -3.734  1.692   1.00 25.48  ? 18  HIS A CB    1 
ATOM   117  C  CG    . HIS A 1 18  ? 1.434   -2.884  2.764   1.00 31.83  ? 18  HIS A CG    1 
ATOM   118  N  ND1   . HIS A 1 18  ? 2.196   -2.217  3.688   1.00 36.22  ? 18  HIS A ND1   1 
ATOM   119  C  CD2   . HIS A 1 18  ? 0.140   -2.592  3.078   1.00 35.88  ? 18  HIS A CD2   1 
ATOM   120  C  CE1   . HIS A 1 18  ? 1.405   -1.554  4.530   1.00 34.81  ? 18  HIS A CE1   1 
ATOM   121  N  NE2   . HIS A 1 18  ? 0.155   -1.774  4.183   1.00 35.13  ? 18  HIS A NE2   1 
ATOM   122  N  N     . LEU A 1 19  ? 3.279   -6.220  0.530   1.00 25.63  ? 19  LEU A N     1 
ATOM   123  C  CA    . LEU A 1 19  ? 3.986   -6.851  -0.576  1.00 25.04  ? 19  LEU A CA    1 
ATOM   124  C  C     . LEU A 1 19  ? 3.333   -8.138  -1.016  1.00 24.99  ? 19  LEU A C     1 
ATOM   125  O  O     . LEU A 1 19  ? 3.284   -8.392  -2.207  1.00 24.87  ? 19  LEU A O     1 
ATOM   126  C  CB    . LEU A 1 19  ? 5.464   -7.071  -0.194  1.00 31.90  ? 19  LEU A CB    1 
ATOM   127  C  CG    . LEU A 1 19  ? 6.254   -5.735  -0.232  1.00 35.53  ? 19  LEU A CG    1 
ATOM   128  C  CD1   . LEU A 1 19  ? 7.611   -5.898  0.402   1.00 35.95  ? 19  LEU A CD1   1 
ATOM   129  C  CD2   . LEU A 1 19  ? 6.334   -5.239  -1.670  1.00 32.99  ? 19  LEU A CD2   1 
ATOM   130  N  N     . ASP A 1 20  ? 2.798   -8.921  -0.075  1.00 24.46  ? 20  ASP A N     1 
ATOM   131  C  CA    . ASP A 1 20  ? 2.079   -10.151 -0.449  1.00 24.81  ? 20  ASP A CA    1 
ATOM   132  C  C     . ASP A 1 20  ? 0.860   -9.784  -1.318  1.00 23.82  ? 20  ASP A C     1 
ATOM   133  O  O     . ASP A 1 20  ? 0.568   -10.472 -2.290  1.00 25.07  ? 20  ASP A O     1 
ATOM   134  C  CB    . ASP A 1 20  ? 1.614   -10.876 0.823   1.00 20.93  ? 20  ASP A CB    1 
ATOM   135  C  CG    . ASP A 1 20  ? 0.943   -12.208 0.520   1.00 26.20  ? 20  ASP A CG    1 
ATOM   136  O  OD1   . ASP A 1 20  ? -0.248  -12.413 0.868   1.00 25.59  ? 20  ASP A OD1   1 
ATOM   137  O  OD2   . ASP A 1 20  ? 1.583   -13.069 -0.113  1.00 26.43  ? 20  ASP A OD2   1 
ATOM   138  N  N     . ILE A 1 21  ? 0.114   -8.749  -0.938  1.00 23.80  ? 21  ILE A N     1 
ATOM   139  C  CA    . ILE A 1 21  ? -1.063  -8.310  -1.725  1.00 23.45  ? 21  ILE A CA    1 
ATOM   140  C  C     . ILE A 1 21  ? -0.613  -7.827  -3.108  1.00 23.16  ? 21  ILE A C     1 
ATOM   141  O  O     . ILE A 1 21  ? -1.186  -8.216  -4.126  1.00 21.58  ? 21  ILE A O     1 
ATOM   142  C  CB    . ILE A 1 21  ? -1.805  -7.181  -0.998  1.00 23.73  ? 21  ILE A CB    1 
ATOM   143  C  CG1   . ILE A 1 21  ? -2.254  -7.675  0.393   1.00 23.55  ? 21  ILE A CG1   1 
ATOM   144  C  CG2   . ILE A 1 21  ? -3.027  -6.668  -1.757  1.00 20.75  ? 21  ILE A CG2   1 
ATOM   145  C  CD1   . ILE A 1 21  ? -3.219  -8.855  0.363   1.00 19.25  ? 21  ILE A CD1   1 
ATOM   146  N  N     . ILE A 1 22  ? 0.423   -6.985  -3.131  1.00 22.18  ? 22  ILE A N     1 
ATOM   147  C  CA    . ILE A 1 22  ? 0.979   -6.487  -4.381  1.00 23.59  ? 22  ILE A CA    1 
ATOM   148  C  C     . ILE A 1 22  ? 1.437   -7.614  -5.293  1.00 21.66  ? 22  ILE A C     1 
ATOM   149  O  O     . ILE A 1 22  ? 0.978   -7.686  -6.439  1.00 21.59  ? 22  ILE A O     1 
ATOM   150  C  CB    . ILE A 1 22  ? 2.118   -5.471  -4.151  1.00 24.57  ? 22  ILE A CB    1 
ATOM   151  C  CG1   . ILE A 1 22  ? 1.546   -4.179  -3.565  1.00 24.03  ? 22  ILE A CG1   1 
ATOM   152  C  CG2   . ILE A 1 22  ? 2.836   -5.168  -5.469  1.00 26.18  ? 22  ILE A CG2   1 
ATOM   153  C  CD1   . ILE A 1 22  ? 2.609   -3.345  -2.840  1.00 23.73  ? 22  ILE A CD1   1 
ATOM   154  N  N     . LYS A 1 23  ? 2.231   -8.566  -4.814  1.00 20.53  ? 23  LYS A N     1 
ATOM   155  C  CA    . LYS A 1 23  ? 2.644   -9.681  -5.681  1.00 23.01  ? 23  LYS A CA    1 
ATOM   156  C  C     . LYS A 1 23  ? 1.502   -10.573 -6.126  1.00 22.51  ? 23  LYS A C     1 
ATOM   157  O  O     . LYS A 1 23  ? 1.493   -11.030 -7.278  1.00 22.94  ? 23  LYS A O     1 
ATOM   158  C  CB    . LYS A 1 23  ? 3.753   -10.482 -4.992  1.00 28.13  ? 23  LYS A CB    1 
ATOM   159  C  CG    . LYS A 1 23  ? 4.886   -9.509  -4.571  1.00 33.17  ? 23  LYS A CG    1 
ATOM   160  C  CD    . LYS A 1 23  ? 6.197   -10.237 -4.445  1.00 41.15  ? 23  LYS A CD    1 
ATOM   161  C  CE    . LYS A 1 23  ? 6.197   -11.280 -3.352  1.00 41.19  ? 23  LYS A CE    1 
ATOM   162  N  NZ    . LYS A 1 23  ? 7.601   -11.578 -2.913  1.00 47.35  ? 23  LYS A NZ    1 
ATOM   163  N  N     . ARG A 1 24  ? 0.492   -10.799 -5.286  1.00 21.93  ? 24  ARG A N     1 
ATOM   164  C  CA    . ARG A 1 24  ? -0.655  -11.621 -5.693  1.00 23.08  ? 24  ARG A CA    1 
ATOM   165  C  C     . ARG A 1 24  ? -1.406  -10.905 -6.810  1.00 24.60  ? 24  ARG A C     1 
ATOM   166  O  O     . ARG A 1 24  ? -1.886  -11.517 -7.761  1.00 23.87  ? 24  ARG A O     1 
ATOM   167  C  CB    . ARG A 1 24  ? -1.566  -11.909 -4.487  1.00 21.64  ? 24  ARG A CB    1 
ATOM   168  C  CG    . ARG A 1 24  ? -0.994  -13.039 -3.597  1.00 21.57  ? 24  ARG A CG    1 
ATOM   169  C  CD    . ARG A 1 24  ? -1.542  -12.931 -2.160  1.00 22.49  ? 24  ARG A CD    1 
ATOM   170  N  NE    . ARG A 1 24  ? -2.983  -13.272 -2.109  1.00 22.19  ? 24  ARG A NE    1 
ATOM   171  C  CZ    . ARG A 1 24  ? -3.764  -13.135 -1.048  1.00 18.73  ? 24  ARG A CZ    1 
ATOM   172  N  NH1   . ARG A 1 24  ? -3.298  -12.662 0.116   1.00 14.74  ? 24  ARG A NH1   1 
ATOM   173  N  NH2   . ARG A 1 24  ? -5.050  -13.472 -1.117  1.00 17.73  ? 24  ARG A NH2   1 
ATOM   174  N  N     . GLY A 1 25  ? -1.546  -9.573  -6.686  1.00 24.76  ? 25  GLY A N     1 
ATOM   175  C  CA    . GLY A 1 25  ? -2.209  -8.783  -7.703  1.00 25.18  ? 25  GLY A CA    1 
ATOM   176  C  C     . GLY A 1 25  ? -1.415  -8.811  -9.015  1.00 26.11  ? 25  GLY A C     1 
ATOM   177  O  O     . GLY A 1 25  ? -2.008  -9.112  -10.063 1.00 26.39  ? 25  GLY A O     1 
ATOM   178  N  N     . ALA A 1 26  ? -0.100  -8.691  -8.958  1.00 25.04  ? 26  ALA A N     1 
ATOM   179  C  CA    . ALA A 1 26  ? 0.752   -8.698  -10.137 1.00 27.81  ? 26  ALA A CA    1 
ATOM   180  C  C     . ALA A 1 26  ? 0.778   -10.059 -10.800 1.00 28.76  ? 26  ALA A C     1 
ATOM   181  O  O     . ALA A 1 26  ? 1.016   -10.173 -11.999 1.00 28.95  ? 26  ALA A O     1 
ATOM   182  C  CB    . ALA A 1 26  ? 2.184   -8.227  -9.842  1.00 24.88  ? 26  ALA A CB    1 
ATOM   183  N  N     . HIS A 1 27  ? 0.477   -11.109 -10.030 1.00 29.42  ? 27  HIS A N     1 
ATOM   184  C  CA    . HIS A 1 27  ? 0.416   -12.444 -10.631 1.00 29.59  ? 27  HIS A CA    1 
ATOM   185  C  C     . HIS A 1 27  ? -0.851  -12.582 -11.457 1.00 29.83  ? 27  HIS A C     1 
ATOM   186  O  O     . HIS A 1 27  ? -0.867  -13.320 -12.441 1.00 30.30  ? 27  HIS A O     1 
ATOM   187  C  CB    . HIS A 1 27  ? 0.463   -13.518 -9.532  1.00 29.80  ? 27  HIS A CB    1 
ATOM   188  C  CG    . HIS A 1 27  ? -0.166  -14.813 -9.916  1.00 34.81  ? 27  HIS A CG    1 
ATOM   189  N  ND1   . HIS A 1 27  ? 0.394   -15.664 -10.864 1.00 37.25  ? 27  HIS A ND1   1 
ATOM   190  C  CD2   . HIS A 1 27  ? -1.296  -15.424 -9.484  1.00 35.64  ? 27  HIS A CD2   1 
ATOM   191  C  CE1   . HIS A 1 27  ? -0.374  -16.732 -10.987 1.00 37.03  ? 27  HIS A CE1   1 
ATOM   192  N  NE2   . HIS A 1 27  ? -1.409  -16.609 -10.164 1.00 37.49  ? 27  HIS A NE2   1 
ATOM   193  N  N     . ILE A 1 28  ? -1.957  -11.949 -11.054 1.00 29.29  ? 28  ILE A N     1 
ATOM   194  C  CA    . ILE A 1 28  ? -3.204  -12.069 -11.780 1.00 28.65  ? 28  ILE A CA    1 
ATOM   195  C  C     . ILE A 1 28  ? -3.326  -11.141 -12.978 1.00 29.50  ? 28  ILE A C     1 
ATOM   196  O  O     . ILE A 1 28  ? -3.859  -11.500 -14.037 1.00 26.72  ? 28  ILE A O     1 
ATOM   197  C  CB    . ILE A 1 28  ? -4.406  -11.792 -10.830 1.00 30.83  ? 28  ILE A CB    1 
ATOM   198  C  CG1   . ILE A 1 28  ? -4.474  -12.837 -9.731  1.00 30.20  ? 28  ILE A CG1   1 
ATOM   199  C  CG2   . ILE A 1 28  ? -5.702  -11.729 -11.627 1.00 29.42  ? 28  ILE A CG2   1 
ATOM   200  C  CD1   . ILE A 1 28  ? -4.689  -14.263 -10.126 1.00 26.69  ? 28  ILE A CD1   1 
ATOM   201  N  N     . PHE A 1 29  ? -2.903  -9.886  -12.809 1.00 29.83  ? 29  PHE A N     1 
ATOM   202  C  CA    . PHE A 1 29  ? -3.017  -8.896  -13.874 1.00 30.64  ? 29  PHE A CA    1 
ATOM   203  C  C     . PHE A 1 29  ? -1.708  -8.728  -14.645 1.00 31.29  ? 29  PHE A C     1 
ATOM   204  O  O     . PHE A 1 29  ? -0.629  -8.955  -14.102 1.00 30.31  ? 29  PHE A O     1 
ATOM   205  C  CB    . PHE A 1 29  ? -3.492  -7.570  -13.307 1.00 30.82  ? 29  PHE A CB    1 
ATOM   206  C  CG    . PHE A 1 29  ? -4.870  -7.619  -12.700 1.00 33.10  ? 29  PHE A CG    1 
ATOM   207  C  CD1   . PHE A 1 29  ? -5.043  -8.007  -11.381 1.00 32.45  ? 29  PHE A CD1   1 
ATOM   208  C  CD2   . PHE A 1 29  ? -5.978  -7.241  -13.435 1.00 31.96  ? 29  PHE A CD2   1 
ATOM   209  C  CE1   . PHE A 1 29  ? -6.312  -8.071  -10.830 1.00 33.22  ? 29  PHE A CE1   1 
ATOM   210  C  CE2   . PHE A 1 29  ? -7.244  -7.290  -12.885 1.00 34.36  ? 29  PHE A CE2   1 
ATOM   211  C  CZ    . PHE A 1 29  ? -7.414  -7.710  -11.575 1.00 32.21  ? 29  PHE A CZ    1 
ATOM   212  N  N     . GLU A 1 30  ? -1.826  -8.319  -15.911 1.00 30.86  ? 30  GLU A N     1 
ATOM   213  C  CA    . GLU A 1 30  ? -0.642  -8.137  -16.758 1.00 31.39  ? 30  GLU A CA    1 
ATOM   214  C  C     . GLU A 1 30  ? 0.175   -6.937  -16.309 1.00 29.00  ? 30  GLU A C     1 
ATOM   215  O  O     . GLU A 1 30  ? 1.396   -6.929  -16.361 1.00 27.80  ? 30  GLU A O     1 
ATOM   216  C  CB    . GLU A 1 30  ? -1.087  -7.932  -18.217 1.00 35.61  ? 30  GLU A CB    1 
ATOM   217  C  CG    . GLU A 1 30  ? -1.948  -9.091  -18.710 1.00 42.51  ? 30  GLU A CG    1 
ATOM   218  N  N     . GLN A 1 31  ? -0.517  -5.879  -15.892 1.00 27.95  ? 31  GLN A N     1 
ATOM   219  C  CA    . GLN A 1 31  ? 0.192   -4.707  -15.379 1.00 27.75  ? 31  GLN A CA    1 
ATOM   220  C  C     . GLN A 1 31  ? -0.475  -4.234  -14.083 1.00 28.32  ? 31  GLN A C     1 
ATOM   221  O  O     . GLN A 1 31  ? -1.716  -4.102  -14.031 1.00 27.33  ? 31  GLN A O     1 
ATOM   222  C  CB    . GLN A 1 31  ? 0.208   -3.566  -16.387 1.00 27.60  ? 31  GLN A CB    1 
ATOM   223  C  CG    . GLN A 1 31  ? 0.792   -2.272  -15.835 1.00 34.32  ? 31  GLN A CG    1 
ATOM   224  C  CD    . GLN A 1 31  ? 2.292   -2.417  -15.561 1.00 41.01  ? 31  GLN A CD    1 
ATOM   225  O  OE1   . GLN A 1 31  ? 2.955   -3.232  -16.236 1.00 42.67  ? 31  GLN A OE1   1 
ATOM   226  N  NE2   . GLN A 1 31  ? 2.808   -1.658  -14.604 1.00 32.11  ? 31  GLN A NE2   1 
ATOM   227  N  N     . VAL A 1 32  ? 0.345   -3.903  -13.094 1.00 24.66  ? 32  VAL A N     1 
ATOM   228  C  CA    . VAL A 1 32  ? -0.122  -3.410  -11.839 1.00 25.00  ? 32  VAL A CA    1 
ATOM   229  C  C     . VAL A 1 32  ? 0.574   -2.097  -11.473 1.00 25.68  ? 32  VAL A C     1 
ATOM   230  O  O     . VAL A 1 32  ? 1.814   -2.019  -11.464 1.00 27.09  ? 32  VAL A O     1 
ATOM   231  C  CB    . VAL A 1 32  ? 0.034   -4.409  -10.665 1.00 25.45  ? 32  VAL A CB    1 
ATOM   232  C  CG1   . VAL A 1 32  ? -0.206  -3.699  -9.329  1.00 22.97  ? 32  VAL A CG1   1 
ATOM   233  C  CG2   . VAL A 1 32  ? -0.926  -5.583  -10.798 1.00 24.19  ? 32  VAL A CG2   1 
ATOM   234  N  N     . TYR A 1 33  ? -0.209  -1.092  -11.166 1.00 24.56  ? 33  TYR A N     1 
ATOM   235  C  CA    . TYR A 1 33  ? 0.277   0.209   -10.749 1.00 25.86  ? 33  TYR A CA    1 
ATOM   236  C  C     . TYR A 1 33  ? 0.110   0.342   -9.227  1.00 26.94  ? 33  TYR A C     1 
ATOM   237  O  O     . TYR A 1 33  ? -1.017  0.248   -8.711  1.00 29.06  ? 33  TYR A O     1 
ATOM   238  C  CB    . TYR A 1 33  ? -0.475  1.341   -11.449 1.00 25.59  ? 33  TYR A CB    1 
ATOM   239  C  CG    . TYR A 1 33  ? -0.103  1.475   -12.927 1.00 27.30  ? 33  TYR A CG    1 
ATOM   240  C  CD1   . TYR A 1 33  ? -0.856  0.821   -13.889 1.00 29.56  ? 33  TYR A CD1   1 
ATOM   241  C  CD2   . TYR A 1 33  ? 0.970   2.226   -13.341 1.00 28.01  ? 33  TYR A CD2   1 
ATOM   242  C  CE1   . TYR A 1 33  ? -0.540  0.929   -15.235 1.00 31.81  ? 33  TYR A CE1   1 
ATOM   243  C  CE2   . TYR A 1 33  ? 1.322   2.328   -14.683 1.00 30.51  ? 33  TYR A CE2   1 
ATOM   244  C  CZ    . TYR A 1 33  ? 0.552   1.677   -15.620 1.00 32.57  ? 33  TYR A CZ    1 
ATOM   245  O  OH    . TYR A 1 33  ? 0.875   1.748   -16.961 1.00 35.50  ? 33  TYR A OH    1 
ATOM   246  N  N     . VAL A 1 34  ? 1.213   0.511   -8.528  1.00 25.72  ? 34  VAL A N     1 
ATOM   247  C  CA    . VAL A 1 34  ? 1.172   0.710   -7.076  1.00 25.28  ? 34  VAL A CA    1 
ATOM   248  C  C     . VAL A 1 34  ? 1.110   2.218   -6.856  1.00 24.79  ? 34  VAL A C     1 
ATOM   249  O  O     . VAL A 1 34  ? 2.000   2.953   -7.264  1.00 24.11  ? 34  VAL A O     1 
ATOM   250  C  CB    . VAL A 1 34  ? 2.356   0.071   -6.354  1.00 25.79  ? 34  VAL A CB    1 
ATOM   251  C  CG1   . VAL A 1 34  ? 2.282   0.300   -4.849  1.00 21.30  ? 34  VAL A CG1   1 
ATOM   252  C  CG2   . VAL A 1 34  ? 2.401   -1.437  -6.625  1.00 21.90  ? 34  VAL A CG2   1 
ATOM   253  N  N     . CYS A 1 35  ? 0.014   2.701   -6.295  1.00 24.25  ? 35  CYS A N     1 
ATOM   254  C  CA    . CYS A 1 35  ? -0.166  4.143   -6.137  1.00 25.77  ? 35  CYS A CA    1 
ATOM   255  C  C     . CYS A 1 35  ? -0.053  4.600   -4.701  1.00 26.40  ? 35  CYS A C     1 
ATOM   256  O  O     . CYS A 1 35  ? -0.877  4.179   -3.872  1.00 26.93  ? 35  CYS A O     1 
ATOM   257  C  CB    . CYS A 1 35  ? -1.633  4.459   -6.624  1.00 24.20  ? 35  CYS A CB    1 
ATOM   258  S  SG    . CYS A 1 35  ? -1.804  6.244   -6.926  1.00 34.88  ? 35  CYS A SG    1 
ATOM   259  N  N     . VAL A 1 36  ? 0.890   5.481   -4.384  1.00 27.76  ? 36  VAL A N     1 
ATOM   260  C  CA    . VAL A 1 36  ? 1.000   5.907   -2.969  1.00 32.49  ? 36  VAL A CA    1 
ATOM   261  C  C     . VAL A 1 36  ? -0.028  7.000   -2.754  1.00 36.47  ? 36  VAL A C     1 
ATOM   262  O  O     . VAL A 1 36  ? 0.034   8.025   -3.432  1.00 36.76  ? 36  VAL A O     1 
ATOM   263  C  CB    . VAL A 1 36  ? 2.417   6.340   -2.598  1.00 31.11  ? 36  VAL A CB    1 
ATOM   264  C  CG1   . VAL A 1 36  ? 2.493   6.861   -1.178  1.00 27.59  ? 36  VAL A CG1   1 
ATOM   265  C  CG2   . VAL A 1 36  ? 3.371   5.147   -2.751  1.00 25.55  ? 36  VAL A CG2   1 
ATOM   266  N  N     . LEU A 1 37  ? -1.062  6.716   -1.959  1.00 39.57  ? 37  LEU A N     1 
ATOM   267  C  CA    . LEU A 1 37  ? -2.096  7.749   -1.817  1.00 44.83  ? 37  LEU A CA    1 
ATOM   268  C  C     . LEU A 1 37  ? -1.784  8.634   -0.628  1.00 47.92  ? 37  LEU A C     1 
ATOM   269  O  O     . LEU A 1 37  ? -1.730  8.221   0.510   1.00 49.52  ? 37  LEU A O     1 
ATOM   270  C  CB    . LEU A 1 37  ? -3.507  7.215   -1.819  1.00 44.27  ? 37  LEU A CB    1 
ATOM   271  C  CG    . LEU A 1 37  ? -4.131  6.872   -3.188  1.00 46.47  ? 37  LEU A CG    1 
ATOM   272  N  N     . ASN A 1 38  ? -1.621  9.916   -0.929  1.00 51.67  ? 38  ASN A N     1 
ATOM   273  C  CA    . ASN A 1 38  ? -1.310  10.933  0.076   1.00 55.38  ? 38  ASN A CA    1 
ATOM   274  C  C     . ASN A 1 38  ? -2.479  11.017  1.056   1.00 58.01  ? 38  ASN A C     1 
ATOM   275  O  O     . ASN A 1 38  ? -2.295  11.236  2.252   1.00 58.79  ? 38  ASN A O     1 
ATOM   276  C  CB    A ASN A 1 38  ? -1.036  12.282  -0.560  0.65 56.87  ? 38  ASN A CB    1 
ATOM   277  C  CB    B ASN A 1 38  ? -1.031  12.247  -0.615  0.35 53.51  ? 38  ASN A CB    1 
ATOM   278  C  CG    A ASN A 1 38  ? -0.630  13.399  0.364   0.65 58.72  ? 38  ASN A CG    1 
ATOM   279  C  CG    B ASN A 1 38  ? -0.265  12.195  -1.908  0.35 52.44  ? 38  ASN A CG    1 
ATOM   280  O  OD1   A ASN A 1 38  ? 0.429   14.030  0.181   0.65 58.14  ? 38  ASN A OD1   1 
ATOM   281  O  OD1   B ASN A 1 38  ? 0.259   13.249  -2.322  0.35 51.48  ? 38  ASN A OD1   1 
ATOM   282  N  ND2   A ASN A 1 38  ? -1.456  13.714  1.357   0.65 58.61  ? 38  ASN A ND2   1 
ATOM   283  N  ND2   B ASN A 1 38  ? -0.160  11.080  -2.611  0.35 52.25  ? 38  ASN A ND2   1 
ATOM   284  N  N     . ASN A 1 39  ? -3.687  10.818  0.538   1.00 60.39  ? 39  ASN A N     1 
ATOM   285  C  CA    . ASN A 1 39  ? -4.903  10.827  1.321   1.00 61.59  ? 39  ASN A CA    1 
ATOM   286  C  C     . ASN A 1 39  ? -4.682  10.178  2.684   1.00 62.80  ? 39  ASN A C     1 
ATOM   287  O  O     . ASN A 1 39  ? -3.865  9.277   2.839   1.00 61.94  ? 39  ASN A O     1 
ATOM   288  C  CB    . ASN A 1 39  ? -6.030  10.093  0.581   1.00 63.44  ? 39  ASN A CB    1 
ATOM   289  N  N     . SER A 1 40  ? -5.445  10.665  3.683   1.00 64.16  ? 40  SER A N     1 
ATOM   290  C  CA    . SER A 1 40  ? -5.291  10.103  5.008   1.00 64.81  ? 40  SER A CA    1 
ATOM   291  C  C     . SER A 1 40  ? -6.170  10.697  6.087   1.00 65.08  ? 40  SER A C     1 
ATOM   292  O  O     . SER A 1 40  ? -6.485  11.878  6.153   1.00 65.58  ? 40  SER A O     1 
ATOM   293  C  CB    . SER A 1 40  ? -3.814  10.287  5.476   1.00 66.48  ? 40  SER A CB    1 
ATOM   294  N  N     . SER A 1 41  ? -6.461  9.814   7.061   1.00 64.57  ? 41  SER A N     1 
ATOM   295  C  CA    . SER A 1 41  ? -7.195  10.253  8.249   1.00 63.18  ? 41  SER A CA    1 
ATOM   296  C  C     . SER A 1 41  ? -6.145  10.282  9.383   1.00 62.52  ? 41  SER A C     1 
ATOM   297  O  O     . SER A 1 41  ? -6.463  10.079  10.539  1.00 62.14  ? 41  SER A O     1 
ATOM   298  C  CB    . SER A 1 41  ? -8.357  9.354   8.585   1.00 64.16  ? 41  SER A CB    1 
ATOM   299  N  N     . LYS A 1 42  ? -4.878  10.483  8.983   1.00 61.68  ? 42  LYS A N     1 
ATOM   300  C  CA    . LYS A 1 42  ? -3.769  10.530  9.918   1.00 60.48  ? 42  LYS A CA    1 
ATOM   301  C  C     . LYS A 1 42  ? -2.464  11.021  9.302   1.00 58.41  ? 42  LYS A C     1 
ATOM   302  O  O     . LYS A 1 42  ? -2.257  10.921  8.091   1.00 59.89  ? 42  LYS A O     1 
ATOM   303  C  CB    . LYS A 1 42  ? -3.549  9.138   10.539  1.00 64.93  ? 42  LYS A CB    1 
ATOM   304  C  CG    . LYS A 1 42  ? -2.665  9.194   11.785  1.00 68.16  ? 42  LYS A CG    1 
ATOM   305  C  CD    . LYS A 1 42  ? -2.713  7.872   12.543  1.00 69.46  ? 42  LYS A CD    1 
ATOM   306  C  CE    . LYS A 1 42  ? -1.307  7.280   12.648  1.00 70.64  ? 42  LYS A CE    1 
ATOM   307  N  NZ    . LYS A 1 42  ? -0.765  6.952   11.289  1.00 71.49  ? 42  LYS A NZ    1 
ATOM   308  N  N     . LYS A 1 43  ? -1.560  11.537  10.123  1.00 55.75  ? 43  LYS A N     1 
ATOM   309  C  CA    . LYS A 1 43  ? -0.276  12.063  9.666   1.00 52.71  ? 43  LYS A CA    1 
ATOM   310  C  C     . LYS A 1 43  ? 0.737   10.930  9.456   1.00 48.74  ? 43  LYS A C     1 
ATOM   311  O  O     . LYS A 1 43  ? 0.986   10.151  10.370  1.00 49.05  ? 43  LYS A O     1 
ATOM   312  C  CB    . LYS A 1 43  ? 0.272   13.067  10.683  1.00 55.59  ? 43  LYS A CB    1 
ATOM   313  N  N     . PRO A 1 44  ? 1.260   10.827  8.251   1.00 45.83  ? 44  PRO A N     1 
ATOM   314  C  CA    . PRO A 1 44  ? 2.191   9.790   7.874   1.00 44.58  ? 44  PRO A CA    1 
ATOM   315  C  C     . PRO A 1 44  ? 3.597   9.981   8.395   1.00 42.06  ? 44  PRO A C     1 
ATOM   316  O  O     . PRO A 1 44  ? 4.127   11.095  8.465   1.00 41.88  ? 44  PRO A O     1 
ATOM   317  C  CB    . PRO A 1 44  ? 2.170   9.825   6.336   1.00 44.25  ? 44  PRO A CB    1 
ATOM   318  C  CG    . PRO A 1 44  ? 1.870   11.260  6.026   1.00 45.04  ? 44  PRO A CG    1 
ATOM   319  C  CD    . PRO A 1 44  ? 0.969   11.745  7.118   1.00 44.79  ? 44  PRO A CD    1 
ATOM   320  N  N     . LEU A 1 45  ? 4.227   8.856   8.743   1.00 39.75  ? 45  LEU A N     1 
ATOM   321  C  CA    . LEU A 1 45  ? 5.613   8.912   9.244   1.00 36.25  ? 45  LEU A CA    1 
ATOM   322  C  C     . LEU A 1 45  ? 6.553   9.323   8.122   1.00 34.04  ? 45  LEU A C     1 
ATOM   323  O  O     . LEU A 1 45  ? 7.441   10.146  8.322   1.00 33.72  ? 45  LEU A O     1 
ATOM   324  C  CB    . LEU A 1 45  ? 6.032   7.559   9.778   1.00 34.30  ? 45  LEU A CB    1 
ATOM   325  C  CG    . LEU A 1 45  ? 7.123   7.395   10.805  1.00 35.73  ? 45  LEU A CG    1 
ATOM   326  C  CD1   . LEU A 1 45  ? 8.022   6.218   10.477  1.00 32.13  ? 45  LEU A CD1   1 
ATOM   327  C  CD2   . LEU A 1 45  ? 7.891   8.634   11.149  1.00 36.27  ? 45  LEU A CD2   1 
ATOM   328  N  N     . PHE A 1 46  ? 6.400   8.718   6.947   1.00 31.81  ? 46  PHE A N     1 
ATOM   329  C  CA    . PHE A 1 46  ? 7.297   9.039   5.835   1.00 32.75  ? 46  PHE A CA    1 
ATOM   330  C  C     . PHE A 1 46  ? 6.619   9.960   4.829   1.00 33.45  ? 46  PHE A C     1 
ATOM   331  O  O     . PHE A 1 46  ? 5.387   9.938   4.709   1.00 31.76  ? 46  PHE A O     1 
ATOM   332  C  CB    . PHE A 1 46  ? 7.696   7.747   5.078   1.00 28.44  ? 46  PHE A CB    1 
ATOM   333  C  CG    . PHE A 1 46  ? 8.539   6.819   5.895   1.00 30.78  ? 46  PHE A CG    1 
ATOM   334  C  CD1   . PHE A 1 46  ? 7.975   5.796   6.632   1.00 27.43  ? 46  PHE A CD1   1 
ATOM   335  C  CD2   . PHE A 1 46  ? 9.926   6.983   5.923   1.00 31.05  ? 46  PHE A CD2   1 
ATOM   336  C  CE1   . PHE A 1 46  ? 8.764   4.942   7.383   1.00 27.28  ? 46  PHE A CE1   1 
ATOM   337  C  CE2   . PHE A 1 46  ? 10.720  6.115   6.666   1.00 28.65  ? 46  PHE A CE2   1 
ATOM   338  C  CZ    . PHE A 1 46  ? 10.140  5.110   7.394   1.00 27.30  ? 46  PHE A CZ    1 
ATOM   339  N  N     . SER A 1 47  ? 7.420   10.687  4.064   1.00 33.18  ? 47  SER A N     1 
ATOM   340  C  CA    . SER A 1 47  ? 6.759   11.533  3.037   1.00 37.01  ? 47  SER A CA    1 
ATOM   341  C  C     . SER A 1 47  ? 6.316   10.624  1.889   1.00 37.62  ? 47  SER A C     1 
ATOM   342  O  O     . SER A 1 47  ? 6.700   9.447   1.809   1.00 36.84  ? 47  SER A O     1 
ATOM   343  C  CB    . SER A 1 47  ? 7.710   12.605  2.519   1.00 35.48  ? 47  SER A CB    1 
ATOM   344  O  OG    . SER A 1 47  ? 8.844   12.005  1.914   1.00 35.52  ? 47  SER A OG    1 
ATOM   345  N  N     . VAL A 1 48  ? 5.581   11.206  0.949   1.00 37.89  ? 48  VAL A N     1 
ATOM   346  C  CA    . VAL A 1 48  ? 5.092   10.467  -0.214  1.00 38.20  ? 48  VAL A CA    1 
ATOM   347  C  C     . VAL A 1 48  ? 6.249   9.971   -1.059  1.00 37.89  ? 48  VAL A C     1 
ATOM   348  O  O     . VAL A 1 48  ? 6.269   8.823   -1.512  1.00 37.05  ? 48  VAL A O     1 
ATOM   349  C  CB    . VAL A 1 48  ? 4.132   11.323  -1.067  1.00 40.17  ? 48  VAL A CB    1 
ATOM   350  C  CG1   . VAL A 1 48  ? 3.957   10.767  -2.464  1.00 40.18  ? 48  VAL A CG1   1 
ATOM   351  C  CG2   . VAL A 1 48  ? 2.769   11.370  -0.360  1.00 40.98  ? 48  VAL A CG2   1 
ATOM   352  N  N     . GLU A 1 49  ? 7.237   10.824  -1.226  1.00 37.60  ? 49  GLU A N     1 
ATOM   353  C  CA    . GLU A 1 49  ? 8.418   10.534  -2.027  1.00 37.32  ? 49  GLU A CA    1 
ATOM   354  C  C     . GLU A 1 49  ? 9.273   9.450   -1.400  1.00 36.77  ? 49  GLU A C     1 
ATOM   355  O  O     . GLU A 1 49  ? 9.802   8.603   -2.124  1.00 37.51  ? 49  GLU A O     1 
ATOM   356  C  CB    . GLU A 1 49  ? 9.190   11.832  -2.263  1.00 38.71  ? 49  GLU A CB    1 
ATOM   357  C  CG    . GLU A 1 49  ? 10.574  11.649  -2.861  1.00 44.24  ? 49  GLU A CG    1 
ATOM   358  N  N     . GLU A 1 50  ? 9.385   9.427   -0.070  1.00 34.88  ? 50  GLU A N     1 
ATOM   359  C  CA    . GLU A 1 50  ? 10.151  8.391   0.606   1.00 33.79  ? 50  GLU A CA    1 
ATOM   360  C  C     . GLU A 1 50  ? 9.440   7.036   0.458   1.00 33.04  ? 50  GLU A C     1 
ATOM   361  O  O     . GLU A 1 50  ? 10.067  6.020   0.169   1.00 31.58  ? 50  GLU A O     1 
ATOM   362  C  CB    . GLU A 1 50  ? 10.285  8.726   2.107   1.00 33.37  ? 50  GLU A CB    1 
ATOM   363  C  CG    . GLU A 1 50  ? 11.082  9.997   2.346   1.00 34.87  ? 50  GLU A CG    1 
ATOM   364  C  CD    . GLU A 1 50  ? 11.232  10.460  3.756   1.00 35.22  ? 50  GLU A CD    1 
ATOM   365  O  OE1   . GLU A 1 50  ? 12.302  11.049  4.074   1.00 41.70  ? 50  GLU A OE1   1 
ATOM   366  O  OE2   . GLU A 1 50  ? 10.343  10.321  4.619   1.00 40.01  ? 50  GLU A OE2   1 
ATOM   367  N  N     . ARG A 1 51  ? 8.119   7.063   0.605   1.00 31.24  ? 51  ARG A N     1 
ATOM   368  C  CA    . ARG A 1 51  ? 7.294   5.868   0.511   1.00 32.65  ? 51  ARG A CA    1 
ATOM   369  C  C     . ARG A 1 51  ? 7.334   5.276   -0.888  1.00 32.35  ? 51  ARG A C     1 
ATOM   370  O  O     . ARG A 1 51  ? 7.578   4.096   -1.072  1.00 31.15  ? 51  ARG A O     1 
ATOM   371  C  CB    . ARG A 1 51  ? 5.862   6.149   0.964   1.00 32.54  ? 51  ARG A CB    1 
ATOM   372  C  CG    . ARG A 1 51  ? 5.778   6.361   2.474   1.00 30.75  ? 51  ARG A CG    1 
ATOM   373  C  CD    . ARG A 1 51  ? 4.356   6.681   2.888   1.00 31.74  ? 51  ARG A CD    1 
ATOM   374  N  NE    . ARG A 1 51  ? 4.059   8.099   2.779   1.00 33.87  ? 51  ARG A NE    1 
ATOM   375  C  CZ    . ARG A 1 51  ? 2.816   8.572   2.628   1.00 31.97  ? 51  ARG A CZ    1 
ATOM   376  N  NH1   . ARG A 1 51  ? 1.790   7.738   2.549   1.00 30.48  ? 51  ARG A NH1   1 
ATOM   377  N  NH2   . ARG A 1 51  ? 2.611   9.864   2.576   1.00 31.35  ? 51  ARG A NH2   1 
ATOM   378  N  N     . CYS A 1 52  ? 7.339   6.148   -1.878  1.00 33.71  ? 52  CYS A N     1 
ATOM   379  C  CA    . CYS A 1 52  ? 7.425   5.764   -3.285  1.00 34.43  ? 52  CYS A CA    1 
ATOM   380  C  C     . CYS A 1 52  ? 8.755   5.082   -3.580  1.00 33.84  ? 52  CYS A C     1 
ATOM   381  O  O     . CYS A 1 52  ? 8.800   4.055   -4.264  1.00 33.55  ? 52  CYS A O     1 
ATOM   382  C  CB    . CYS A 1 52  ? 7.325   7.054   -4.100  1.00 40.39  ? 52  CYS A CB    1 
ATOM   383  S  SG    . CYS A 1 52  ? 6.327   7.112   -5.544  1.00 47.96  ? 52  CYS A SG    1 
ATOM   384  N  N     . GLU A 1 53  ? 9.861   5.674   -3.121  1.00 32.47  ? 53  GLU A N     1 
ATOM   385  C  CA    . GLU A 1 53  ? 11.189  5.117   -3.366  1.00 32.36  ? 53  GLU A CA    1 
ATOM   386  C  C     . GLU A 1 53  ? 11.383  3.805   -2.647  1.00 29.95  ? 53  GLU A C     1 
ATOM   387  O  O     . GLU A 1 53  ? 11.936  2.851   -3.208  1.00 31.25  ? 53  GLU A O     1 
ATOM   388  C  CB    . GLU A 1 53  ? 12.311  6.111   -3.024  1.00 33.43  ? 53  GLU A CB    1 
ATOM   389  N  N     . LEU A 1 54  ? 10.859  3.699   -1.422  1.00 29.28  ? 54  LEU A N     1 
ATOM   390  C  CA    . LEU A 1 54  ? 10.942  2.392   -0.726  1.00 27.53  ? 54  LEU A CA    1 
ATOM   391  C  C     . LEU A 1 54  ? 10.228  1.342   -1.560  1.00 26.89  ? 54  LEU A C     1 
ATOM   392  O  O     . LEU A 1 54  ? 10.744  0.263   -1.851  1.00 26.01  ? 54  LEU A O     1 
ATOM   393  C  CB    . LEU A 1 54  ? 10.278  2.518   0.655   1.00 25.70  ? 54  LEU A CB    1 
ATOM   394  C  CG    . LEU A 1 54  ? 11.157  3.152   1.734   1.00 26.98  ? 54  LEU A CG    1 
ATOM   395  C  CD1   . LEU A 1 54  ? 10.418  3.205   3.076   1.00 26.31  ? 54  LEU A CD1   1 
ATOM   396  C  CD2   . LEU A 1 54  ? 12.477  2.388   1.875   1.00 23.45  ? 54  LEU A CD2   1 
ATOM   397  N  N     . LEU A 1 55  ? 9.023   1.710   -2.037  1.00 26.54  ? 55  LEU A N     1 
ATOM   398  C  CA    . LEU A 1 55  ? 8.245   0.817   -2.870  1.00 26.55  ? 55  LEU A CA    1 
ATOM   399  C  C     . LEU A 1 55  ? 8.966   0.463   -4.167  1.00 26.80  ? 55  LEU A C     1 
ATOM   400  O  O     . LEU A 1 55  ? 8.905   -0.696  -4.614  1.00 25.14  ? 55  LEU A O     1 
ATOM   401  C  CB    . LEU A 1 55  ? 6.885   1.420   -3.184  1.00 25.47  ? 55  LEU A CB    1 
ATOM   402  C  CG    . LEU A 1 55  ? 5.755   1.132   -2.191  1.00 25.78  ? 55  LEU A CG    1 
ATOM   403  C  CD1   . LEU A 1 55  ? 4.576   2.040   -2.544  1.00 27.27  ? 55  LEU A CD1   1 
ATOM   404  C  CD2   . LEU A 1 55  ? 5.365   -0.334  -2.269  1.00 24.78  ? 55  LEU A CD2   1 
ATOM   405  N  N     . ARG A 1 56  ? 9.604   1.444   -4.799  1.00 26.70  ? 56  ARG A N     1 
ATOM   406  C  CA    . ARG A 1 56  ? 10.328  1.139   -6.040  1.00 29.73  ? 56  ARG A CA    1 
ATOM   407  C  C     . ARG A 1 56  ? 11.433  0.122   -5.797  1.00 29.55  ? 56  ARG A C     1 
ATOM   408  O  O     . ARG A 1 56  ? 11.513  -0.850  -6.542  1.00 32.08  ? 56  ARG A O     1 
ATOM   409  C  CB    . ARG A 1 56  ? 10.950  2.403   -6.649  1.00 32.93  ? 56  ARG A CB    1 
ATOM   410  C  CG    . ARG A 1 56  ? 9.922   3.163   -7.465  1.00 40.33  ? 56  ARG A CG    1 
ATOM   411  C  CD    . ARG A 1 56  ? 10.573  4.324   -8.218  1.00 45.67  ? 56  ARG A CD    1 
ATOM   412  N  NE    . ARG A 1 56  ? 9.538   5.054   -8.969  1.00 47.87  ? 56  ARG A NE    1 
ATOM   413  C  CZ    . ARG A 1 56  ? 8.989   6.190   -8.578  1.00 50.28  ? 56  ARG A CZ    1 
ATOM   414  N  NH1   . ARG A 1 56  ? 8.067   6.752   -9.357  1.00 50.32  ? 56  ARG A NH1   1 
ATOM   415  N  NH2   . ARG A 1 56  ? 9.368   6.760   -7.431  1.00 51.51  ? 56  ARG A NH2   1 
ATOM   416  N  N     . GLU A 1 57  ? 12.246  0.337   -4.790  1.00 30.13  ? 57  GLU A N     1 
ATOM   417  C  CA    . GLU A 1 57  ? 13.334  -0.540  -4.426  1.00 34.09  ? 57  GLU A CA    1 
ATOM   418  C  C     . GLU A 1 57  ? 12.893  -1.957  -4.080  1.00 34.93  ? 57  GLU A C     1 
ATOM   419  O  O     . GLU A 1 57  ? 13.558  -2.935  -4.460  1.00 36.33  ? 57  GLU A O     1 
ATOM   420  C  CB    . GLU A 1 57  ? 14.061  0.036   -3.186  1.00 38.31  ? 57  GLU A CB    1 
ATOM   421  C  CG    . GLU A 1 57  ? 15.351  0.745   -3.487  1.00 46.99  ? 57  GLU A CG    1 
ATOM   422  C  CD    . GLU A 1 57  ? 16.237  -0.037  -4.459  1.00 52.11  ? 57  GLU A CD    1 
ATOM   423  O  OE1   . GLU A 1 57  ? 16.615  -1.184  -4.144  1.00 53.39  ? 57  GLU A OE1   1 
ATOM   424  O  OE2   . GLU A 1 57  ? 16.502  0.517   -5.544  1.00 53.60  ? 57  GLU A OE2   1 
ATOM   425  N  N     . VAL A 1 58  ? 11.789  -2.092  -3.333  1.00 33.21  ? 58  VAL A N     1 
ATOM   426  C  CA    . VAL A 1 58  ? 11.344  -3.432  -2.955  1.00 32.25  ? 58  VAL A CA    1 
ATOM   427  C  C     . VAL A 1 58  ? 10.606  -4.141  -4.057  1.00 32.68  ? 58  VAL A C     1 
ATOM   428  O  O     . VAL A 1 58  ? 10.469  -5.381  -4.001  1.00 32.13  ? 58  VAL A O     1 
ATOM   429  C  CB    . VAL A 1 58  ? 10.620  -3.472  -1.614  1.00 32.98  ? 58  VAL A CB    1 
ATOM   430  C  CG1   . VAL A 1 58  ? 11.398  -2.631  -0.576  1.00 33.77  ? 58  VAL A CG1   1 
ATOM   431  C  CG2   . VAL A 1 58  ? 9.200   -2.951  -1.683  1.00 30.14  ? 58  VAL A CG2   1 
ATOM   432  N  N     . THR A 1 59  ? 10.148  -3.456  -5.114  1.00 31.88  ? 59  THR A N     1 
ATOM   433  C  CA    . THR A 1 59  ? 9.487   -4.212  -6.193  1.00 33.60  ? 59  THR A CA    1 
ATOM   434  C  C     . THR A 1 59  ? 10.247  -4.135  -7.507  1.00 35.10  ? 59  THR A C     1 
ATOM   435  O  O     . THR A 1 59  ? 9.722   -4.515  -8.565  1.00 31.60  ? 59  THR A O     1 
ATOM   436  C  CB    . THR A 1 59  ? 8.066   -3.637  -6.444  1.00 29.79  ? 59  THR A CB    1 
ATOM   437  O  OG1   . THR A 1 59  ? 8.243   -2.280  -6.868  1.00 28.84  ? 59  THR A OG1   1 
ATOM   438  C  CG2   . THR A 1 59  ? 7.206   -3.707  -5.209  1.00 26.85  ? 59  THR A CG2   1 
ATOM   439  N  N     . LYS A 1 60  ? 11.499  -3.645  -7.512  1.00 38.86  ? 60  LYS A N     1 
ATOM   440  C  CA    . LYS A 1 60  ? 12.207  -3.515  -8.796  1.00 42.36  ? 60  LYS A CA    1 
ATOM   441  C  C     . LYS A 1 60  ? 12.396  -4.804  -9.561  1.00 42.81  ? 60  LYS A C     1 
ATOM   442  O  O     . LYS A 1 60  ? 12.523  -4.729  -10.798 1.00 43.89  ? 60  LYS A O     1 
ATOM   443  C  CB    . LYS A 1 60  ? 13.493  -2.745  -8.737  1.00 44.66  ? 60  LYS A CB    1 
ATOM   444  C  CG    . LYS A 1 60  ? 14.287  -2.779  -7.491  1.00 51.66  ? 60  LYS A CG    1 
ATOM   445  C  CD    . LYS A 1 60  ? 15.391  -3.813  -7.464  1.00 53.80  ? 60  LYS A CD    1 
ATOM   446  C  CE    . LYS A 1 60  ? 16.551  -3.271  -6.613  1.00 56.26  ? 60  LYS A CE    1 
ATOM   447  N  NZ    . LYS A 1 60  ? 17.606  -4.301  -6.439  1.00 59.71  ? 60  LYS A NZ    1 
ATOM   448  N  N     . ASP A 1 61  ? 12.437  -5.963  -8.925  1.00 43.04  ? 61  ASP A N     1 
ATOM   449  C  CA    . ASP A 1 61  ? 12.585  -7.200  -9.680  1.00 44.49  ? 61  ASP A CA    1 
ATOM   450  C  C     . ASP A 1 61  ? 11.275  -7.688  -10.250 1.00 43.27  ? 61  ASP A C     1 
ATOM   451  O  O     . ASP A 1 61  ? 11.277  -8.651  -11.030 1.00 44.67  ? 61  ASP A O     1 
ATOM   452  C  CB    . ASP A 1 61  ? 13.280  -8.259  -8.799  1.00 50.72  ? 61  ASP A CB    1 
ATOM   453  C  CG    . ASP A 1 61  ? 14.714  -7.803  -8.498  1.00 53.93  ? 61  ASP A CG    1 
ATOM   454  O  OD1   . ASP A 1 61  ? 15.363  -7.349  -9.466  1.00 54.73  ? 61  ASP A OD1   1 
ATOM   455  O  OD2   . ASP A 1 61  ? 15.141  -7.878  -7.329  1.00 54.86  ? 61  ASP A OD2   1 
ATOM   456  N  N     . ILE A 1 62  ? 10.136  -7.117  -9.872  1.00 42.67  ? 62  ILE A N     1 
ATOM   457  C  CA    . ILE A 1 62  ? 8.823   -7.544  -10.425 1.00 40.26  ? 62  ILE A CA    1 
ATOM   458  C  C     . ILE A 1 62  ? 8.538   -6.616  -11.598 1.00 40.00  ? 62  ILE A C     1 
ATOM   459  O  O     . ILE A 1 62  ? 8.259   -5.428  -11.421 1.00 40.40  ? 62  ILE A O     1 
ATOM   460  C  CB    . ILE A 1 62  ? 7.735   -7.512  -9.362  1.00 39.96  ? 62  ILE A CB    1 
ATOM   461  C  CG1   . ILE A 1 62  ? 8.176   -8.272  -8.107  1.00 38.73  ? 62  ILE A CG1   1 
ATOM   462  C  CG2   . ILE A 1 62  ? 6.428   -8.106  -9.885  1.00 40.66  ? 62  ILE A CG2   1 
ATOM   463  C  CD1   . ILE A 1 62  ? 7.506   -7.828  -6.836  1.00 39.92  ? 62  ILE A CD1   1 
ATOM   464  N  N     . PRO A 1 63  ? 8.680   -7.131  -12.814 1.00 39.22  ? 63  PRO A N     1 
ATOM   465  C  CA    . PRO A 1 63  ? 8.577   -6.351  -14.018 1.00 38.73  ? 63  PRO A CA    1 
ATOM   466  C  C     . PRO A 1 63  ? 7.266   -5.744  -14.380 1.00 36.93  ? 63  PRO A C     1 
ATOM   467  O  O     . PRO A 1 63  ? 7.234   -4.655  -14.977 1.00 36.98  ? 63  PRO A O     1 
ATOM   468  C  CB    . PRO A 1 63  ? 9.087   -7.286  -15.127 1.00 39.53  ? 63  PRO A CB    1 
ATOM   469  C  CG    . PRO A 1 63  ? 8.904   -8.650  -14.589 1.00 39.55  ? 63  PRO A CG    1 
ATOM   470  C  CD    . PRO A 1 63  ? 9.042   -8.545  -13.090 1.00 39.42  ? 63  PRO A CD    1 
ATOM   471  N  N     . ASN A 1 64  ? 6.145   -6.339  -13.990 1.00 34.30  ? 64  ASN A N     1 
ATOM   472  C  CA    . ASN A 1 64  ? 4.845   -5.797  -14.330 1.00 31.67  ? 64  ASN A CA    1 
ATOM   473  C  C     . ASN A 1 64  ? 4.279   -4.911  -13.239 1.00 31.51  ? 64  ASN A C     1 
ATOM   474  O  O     . ASN A 1 64  ? 3.063   -4.769  -13.116 1.00 30.74  ? 64  ASN A O     1 
ATOM   475  C  CB    . ASN A 1 64  ? 3.886   -6.900  -14.739 1.00 29.44  ? 64  ASN A CB    1 
ATOM   476  C  CG    . ASN A 1 64  ? 3.475   -7.824  -13.611 1.00 29.07  ? 64  ASN A CG    1 
ATOM   477  O  OD1   . ASN A 1 64  ? 4.207   -8.050  -12.651 1.00 26.92  ? 64  ASN A OD1   1 
ATOM   478  N  ND2   . ASN A 1 64  ? 2.275   -8.385  -13.741 1.00 27.21  ? 64  ASN A ND2   1 
ATOM   479  N  N     . ILE A 1 65  ? 5.147   -4.312  -12.428 1.00 29.59  ? 65  ILE A N     1 
ATOM   480  C  CA    . ILE A 1 65  ? 4.752   -3.408  -11.382 1.00 30.26  ? 65  ILE A CA    1 
ATOM   481  C  C     . ILE A 1 65  ? 5.371   -2.022  -11.657 1.00 29.07  ? 65  ILE A C     1 
ATOM   482  O  O     . ILE A 1 65  ? 6.589   -2.010  -11.876 1.00 30.27  ? 65  ILE A O     1 
ATOM   483  C  CB    . ILE A 1 65  ? 5.186   -3.842  -9.970  1.00 32.09  ? 65  ILE A CB    1 
ATOM   484  C  CG1   . ILE A 1 65  ? 4.178   -4.850  -9.404  1.00 33.45  ? 65  ILE A CG1   1 
ATOM   485  C  CG2   . ILE A 1 65  ? 5.268   -2.638  -9.017  1.00 31.53  ? 65  ILE A CG2   1 
ATOM   486  C  CD1   . ILE A 1 65  ? 4.687   -5.555  -8.156  1.00 38.45  ? 65  ILE A CD1   1 
ATOM   487  N  N     . THR A 1 66  ? 4.579   -0.986  -11.599 1.00 26.03  ? 66  THR A N     1 
ATOM   488  C  CA    . THR A 1 66  ? 5.062   0.390   -11.740 1.00 25.76  ? 66  THR A CA    1 
ATOM   489  C  C     . THR A 1 66  ? 4.594   1.209   -10.541 1.00 26.24  ? 66  THR A C     1 
ATOM   490  O  O     . THR A 1 66  ? 3.374   1.286   -10.282 1.00 26.28  ? 66  THR A O     1 
ATOM   491  C  CB    . THR A 1 66  ? 4.580   1.050   -13.029 1.00 27.94  ? 66  THR A CB    1 
ATOM   492  O  OG1   . THR A 1 66  ? 4.937   0.201   -14.129 1.00 29.43  ? 66  THR A OG1   1 
ATOM   493  C  CG2   . THR A 1 66  ? 5.260   2.409   -13.244 1.00 26.88  ? 66  THR A CG2   1 
ATOM   494  N  N     . VAL A 1 67  ? 5.505   1.819   -9.804  1.00 26.65  ? 67  VAL A N     1 
ATOM   495  C  CA    . VAL A 1 67  ? 5.134   2.577   -8.602  1.00 25.58  ? 67  VAL A CA    1 
ATOM   496  C  C     . VAL A 1 67  ? 4.992   4.043   -8.872  1.00 28.13  ? 67  VAL A C     1 
ATOM   497  O  O     . VAL A 1 67  ? 5.917   4.689   -9.399  1.00 28.75  ? 67  VAL A O     1 
ATOM   498  C  CB    . VAL A 1 67  ? 6.204   2.401   -7.499  1.00 25.64  ? 67  VAL A CB    1 
ATOM   499  C  CG1   . VAL A 1 67  ? 5.791   3.197   -6.258  1.00 26.05  ? 67  VAL A CG1   1 
ATOM   500  C  CG2   . VAL A 1 67  ? 6.437   0.940   -7.198  1.00 23.39  ? 67  VAL A CG2   1 
ATOM   501  N  N     . GLU A 1 68  ? 3.815   4.618   -8.601  1.00 28.13  ? 68  GLU A N     1 
ATOM   502  C  CA    . GLU A 1 68  ? 3.627   6.037   -8.867  1.00 29.36  ? 68  GLU A CA    1 
ATOM   503  C  C     . GLU A 1 68  ? 2.872   6.667   -7.701  1.00 31.28  ? 68  GLU A C     1 
ATOM   504  O  O     . GLU A 1 68  ? 2.454   5.990   -6.788  1.00 31.47  ? 68  GLU A O     1 
ATOM   505  C  CB    . GLU A 1 68  ? 2.767   6.266   -10.130 1.00 31.31  ? 68  GLU A CB    1 
ATOM   506  C  CG    . GLU A 1 68  ? 3.327   5.664   -11.390 1.00 31.03  ? 68  GLU A CG    1 
ATOM   507  C  CD    . GLU A 1 68  ? 2.511   5.894   -12.632 1.00 35.86  ? 68  GLU A CD    1 
ATOM   508  O  OE1   . GLU A 1 68  ? 1.298   6.176   -12.547 1.00 37.47  ? 68  GLU A OE1   1 
ATOM   509  O  OE2   . GLU A 1 68  ? 3.095   5.782   -13.740 1.00 38.13  ? 68  GLU A OE2   1 
ATOM   510  N  N     . THR A 1 69  ? 2.729   7.977   -7.775  1.00 33.17  ? 69  THR A N     1 
ATOM   511  C  CA    . THR A 1 69  ? 1.964   8.701   -6.789  1.00 36.73  ? 69  THR A CA    1 
ATOM   512  C  C     . THR A 1 69  ? 0.991   9.575   -7.582  1.00 39.69  ? 69  THR A C     1 
ATOM   513  O  O     . THR A 1 69  ? 1.187   9.722   -8.795  1.00 39.50  ? 69  THR A O     1 
ATOM   514  C  CB    . THR A 1 69  ? 2.756   9.542   -5.797  1.00 38.82  ? 69  THR A CB    1 
ATOM   515  O  OG1   . THR A 1 69  ? 1.795   10.071  -4.845  1.00 41.75  ? 69  THR A OG1   1 
ATOM   516  C  CG2   . THR A 1 69  ? 3.457   10.707  -6.463  1.00 37.41  ? 69  THR A CG2   1 
ATOM   517  N  N     . SER A 1 70  ? -0.057  10.053  -6.937  1.00 41.35  ? 70  SER A N     1 
ATOM   518  C  CA    . SER A 1 70  ? -0.991  10.868  -7.675  1.00 44.38  ? 70  SER A CA    1 
ATOM   519  C  C     . SER A 1 70  ? -1.509  12.042  -6.854  1.00 46.83  ? 70  SER A C     1 
ATOM   520  O  O     . SER A 1 70  ? -1.727  11.974  -5.660  1.00 46.40  ? 70  SER A O     1 
ATOM   521  C  CB    . SER A 1 70  ? -2.199  10.055  -8.165  1.00 46.18  ? 70  SER A CB    1 
ATOM   522  O  OG    . SER A 1 70  ? -3.067  10.938  -8.891  1.00 48.03  ? 70  SER A OG    1 
ATOM   523  N  N     . GLN A 1 71  ? -1.805  13.078  -7.616  1.00 49.19  ? 71  GLN A N     1 
ATOM   524  C  CA    . GLN A 1 71  ? -2.381  14.304  -7.137  1.00 51.51  ? 71  GLN A CA    1 
ATOM   525  C  C     . GLN A 1 71  ? -3.858  14.146  -6.768  1.00 50.12  ? 71  GLN A C     1 
ATOM   526  O  O     . GLN A 1 71  ? -4.258  14.482  -5.643  1.00 52.74  ? 71  GLN A O     1 
ATOM   527  C  CB    A GLN A 1 71  ? -2.295  15.332  -8.307  0.65 55.65  ? 71  GLN A CB    1 
ATOM   528  C  CB    B GLN A 1 71  ? -2.240  15.443  -8.156  0.35 54.93  ? 71  GLN A CB    1 
ATOM   529  C  CG    A GLN A 1 71  ? -2.670  14.702  -9.650  0.65 57.69  ? 71  GLN A CG    1 
ATOM   530  C  CG    B GLN A 1 71  ? -2.826  15.121  -9.522  0.35 57.98  ? 71  GLN A CG    1 
ATOM   531  C  CD    A GLN A 1 71  ? -1.505  14.066  -10.374 0.65 58.48  ? 71  GLN A CD    1 
ATOM   532  C  CD    B GLN A 1 71  ? -3.606  16.272  -10.122 0.35 59.44  ? 71  GLN A CD    1 
ATOM   533  O  OE1   A GLN A 1 71  ? -1.708  13.317  -11.338 0.65 59.25  ? 71  GLN A OE1   1 
ATOM   534  O  OE1   B GLN A 1 71  ? -3.261  16.773  -11.194 0.35 60.19  ? 71  GLN A OE1   1 
ATOM   535  N  NE2   A GLN A 1 71  ? -0.289  14.354  -9.928  0.65 58.54  ? 71  GLN A NE2   1 
ATOM   536  N  NE2   B GLN A 1 71  ? -4.668  16.692  -9.440  0.35 59.83  ? 71  GLN A NE2   1 
ATOM   537  N  N     . GLY A 1 72  ? -4.680  13.633  -7.671  1.00 47.40  ? 72  GLY A N     1 
ATOM   538  C  CA    . GLY A 1 72  ? -6.104  13.559  -7.452  1.00 43.34  ? 72  GLY A CA    1 
ATOM   539  C  C     . GLY A 1 72  ? -6.691  12.336  -6.811  1.00 40.87  ? 72  GLY A C     1 
ATOM   540  O  O     . GLY A 1 72  ? -6.093  11.677  -5.949  1.00 39.40  ? 72  GLY A O     1 
ATOM   541  N  N     . LEU A 1 73  ? -7.953  12.061  -7.185  1.00 35.83  ? 73  LEU A N     1 
ATOM   542  C  CA    . LEU A 1 73  ? -8.675  10.925  -6.683  1.00 31.12  ? 73  LEU A CA    1 
ATOM   543  C  C     . LEU A 1 73  ? -8.102  9.630   -7.246  1.00 28.48  ? 73  LEU A C     1 
ATOM   544  O  O     . LEU A 1 73  ? -7.745  9.528   -8.415  1.00 26.52  ? 73  LEU A O     1 
ATOM   545  C  CB    . LEU A 1 73  ? -10.165 10.965  -7.058  1.00 32.48  ? 73  LEU A CB    1 
ATOM   546  C  CG    . LEU A 1 73  ? -11.057 12.021  -6.427  1.00 32.09  ? 73  LEU A CG    1 
ATOM   547  C  CD1   . LEU A 1 73  ? -12.513 11.802  -6.858  1.00 31.11  ? 73  LEU A CD1   1 
ATOM   548  C  CD2   . LEU A 1 73  ? -10.966 11.941  -4.898  1.00 31.58  ? 73  LEU A CD2   1 
ATOM   549  N  N     . LEU A 1 74  ? -8.152  8.578   -6.417  1.00 26.93  ? 74  LEU A N     1 
ATOM   550  C  CA    . LEU A 1 74  ? -7.711  7.270   -6.895  1.00 24.11  ? 74  LEU A CA    1 
ATOM   551  C  C     . LEU A 1 74  ? -8.533  6.851   -8.106  1.00 23.13  ? 74  LEU A C     1 
ATOM   552  O  O     . LEU A 1 74  ? -8.007  6.314   -9.097  1.00 21.61  ? 74  LEU A O     1 
ATOM   553  C  CB    . LEU A 1 74  ? -7.898  6.249   -5.749  1.00 24.98  ? 74  LEU A CB    1 
ATOM   554  C  CG    . LEU A 1 74  ? -7.877  4.776   -6.183  1.00 23.52  ? 74  LEU A CG    1 
ATOM   555  C  CD1   . LEU A 1 74  ? -6.506  4.426   -6.752  1.00 21.79  ? 74  LEU A CD1   1 
ATOM   556  C  CD2   . LEU A 1 74  ? -8.185  3.893   -4.967  1.00 29.80  ? 74  LEU A CD2   1 
ATOM   557  N  N     . ILE A 1 75  ? -9.839  7.088   -8.065  1.00 22.73  ? 75  ILE A N     1 
ATOM   558  C  CA    . ILE A 1 75  ? -10.725 6.714   -9.190  1.00 22.87  ? 75  ILE A CA    1 
ATOM   559  C  C     . ILE A 1 75  ? -10.364 7.381   -10.479 1.00 22.73  ? 75  ILE A C     1 
ATOM   560  O  O     . ILE A 1 75  ? -10.616 6.816   -11.583 1.00 24.31  ? 75  ILE A O     1 
ATOM   561  C  CB    . ILE A 1 75  ? -12.204 6.942   -8.805  1.00 26.14  ? 75  ILE A CB    1 
ATOM   562  C  CG1   . ILE A 1 75  ? -13.122 6.024   -9.614  1.00 25.07  ? 75  ILE A CG1   1 
ATOM   563  C  CG2   . ILE A 1 75  ? -12.634 8.395   -8.956  1.00 22.35  ? 75  ILE A CG2   1 
ATOM   564  C  CD1   . ILE A 1 75  ? -12.908 4.543   -9.306  1.00 21.42  ? 75  ILE A CD1   1 
ATOM   565  N  N     . ASP A 1 76  ? -9.804  8.582   -10.475 1.00 20.53  ? 76  ASP A N     1 
ATOM   566  C  CA    . ASP A 1 76  ? -9.391  9.228   -11.740 1.00 23.37  ? 76  ASP A CA    1 
ATOM   567  C  C     . ASP A 1 76  ? -8.020  8.719   -12.165 1.00 24.52  ? 76  ASP A C     1 
ATOM   568  O  O     . ASP A 1 76  ? -7.785  8.437   -13.358 1.00 26.76  ? 76  ASP A O     1 
ATOM   569  C  CB    . ASP A 1 76  ? -9.398  10.747  -11.595 1.00 22.57  ? 76  ASP A CB    1 
ATOM   570  C  CG    . ASP A 1 76  ? -10.826 11.284  -11.472 1.00 23.27  ? 76  ASP A CG    1 
ATOM   571  O  OD1   . ASP A 1 76  ? -11.736 10.720  -12.122 1.00 23.69  ? 76  ASP A OD1   1 
ATOM   572  O  OD2   . ASP A 1 76  ? -10.991 12.288  -10.768 1.00 25.62  ? 76  ASP A OD2   1 
ATOM   573  N  N     . TYR A 1 77  ? -7.167  8.420   -11.188 1.00 23.78  ? 77  TYR A N     1 
ATOM   574  C  CA    . TYR A 1 77  ? -5.834  7.853   -11.485 1.00 23.02  ? 77  TYR A CA    1 
ATOM   575  C  C     . TYR A 1 77  ? -6.047  6.505   -12.135 1.00 23.81  ? 77  TYR A C     1 
ATOM   576  O  O     . TYR A 1 77  ? -5.556  6.187   -13.231 1.00 23.00  ? 77  TYR A O     1 
ATOM   577  C  CB    . TYR A 1 77  ? -5.038  7.734   -10.145 1.00 23.32  ? 77  TYR A CB    1 
ATOM   578  C  CG    . TYR A 1 77  ? -3.757  6.946   -10.323 1.00 25.01  ? 77  TYR A CG    1 
ATOM   579  C  CD1   . TYR A 1 77  ? -2.621  7.569   -10.858 1.00 26.81  ? 77  TYR A CD1   1 
ATOM   580  C  CD2   . TYR A 1 77  ? -3.693  5.592   -10.028 1.00 23.82  ? 77  TYR A CD2   1 
ATOM   581  C  CE1   . TYR A 1 77  ? -1.451  6.847   -11.068 1.00 25.71  ? 77  TYR A CE1   1 
ATOM   582  C  CE2   . TYR A 1 77  ? -2.530  4.862   -10.236 1.00 23.29  ? 77  TYR A CE2   1 
ATOM   583  C  CZ    . TYR A 1 77  ? -1.411  5.506   -10.746 1.00 26.04  ? 77  TYR A CZ    1 
ATOM   584  O  OH    . TYR A 1 77  ? -0.272  4.778   -11.009 1.00 25.03  ? 77  TYR A OH    1 
ATOM   585  N  N     . ALA A 1 78  ? -7.003  5.727   -11.570 1.00 23.62  ? 78  ALA A N     1 
ATOM   586  C  CA    . ALA A 1 78  ? -7.272  4.401   -12.170 1.00 24.90  ? 78  ALA A CA    1 
ATOM   587  C  C     . ALA A 1 78  ? -7.726  4.562   -13.619 1.00 25.39  ? 78  ALA A C     1 
ATOM   588  O  O     . ALA A 1 78  ? -7.202  3.875   -14.522 1.00 26.41  ? 78  ALA A O     1 
ATOM   589  C  CB    . ALA A 1 78  ? -8.300  3.663   -11.330 1.00 25.86  ? 78  ALA A CB    1 
ATOM   590  N  N     . ARG A 1 79  ? -8.693  5.442   -13.885 1.00 24.62  ? 79  ARG A N     1 
ATOM   591  C  CA    . ARG A 1 79  ? -9.127  5.668   -15.276 1.00 26.87  ? 79  ARG A CA    1 
ATOM   592  C  C     . ARG A 1 79  ? -7.946  6.053   -16.179 1.00 27.40  ? 79  ARG A C     1 
ATOM   593  O  O     . ARG A 1 79  ? -7.781  5.477   -17.260 1.00 28.20  ? 79  ARG A O     1 
ATOM   594  C  CB    . ARG A 1 79  ? -10.213 6.741   -15.360 1.00 24.70  ? 79  ARG A CB    1 
ATOM   595  C  CG    . ARG A 1 79  ? -10.958 6.759   -16.716 1.00 26.51  ? 79  ARG A CG    1 
ATOM   596  C  CD    . ARG A 1 79  ? -11.997 7.919   -16.706 1.00 27.32  ? 79  ARG A CD    1 
ATOM   597  N  NE    . ARG A 1 79  ? -11.288 9.215   -16.557 1.00 29.31  ? 79  ARG A NE    1 
ATOM   598  C  CZ    . ARG A 1 79  ? -11.318 9.947   -15.453 1.00 31.81  ? 79  ARG A CZ    1 
ATOM   599  N  NH1   . ARG A 1 79  ? -12.010 9.540   -14.389 1.00 27.93  ? 79  ARG A NH1   1 
ATOM   600  N  NH2   . ARG A 1 79  ? -10.628 11.079  -15.346 1.00 29.38  ? 79  ARG A NH2   1 
ATOM   601  N  N     . ARG A 1 80  ? -7.085  6.950   -15.748 1.00 28.07  ? 80  ARG A N     1 
ATOM   602  C  CA    . ARG A 1 80  ? -5.904  7.371   -16.489 1.00 29.78  ? 80  ARG A CA    1 
ATOM   603  C  C     . ARG A 1 80  ? -4.977  6.220   -16.833 1.00 31.76  ? 80  ARG A C     1 
ATOM   604  O  O     . ARG A 1 80  ? -4.292  6.259   -17.859 1.00 34.34  ? 80  ARG A O     1 
ATOM   605  C  CB    A ARG A 1 80  ? -5.130  8.444   -15.698 0.65 31.66  ? 80  ARG A CB    1 
ATOM   606  C  CB    B ARG A 1 80  ? -5.084  8.351   -15.625 0.35 31.17  ? 80  ARG A CB    1 
ATOM   607  C  CG    A ARG A 1 80  ? -5.402  9.850   -16.171 0.65 35.55  ? 80  ARG A CG    1 
ATOM   608  C  CG    B ARG A 1 80  ? -5.460  9.809   -15.793 0.35 33.35  ? 80  ARG A CG    1 
ATOM   609  C  CD    A ARG A 1 80  ? -5.497  10.907  -15.106 0.65 35.38  ? 80  ARG A CD    1 
ATOM   610  C  CD    B ARG A 1 80  ? -4.183  10.640  -15.961 0.35 33.37  ? 80  ARG A CD    1 
ATOM   611  N  NE    A ARG A 1 80  ? -4.436  10.842  -14.102 0.65 34.45  ? 80  ARG A NE    1 
ATOM   612  N  NE    B ARG A 1 80  ? -3.306  10.525  -14.799 0.35 33.58  ? 80  ARG A NE    1 
ATOM   613  C  CZ    A ARG A 1 80  ? -4.647  11.183  -12.832 0.65 34.75  ? 80  ARG A CZ    1 
ATOM   614  C  CZ    B ARG A 1 80  ? -2.016  10.205  -14.876 0.35 32.74  ? 80  ARG A CZ    1 
ATOM   615  N  NH1   A ARG A 1 80  ? -5.857  11.609  -12.480 0.65 30.76  ? 80  ARG A NH1   1 
ATOM   616  N  NH1   B ARG A 1 80  ? -1.459  9.960   -16.052 0.35 31.12  ? 80  ARG A NH1   1 
ATOM   617  N  NH2   A ARG A 1 80  ? -3.670  11.080  -11.947 0.65 35.05  ? 80  ARG A NH2   1 
ATOM   618  N  NH2   B ARG A 1 80  ? -1.277  10.138  -13.773 0.35 30.99  ? 80  ARG A NH2   1 
ATOM   619  N  N     . LYS A 1 81  ? -4.888  5.207   -15.962 1.00 29.83  ? 81  LYS A N     1 
ATOM   620  C  CA    . LYS A 1 81  ? -4.040  4.059   -16.219 1.00 28.77  ? 81  LYS A CA    1 
ATOM   621  C  C     . LYS A 1 81  ? -4.757  3.043   -17.103 1.00 27.62  ? 81  LYS A C     1 
ATOM   622  O  O     . LYS A 1 81  ? -4.202  1.992   -17.396 1.00 26.42  ? 81  LYS A O     1 
ATOM   623  C  CB    . LYS A 1 81  ? -3.706  3.328   -14.887 1.00 30.86  ? 81  LYS A CB    1 
ATOM   624  C  CG    . LYS A 1 81  ? -3.127  4.249   -13.828 1.00 29.68  ? 81  LYS A CG    1 
ATOM   625  C  CD    . LYS A 1 81  ? -1.667  4.572   -14.127 1.00 30.50  ? 81  LYS A CD    1 
ATOM   626  C  CE    . LYS A 1 81  ? -1.537  5.920   -14.821 1.00 30.45  ? 81  LYS A CE    1 
ATOM   627  N  NZ    . LYS A 1 81  ? -0.089  6.201   -15.116 1.00 36.61  ? 81  LYS A NZ    1 
ATOM   628  N  N     . ASN A 1 82  ? -6.045  3.273   -17.366 1.00 27.43  ? 82  ASN A N     1 
ATOM   629  C  CA    . ASN A 1 82  ? -6.816  2.286   -18.125 1.00 27.97  ? 82  ASN A CA    1 
ATOM   630  C  C     . ASN A 1 82  ? -6.960  1.005   -17.297 1.00 26.61  ? 82  ASN A C     1 
ATOM   631  O  O     . ASN A 1 82  ? -7.036  -0.082  -17.863 1.00 27.07  ? 82  ASN A O     1 
ATOM   632  C  CB    . ASN A 1 82  ? -6.133  1.979   -19.468 1.00 33.58  ? 82  ASN A CB    1 
ATOM   633  C  CG    . ASN A 1 82  ? -7.009  1.228   -20.436 1.00 38.46  ? 82  ASN A CG    1 
ATOM   634  O  OD1   . ASN A 1 82  ? -8.241  1.278   -20.354 1.00 39.90  ? 82  ASN A OD1   1 
ATOM   635  N  ND2   . ASN A 1 82  ? -6.409  0.500   -21.385 1.00 39.79  ? 82  ASN A ND2   1 
ATOM   636  N  N     . ALA A 1 83  ? -7.017  1.132   -15.975 1.00 25.02  ? 83  ALA A N     1 
ATOM   637  C  CA    . ALA A 1 83  ? -7.173  0.002   -15.072 1.00 22.39  ? 83  ALA A CA    1 
ATOM   638  C  C     . ALA A 1 83  ? -8.649  -0.290  -14.847 1.00 23.71  ? 83  ALA A C     1 
ATOM   639  O  O     . ALA A 1 83  ? -9.460  0.635   -14.620 1.00 22.03  ? 83  ALA A O     1 
ATOM   640  C  CB    . ALA A 1 83  ? -6.586  0.419   -13.685 1.00 21.11  ? 83  ALA A CB    1 
ATOM   641  N  N     . LYS A 1 84  ? -9.037  -1.547  -14.806 1.00 24.41  ? 84  LYS A N     1 
ATOM   642  C  CA    . LYS A 1 84  ? -10.473 -1.835  -14.535 1.00 25.72  ? 84  LYS A CA    1 
ATOM   643  C  C     . LYS A 1 84  ? -10.670 -2.263  -13.093 1.00 25.74  ? 84  LYS A C     1 
ATOM   644  O  O     . LYS A 1 84  ? -11.798 -2.475  -12.627 1.00 26.99  ? 84  LYS A O     1 
ATOM   645  C  CB    . LYS A 1 84  ? -10.882 -2.969  -15.487 1.00 28.66  ? 84  LYS A CB    1 
ATOM   646  C  CG    . LYS A 1 84  ? -9.968  -4.204  -15.270 1.00 32.85  ? 84  LYS A CG    1 
ATOM   647  C  CD    . LYS A 1 84  ? -10.281 -5.221  -16.402 1.00 34.92  ? 84  LYS A CD    1 
ATOM   648  C  CE    . LYS A 1 84  ? -9.456  -6.483  -16.181 1.00 35.47  ? 84  LYS A CE    1 
ATOM   649  N  NZ    . LYS A 1 84  ? -9.828  -7.526  -17.197 1.00 38.88  ? 84  LYS A NZ    1 
ATOM   650  N  N     . ALA A 1 85  ? -9.585  -2.512  -12.353 1.00 25.12  ? 85  ALA A N     1 
ATOM   651  C  CA    . ALA A 1 85  ? -9.732  -2.952  -10.969 1.00 25.84  ? 85  ALA A CA    1 
ATOM   652  C  C     . ALA A 1 85  ? -8.790  -2.239  -9.994  1.00 25.54  ? 85  ALA A C     1 
ATOM   653  O  O     . ALA A 1 85  ? -7.662  -1.889  -10.337 1.00 26.48  ? 85  ALA A O     1 
ATOM   654  C  CB    . ALA A 1 85  ? -9.457  -4.463  -10.875 1.00 25.01  ? 85  ALA A CB    1 
ATOM   655  N  N     . ILE A 1 86  ? -9.302  -1.956  -8.833  1.00 24.18  ? 86  ILE A N     1 
ATOM   656  C  CA    . ILE A 1 86  ? -8.589  -1.387  -7.697  1.00 24.08  ? 86  ILE A CA    1 
ATOM   657  C  C     . ILE A 1 86  ? -8.444  -2.560  -6.694  1.00 24.23  ? 86  ILE A C     1 
ATOM   658  O  O     . ILE A 1 86  ? -9.461  -3.199  -6.390  1.00 23.90  ? 86  ILE A O     1 
ATOM   659  C  CB    . ILE A 1 86  ? -9.383  -0.281  -7.022  1.00 22.39  ? 86  ILE A CB    1 
ATOM   660  C  CG1   . ILE A 1 86  ? -9.394  0.983   -7.910  1.00 22.35  ? 86  ILE A CG1   1 
ATOM   661  C  CG2   . ILE A 1 86  ? -8.825  0.027   -5.634  1.00 16.86  ? 86  ILE A CG2   1 
ATOM   662  C  CD1   . ILE A 1 86  ? -10.600 1.863   -7.587  1.00 21.74  ? 86  ILE A CD1   1 
ATOM   663  N  N     . LEU A 1 87  ? -7.230  -2.843  -6.252  1.00 22.43  ? 87  LEU A N     1 
ATOM   664  C  CA    . LEU A 1 87  ? -7.010  -3.984  -5.387  1.00 21.66  ? 87  LEU A CA    1 
ATOM   665  C  C     . LEU A 1 87  ? -6.638  -3.614  -3.955  1.00 23.14  ? 87  LEU A C     1 
ATOM   666  O  O     . LEU A 1 87  ? -5.708  -2.840  -3.740  1.00 24.43  ? 87  LEU A O     1 
ATOM   667  C  CB    . LEU A 1 87  ? -5.909  -4.857  -5.983  1.00 20.77  ? 87  LEU A CB    1 
ATOM   668  C  CG    . LEU A 1 87  ? -6.058  -5.283  -7.440  1.00 21.79  ? 87  LEU A CG    1 
ATOM   669  C  CD1   . LEU A 1 87  ? -4.814  -6.110  -7.836  1.00 21.43  ? 87  LEU A CD1   1 
ATOM   670  C  CD2   . LEU A 1 87  ? -7.325  -6.101  -7.645  1.00 18.32  ? 87  LEU A CD2   1 
ATOM   671  N  N     . ARG A 1 88  ? -7.364  -4.144  -2.988  1.00 21.87  ? 88  ARG A N     1 
ATOM   672  C  CA    . ARG A 1 88  ? -7.133  -3.874  -1.578  1.00 23.22  ? 88  ARG A CA    1 
ATOM   673  C  C     . ARG A 1 88  ? -7.050  -5.183  -0.779  1.00 23.71  ? 88  ARG A C     1 
ATOM   674  O  O     . ARG A 1 88  ? -7.691  -6.181  -1.115  1.00 24.31  ? 88  ARG A O     1 
ATOM   675  C  CB    . ARG A 1 88  ? -8.253  -3.015  -0.979  1.00 25.42  ? 88  ARG A CB    1 
ATOM   676  C  CG    . ARG A 1 88  ? -8.388  -1.582  -1.490  1.00 28.95  ? 88  ARG A CG    1 
ATOM   677  C  CD    . ARG A 1 88  ? -7.474  -0.601  -0.785  1.00 32.68  ? 88  ARG A CD    1 
ATOM   678  N  NE    . ARG A 1 88  ? -7.767  -0.342  0.616   1.00 39.27  ? 88  ARG A NE    1 
ATOM   679  C  CZ    . ARG A 1 88  ? -7.051  0.464   1.402   1.00 41.98  ? 88  ARG A CZ    1 
ATOM   680  N  NH1   . ARG A 1 88  ? -5.990  1.059   0.864   1.00 43.26  ? 88  ARG A NH1   1 
ATOM   681  N  NH2   . ARG A 1 88  ? -7.339  0.715   2.680   1.00 38.78  ? 88  ARG A NH2   1 
ATOM   682  N  N     . GLY A 1 89  ? -6.275  -5.161  0.309   1.00 23.57  ? 89  GLY A N     1 
ATOM   683  C  CA    . GLY A 1 89  ? -6.181  -6.362  1.160   1.00 22.44  ? 89  GLY A CA    1 
ATOM   684  C  C     . GLY A 1 89  ? -7.182  -6.199  2.325   1.00 25.37  ? 89  GLY A C     1 
ATOM   685  O  O     . GLY A 1 89  ? -7.526  -5.060  2.692   1.00 23.91  ? 89  GLY A O     1 
ATOM   686  N  N     . LEU A 1 90  ? -7.688  -7.296  2.825   1.00 26.12  ? 90  LEU A N     1 
ATOM   687  C  CA    . LEU A 1 90  ? -8.606  -7.354  3.937   1.00 28.89  ? 90  LEU A CA    1 
ATOM   688  C  C     . LEU A 1 90  ? -7.939  -8.311  4.979   1.00 31.81  ? 90  LEU A C     1 
ATOM   689  O  O     . LEU A 1 90  ? -7.852  -9.505  4.739   1.00 29.41  ? 90  LEU A O     1 
ATOM   690  C  CB    . LEU A 1 90  ? -9.981  -7.888  3.622   1.00 25.70  ? 90  LEU A CB    1 
ATOM   691  C  CG    . LEU A 1 90  ? -11.015 -6.964  2.986   1.00 27.84  ? 90  LEU A CG    1 
ATOM   692  C  CD1   . LEU A 1 90  ? -12.352 -7.738  2.885   1.00 23.10  ? 90  LEU A CD1   1 
ATOM   693  C  CD2   . LEU A 1 90  ? -11.176 -5.689  3.790   1.00 21.60  ? 90  LEU A CD2   1 
ATOM   694  N  N     . ARG A 1 91  ? -7.436  -7.689  5.993   1.00 34.34  ? 91  ARG A N     1 
ATOM   695  C  CA    . ARG A 1 91  ? -6.712  -8.330  7.083   1.00 41.82  ? 91  ARG A CA    1 
ATOM   696  C  C     . ARG A 1 91  ? -7.675  -8.823  8.146   1.00 43.90  ? 91  ARG A C     1 
ATOM   697  O  O     . ARG A 1 91  ? -7.737  -10.023 8.430   1.00 47.69  ? 91  ARG A O     1 
ATOM   698  C  CB    A ARG A 1 91  ? -5.754  -7.313  7.672   0.50 46.37  ? 91  ARG A CB    1 
ATOM   699  C  CB    B ARG A 1 91  ? -5.747  -7.301  7.690   0.50 44.37  ? 91  ARG A CB    1 
ATOM   700  C  CG    A ARG A 1 91  ? -4.504  -7.818  8.362   0.50 50.58  ? 91  ARG A CG    1 
ATOM   701  C  CG    B ARG A 1 91  ? -4.376  -7.842  8.063   0.50 46.40  ? 91  ARG A CG    1 
ATOM   702  C  CD    A ARG A 1 91  ? -3.804  -6.575  8.998   0.50 54.33  ? 91  ARG A CD    1 
ATOM   703  C  CD    B ARG A 1 91  ? -3.639  -6.802  8.905   0.50 48.38  ? 91  ARG A CD    1 
ATOM   704  N  NE    A ARG A 1 91  ? -4.385  -5.373  8.455   0.50 57.15  ? 91  ARG A NE    1 
ATOM   705  N  NE    B ARG A 1 91  ? -3.489  -7.166  10.292  0.50 49.84  ? 91  ARG A NE    1 
ATOM   706  C  CZ    A ARG A 1 91  ? -3.969  -4.144  8.488   0.50 59.11  ? 91  ARG A CZ    1 
ATOM   707  C  CZ    B ARG A 1 91  ? -3.878  -6.504  11.365  0.50 49.79  ? 91  ARG A CZ    1 
ATOM   708  N  NH1   A ARG A 1 91  ? -2.926  -3.823  9.231   0.50 61.02  ? 91  ARG A NH1   1 
ATOM   709  N  NH1   B ARG A 1 91  ? -4.536  -5.352  11.288  0.50 48.31  ? 91  ARG A NH1   1 
ATOM   710  N  NH2   A ARG A 1 91  ? -4.660  -3.165  7.862   0.50 59.12  ? 91  ARG A NH2   1 
ATOM   711  N  NH2   B ARG A 1 91  ? -3.610  -7.016  12.564  0.50 50.63  ? 91  ARG A NH2   1 
ATOM   712  N  N     . ALA A 1 92  ? -8.489  -7.918  8.676   1.00 44.67  ? 92  ALA A N     1 
ATOM   713  C  CA    . ALA A 1 92  ? -9.440  -8.294  9.711   1.00 46.28  ? 92  ALA A CA    1 
ATOM   714  C  C     . ALA A 1 92  ? -10.864 -7.824  9.434   1.00 47.71  ? 92  ALA A C     1 
ATOM   715  O  O     . ALA A 1 92  ? -11.144 -6.930  8.628   1.00 46.69  ? 92  ALA A O     1 
ATOM   716  C  CB    . ALA A 1 92  ? -8.986  -7.661  11.048  1.00 44.89  ? 92  ALA A CB    1 
ATOM   717  N  N     . VAL A 1 93  ? -11.769 -8.357  10.261  1.00 46.44  ? 93  VAL A N     1 
ATOM   718  C  CA    . VAL A 1 93  ? -13.177 -7.995  10.216  1.00 46.99  ? 93  VAL A CA    1 
ATOM   719  C  C     . VAL A 1 93  ? -13.328 -6.491  10.382  1.00 47.19  ? 93  VAL A C     1 
ATOM   720  O  O     . VAL A 1 93  ? -14.065 -5.827  9.659   1.00 44.85  ? 93  VAL A O     1 
ATOM   721  C  CB    . VAL A 1 93  ? -13.954 -8.794  11.272  1.00 50.38  ? 93  VAL A CB    1 
ATOM   722  C  CG1   . VAL A 1 93  ? -14.008 -8.108  12.620  1.00 48.72  ? 93  VAL A CG1   1 
ATOM   723  C  CG2   . VAL A 1 93  ? -15.332 -9.156  10.748  1.00 51.02  ? 93  VAL A CG2   1 
ATOM   724  N  N     . SER A 1 94  ? -12.486 -5.879  11.221  1.00 47.56  ? 94  SER A N     1 
ATOM   725  C  CA    . SER A 1 94  ? -12.495 -4.440  11.410  1.00 49.32  ? 94  SER A CA    1 
ATOM   726  C  C     . SER A 1 94  ? -12.076 -3.684  10.157  1.00 48.77  ? 94  SER A C     1 
ATOM   727  O  O     . SER A 1 94  ? -12.345 -2.477  10.059  1.00 48.85  ? 94  SER A O     1 
ATOM   728  C  CB    . SER A 1 94  ? -11.572 -4.050  12.577  1.00 51.00  ? 94  SER A CB    1 
ATOM   729  O  OG    . SER A 1 94  ? -10.383 -4.836  12.495  1.00 56.09  ? 94  SER A OG    1 
ATOM   730  N  N     . ASP A 1 95  ? -11.451 -4.308  9.160   1.00 47.35  ? 95  ASP A N     1 
ATOM   731  C  CA    . ASP A 1 95  ? -11.088 -3.581  7.943   1.00 47.84  ? 95  ASP A CA    1 
ATOM   732  C  C     . ASP A 1 95  ? -12.337 -3.348  7.065   1.00 47.40  ? 95  ASP A C     1 
ATOM   733  O  O     . ASP A 1 95  ? -12.252 -2.649  6.073   1.00 46.34  ? 95  ASP A O     1 
ATOM   734  C  CB    . ASP A 1 95  ? -10.079 -4.321  7.072   1.00 44.31  ? 95  ASP A CB    1 
ATOM   735  C  CG    . ASP A 1 95  ? -8.702  -4.432  7.657   1.00 46.53  ? 95  ASP A CG    1 
ATOM   736  O  OD1   . ASP A 1 95  ? -8.359  -3.665  8.590   1.00 49.75  ? 95  ASP A OD1   1 
ATOM   737  O  OD2   . ASP A 1 95  ? -7.943  -5.298  7.196   1.00 47.63  ? 95  ASP A OD2   1 
ATOM   738  N  N     . PHE A 1 96  ? -13.452 -3.947  7.441   1.00 47.37  ? 96  PHE A N     1 
ATOM   739  C  CA    . PHE A 1 96  ? -14.686 -3.930  6.792   1.00 45.02  ? 96  PHE A CA    1 
ATOM   740  C  C     . PHE A 1 96  ? -15.384 -2.635  6.447   1.00 43.20  ? 96  PHE A C     1 
ATOM   741  O  O     . PHE A 1 96  ? -15.584 -2.390  5.250   1.00 39.24  ? 96  PHE A O     1 
ATOM   742  C  CB    . PHE A 1 96  ? -15.759 -4.835  7.515   1.00 43.27  ? 96  PHE A CB    1 
ATOM   743  C  CG    . PHE A 1 96  ? -16.632 -5.361  6.378   1.00 45.28  ? 96  PHE A CG    1 
ATOM   744  C  CD1   . PHE A 1 96  ? -16.065 -6.235  5.468   1.00 42.85  ? 96  PHE A CD1   1 
ATOM   745  C  CD2   . PHE A 1 96  ? -17.923 -4.921  6.200   1.00 43.83  ? 96  PHE A CD2   1 
ATOM   746  C  CE1   . PHE A 1 96  ? -16.800 -6.690  4.401   1.00 43.17  ? 96  PHE A CE1   1 
ATOM   747  C  CE2   . PHE A 1 96  ? -18.666 -5.392  5.124   1.00 44.83  ? 96  PHE A CE2   1 
ATOM   748  C  CZ    . PHE A 1 96  ? -18.097 -6.259  4.215   1.00 42.54  ? 96  PHE A CZ    1 
ATOM   749  N  N     . GLU A 1 97  ? -15.829 -1.884  7.448   1.00 42.27  ? 97  GLU A N     1 
ATOM   750  C  CA    . GLU A 1 97  ? -16.601 -0.689  7.281   1.00 41.08  ? 97  GLU A CA    1 
ATOM   751  C  C     . GLU A 1 97  ? -15.912 0.454   6.608   1.00 41.68  ? 97  GLU A C     1 
ATOM   752  O  O     . GLU A 1 97  ? -16.530 1.147   5.776   1.00 42.12  ? 97  GLU A O     1 
ATOM   753  C  CB    . GLU A 1 97  ? -17.218 -0.216  8.615   1.00 45.63  ? 97  GLU A CB    1 
ATOM   754  C  CG    . GLU A 1 97  ? -18.651 -0.659  8.823   1.00 47.28  ? 97  GLU A CG    1 
ATOM   755  N  N     . TYR A 1 98  ? -14.633 0.682   6.920   1.00 42.68  ? 98  TYR A N     1 
ATOM   756  C  CA    . TYR A 1 98  ? -13.920 1.795   6.252   1.00 41.65  ? 98  TYR A CA    1 
ATOM   757  C  C     . TYR A 1 98  ? -13.734 1.448   4.784   1.00 39.13  ? 98  TYR A C     1 
ATOM   758  O  O     . TYR A 1 98  ? -13.942 2.296   3.896   1.00 39.61  ? 98  TYR A O     1 
ATOM   759  C  CB    . TYR A 1 98  ? -12.614 2.088   6.941   1.00 46.15  ? 98  TYR A CB    1 
ATOM   760  C  CG    . TYR A 1 98  ? -11.653 2.979   6.189   1.00 51.29  ? 98  TYR A CG    1 
ATOM   761  C  CD1   . TYR A 1 98  ? -11.787 4.355   6.168   1.00 52.09  ? 98  TYR A CD1   1 
ATOM   762  C  CD2   . TYR A 1 98  ? -10.583 2.404   5.499   1.00 52.78  ? 98  TYR A CD2   1 
ATOM   763  C  CE1   . TYR A 1 98  ? -10.878 5.152   5.480   1.00 52.72  ? 98  TYR A CE1   1 
ATOM   764  C  CE2   . TYR A 1 98  ? -9.679  3.186   4.821   1.00 54.08  ? 98  TYR A CE2   1 
ATOM   765  C  CZ    . TYR A 1 98  ? -9.833  4.561   4.818   1.00 54.23  ? 98  TYR A CZ    1 
ATOM   766  O  OH    . TYR A 1 98  ? -8.927  5.323   4.120   1.00 55.96  ? 98  TYR A OH    1 
ATOM   767  N  N     . GLU A 1 99  ? -13.432 0.185   4.512   1.00 33.96  ? 99  GLU A N     1 
ATOM   768  C  CA    . GLU A 1 99  ? -13.282 -0.238  3.121   1.00 33.93  ? 99  GLU A CA    1 
ATOM   769  C  C     . GLU A 1 99  ? -14.643 -0.176  2.398   1.00 33.38  ? 99  GLU A C     1 
ATOM   770  O  O     . GLU A 1 99  ? -14.681 0.177   1.217   1.00 31.46  ? 99  GLU A O     1 
ATOM   771  C  CB    . GLU A 1 99  ? -12.685 -1.628  2.992   1.00 27.60  ? 99  GLU A CB    1 
ATOM   772  C  CG    . GLU A 1 99  ? -11.256 -1.749  3.511   1.00 30.20  ? 99  GLU A CG    1 
ATOM   773  C  CD    . GLU A 1 99  ? -10.245 -0.916  2.766   1.00 29.55  ? 99  GLU A CD    1 
ATOM   774  O  OE1   . GLU A 1 99  ? -10.413 -0.630  1.569   1.00 32.12  ? 99  GLU A OE1   1 
ATOM   775  O  OE2   . GLU A 1 99  ? -9.236  -0.513  3.375   1.00 32.07  ? 99  GLU A OE2   1 
HETATM 776  N  N     . MSE A 1 100 ? -15.733 -0.461  3.096   1.00 32.28  ? 100 MSE A N     1 
HETATM 777  C  CA    . MSE A 1 100 ? -17.054 -0.458  2.466   1.00 35.06  ? 100 MSE A CA    1 
HETATM 778  C  C     . MSE A 1 100 ? -17.486 0.945   2.043   1.00 34.21  ? 100 MSE A C     1 
HETATM 779  O  O     . MSE A 1 100 ? -17.975 1.118   0.923   1.00 32.95  ? 100 MSE A O     1 
HETATM 780  C  CB    . MSE A 1 100 ? -18.113 -1.136  3.310   1.00 41.60  ? 100 MSE A CB    1 
HETATM 781  C  CG    . MSE A 1 100 ? -19.548 -0.961  2.855   1.00 50.48  ? 100 MSE A CG    1 
HETATM 782  SE SE    . MSE A 1 100 ? -20.018 -2.110  1.369   1.00 61.27  ? 100 MSE A SE    1 
HETATM 783  C  CE    . MSE A 1 100 ? -18.963 -1.370  0.006   1.00 56.17  ? 100 MSE A CE    1 
ATOM   784  N  N     . GLN A 1 101 ? -17.183 1.971   2.828   1.00 33.07  ? 101 GLN A N     1 
ATOM   785  C  CA    . GLN A 1 101 ? -17.551 3.321   2.460   1.00 34.27  ? 101 GLN A CA    1 
ATOM   786  C  C     . GLN A 1 101 ? -16.785 3.732   1.203   1.00 34.93  ? 101 GLN A C     1 
ATOM   787  O  O     . GLN A 1 101 ? -17.340 4.264   0.246   1.00 34.09  ? 101 GLN A O     1 
ATOM   788  C  CB    . GLN A 1 101 ? -17.294 4.328   3.594   1.00 34.16  ? 101 GLN A CB    1 
ATOM   789  C  CG    . GLN A 1 101 ? -17.186 5.758   3.106   1.00 41.09  ? 101 GLN A CG    1 
ATOM   790  C  CD    . GLN A 1 101 ? -17.443 6.853   4.090   1.00 44.92  ? 101 GLN A CD    1 
ATOM   791  O  OE1   . GLN A 1 101 ? -18.072 6.703   5.146   1.00 46.76  ? 101 GLN A OE1   1 
ATOM   792  N  NE2   . GLN A 1 101 ? -16.983 8.070   3.761   1.00 47.66  ? 101 GLN A NE2   1 
ATOM   793  N  N     . GLY A 1 102 ? -15.483 3.502   1.234   1.00 34.60  ? 102 GLY A N     1 
ATOM   794  C  CA    . GLY A 1 102 ? -14.583 3.831   0.148   1.00 32.36  ? 102 GLY A CA    1 
ATOM   795  C  C     . GLY A 1 102 ? -15.014 3.226   -1.165  1.00 32.93  ? 102 GLY A C     1 
ATOM   796  O  O     . GLY A 1 102 ? -15.063 3.930   -2.176  1.00 32.12  ? 102 GLY A O     1 
ATOM   797  N  N     . THR A 1 103 ? -15.432 1.954   -1.156  1.00 31.75  ? 103 THR A N     1 
ATOM   798  C  CA    . THR A 1 103 ? -15.844 1.293   -2.380  1.00 32.57  ? 103 THR A CA    1 
ATOM   799  C  C     . THR A 1 103 ? -17.232 1.725   -2.823  1.00 31.42  ? 103 THR A C     1 
ATOM   800  O  O     . THR A 1 103 ? -17.571 1.671   -4.004  1.00 30.59  ? 103 THR A O     1 
ATOM   801  C  CB    . THR A 1 103 ? -15.684 -0.221  -2.346  1.00 32.90  ? 103 THR A CB    1 
ATOM   802  O  OG1   . THR A 1 103 ? -16.330 -0.843  -3.466  1.00 36.62  ? 103 THR A OG1   1 
ATOM   803  C  CG2   . THR A 1 103 ? -16.196 -0.850  -1.091  1.00 36.71  ? 103 THR A CG2   1 
ATOM   804  N  N     . SER A 1 104 ? -18.054 2.118   -1.865  1.00 30.65  ? 104 SER A N     1 
ATOM   805  C  CA    . SER A 1 104 ? -19.395 2.622   -2.169  1.00 31.01  ? 104 SER A CA    1 
ATOM   806  C  C     . SER A 1 104 ? -19.269 3.976   -2.904  1.00 28.48  ? 104 SER A C     1 
ATOM   807  O  O     . SER A 1 104 ? -19.997 4.232   -3.836  1.00 29.56  ? 104 SER A O     1 
ATOM   808  C  CB    . SER A 1 104 ? -20.179 2.831   -0.881  1.00 27.88  ? 104 SER A CB    1 
ATOM   809  O  OG    . SER A 1 104 ? -20.621 1.570   -0.388  1.00 34.53  ? 104 SER A OG    1 
ATOM   810  N  N     . VAL A 1 105 ? -18.353 4.806   -2.458  1.00 26.70  ? 105 VAL A N     1 
ATOM   811  C  CA    . VAL A 1 105 ? -18.120 6.102   -3.065  1.00 28.60  ? 105 VAL A CA    1 
ATOM   812  C  C     . VAL A 1 105 ? -17.533 5.909   -4.467  1.00 29.69  ? 105 VAL A C     1 
ATOM   813  O  O     . VAL A 1 105 ? -18.078 6.391   -5.461  1.00 27.65  ? 105 VAL A O     1 
ATOM   814  C  CB    . VAL A 1 105 ? -17.230 7.001   -2.211  1.00 26.58  ? 105 VAL A CB    1 
ATOM   815  C  CG1   . VAL A 1 105 ? -16.859 8.288   -2.950  1.00 23.24  ? 105 VAL A CG1   1 
ATOM   816  C  CG2   . VAL A 1 105 ? -17.958 7.371   -0.906  1.00 27.85  ? 105 VAL A CG2   1 
ATOM   817  N  N     . ASN A 1 106 ? -16.464 5.080   -4.543  1.00 27.51  ? 106 ASN A N     1 
ATOM   818  C  CA    . ASN A 1 106 ? -15.867 4.823   -5.838  1.00 25.21  ? 106 ASN A CA    1 
ATOM   819  C  C     . ASN A 1 106 ? -16.850 4.230   -6.821  1.00 24.97  ? 106 ASN A C     1 
ATOM   820  O  O     . ASN A 1 106 ? -16.754 4.542   -8.028  1.00 22.79  ? 106 ASN A O     1 
ATOM   821  C  CB    . ASN A 1 106 ? -14.587 4.026   -5.730  1.00 24.07  ? 106 ASN A CB    1 
ATOM   822  C  CG    . ASN A 1 106 ? -13.433 4.857   -5.196  1.00 29.52  ? 106 ASN A CG    1 
ATOM   823  O  OD1   . ASN A 1 106 ? -12.437 4.321   -4.673  1.00 30.10  ? 106 ASN A OD1   1 
ATOM   824  N  ND2   . ASN A 1 106 ? -13.535 6.166   -5.346  1.00 23.46  ? 106 ASN A ND2   1 
ATOM   825  N  N     . ARG A 1 107 ? -17.783 3.387   -6.364  1.00 23.81  ? 107 ARG A N     1 
ATOM   826  C  CA    . ARG A 1 107 ? -18.736 2.780   -7.271  1.00 26.47  ? 107 ARG A CA    1 
ATOM   827  C  C     . ARG A 1 107 ? -19.654 3.846   -7.882  1.00 24.99  ? 107 ARG A C     1 
ATOM   828  O  O     . ARG A 1 107 ? -20.029 3.777   -9.066  1.00 23.61  ? 107 ARG A O     1 
ATOM   829  C  CB    . ARG A 1 107 ? -19.523 1.612   -6.647  1.00 27.36  ? 107 ARG A CB    1 
ATOM   830  C  CG    . ARG A 1 107 ? -20.437 0.926   -7.686  1.00 29.88  ? 107 ARG A CG    1 
ATOM   831  C  CD    . ARG A 1 107 ? -21.214 -0.260  -7.113  1.00 36.08  ? 107 ARG A CD    1 
ATOM   832  N  NE    . ARG A 1 107 ? -22.066 -0.905  -8.115  1.00 37.44  ? 107 ARG A NE    1 
ATOM   833  C  CZ    . ARG A 1 107 ? -22.860 -1.948  -8.030  1.00 38.64  ? 107 ARG A CZ    1 
ATOM   834  N  NH1   . ARG A 1 107 ? -23.038 -2.650  -6.914  1.00 33.17  ? 107 ARG A NH1   1 
ATOM   835  N  NH2   . ARG A 1 107 ? -23.560 -2.382  -9.107  1.00 35.84  ? 107 ARG A NH2   1 
ATOM   836  N  N     . VAL A 1 108 ? -20.036 4.839   -7.105  1.00 24.44  ? 108 VAL A N     1 
ATOM   837  C  CA    . VAL A 1 108 ? -20.855 5.925   -7.670  1.00 25.96  ? 108 VAL A CA    1 
ATOM   838  C  C     . VAL A 1 108 ? -20.036 6.754   -8.652  1.00 25.87  ? 108 VAL A C     1 
ATOM   839  O  O     . VAL A 1 108 ? -20.493 7.008   -9.772  1.00 23.35  ? 108 VAL A O     1 
ATOM   840  C  CB    . VAL A 1 108 ? -21.470 6.783   -6.566  1.00 27.82  ? 108 VAL A CB    1 
ATOM   841  C  CG1   . VAL A 1 108 ? -22.371 7.875   -7.148  1.00 32.12  ? 108 VAL A CG1   1 
ATOM   842  C  CG2   . VAL A 1 108 ? -22.336 5.854   -5.673  1.00 27.84  ? 108 VAL A CG2   1 
ATOM   843  N  N     . LEU A 1 109 ? -18.793 7.108   -8.328  1.00 23.96  ? 109 LEU A N     1 
ATOM   844  C  CA    . LEU A 1 109 ? -17.977 7.916   -9.229  1.00 24.96  ? 109 LEU A CA    1 
ATOM   845  C  C     . LEU A 1 109 ? -17.600 7.235   -10.516 1.00 25.65  ? 109 LEU A C     1 
ATOM   846  O  O     . LEU A 1 109 ? -17.426 7.904   -11.559 1.00 25.32  ? 109 LEU A O     1 
ATOM   847  C  CB    . LEU A 1 109 ? -16.722 8.433   -8.498  1.00 21.34  ? 109 LEU A CB    1 
ATOM   848  C  CG    . LEU A 1 109 ? -17.091 9.158   -7.181  1.00 24.19  ? 109 LEU A CG    1 
ATOM   849  C  CD1   . LEU A 1 109 ? -15.871 9.568   -6.401  1.00 23.10  ? 109 LEU A CD1   1 
ATOM   850  C  CD2   . LEU A 1 109 ? -17.964 10.374  -7.545  1.00 26.35  ? 109 LEU A CD2   1 
ATOM   851  N  N     . ASP A 1 110 ? -17.428 5.910   -10.486 1.00 23.78  ? 110 ASP A N     1 
ATOM   852  C  CA    . ASP A 1 110 ? -17.064 5.196   -11.714 1.00 24.67  ? 110 ASP A CA    1 
ATOM   853  C  C     . ASP A 1 110 ? -17.401 3.730   -11.502 1.00 27.25  ? 110 ASP A C     1 
ATOM   854  O  O     . ASP A 1 110 ? -16.606 2.920   -10.982 1.00 24.92  ? 110 ASP A O     1 
ATOM   855  C  CB    . ASP A 1 110 ? -15.604 5.370   -12.098 1.00 22.71  ? 110 ASP A CB    1 
ATOM   856  C  CG    . ASP A 1 110 ? -15.366 5.000   -13.556 1.00 28.55  ? 110 ASP A CG    1 
ATOM   857  O  OD1   . ASP A 1 110 ? -14.354 5.473   -14.119 1.00 27.12  ? 110 ASP A OD1   1 
ATOM   858  O  OD2   . ASP A 1 110 ? -16.180 4.242   -14.141 1.00 27.10  ? 110 ASP A OD2   1 
ATOM   859  N  N     . GLU A 1 111 ? -18.592 3.365   -11.964 1.00 26.89  ? 111 GLU A N     1 
ATOM   860  C  CA    . GLU A 1 111 ? -19.013 1.980   -11.747 1.00 30.63  ? 111 GLU A CA    1 
ATOM   861  C  C     . GLU A 1 111 ? -18.405 1.016   -12.714 1.00 28.48  ? 111 GLU A C     1 
ATOM   862  O  O     . GLU A 1 111 ? -18.559 -0.196  -12.570 1.00 28.26  ? 111 GLU A O     1 
ATOM   863  C  CB    . GLU A 1 111 ? -20.518 1.868   -11.630 1.00 37.86  ? 111 GLU A CB    1 
ATOM   864  C  CG    . GLU A 1 111 ? -21.266 1.794   -12.928 1.00 46.08  ? 111 GLU A CG    1 
ATOM   865  C  CD    . GLU A 1 111 ? -22.691 1.279   -12.704 1.00 52.98  ? 111 GLU A CD    1 
ATOM   866  O  OE1   . GLU A 1 111 ? -23.384 1.140   -13.722 1.00 55.12  ? 111 GLU A OE1   1 
ATOM   867  O  OE2   . GLU A 1 111 ? -23.056 0.995   -11.537 1.00 55.99  ? 111 GLU A OE2   1 
ATOM   868  N  N     . SER A 1 112 ? -17.671 1.495   -13.719 1.00 27.71  ? 112 SER A N     1 
ATOM   869  C  CA    . SER A 1 112 ? -16.997 0.571   -14.616 1.00 27.16  ? 112 SER A CA    1 
ATOM   870  C  C     . SER A 1 112 ? -15.682 0.086   -13.975 1.00 25.72  ? 112 SER A C     1 
ATOM   871  O  O     . SER A 1 112 ? -15.015 -0.756  -14.575 1.00 26.25  ? 112 SER A O     1 
ATOM   872  C  CB    . SER A 1 112 ? -16.703 1.249   -15.958 1.00 29.97  ? 112 SER A CB    1 
ATOM   873  O  OG    . SER A 1 112 ? -15.668 2.221   -15.793 1.00 31.81  ? 112 SER A OG    1 
ATOM   874  N  N     . ILE A 1 113 ? -15.232 0.678   -12.874 1.00 23.39  ? 113 ILE A N     1 
ATOM   875  C  CA    . ILE A 1 113 ? -13.995 0.231   -12.213 1.00 22.71  ? 113 ILE A CA    1 
ATOM   876  C  C     . ILE A 1 113 ? -14.381 -0.514  -10.931 1.00 23.30  ? 113 ILE A C     1 
ATOM   877  O  O     . ILE A 1 113 ? -15.107 0.023   -10.095 1.00 23.34  ? 113 ILE A O     1 
ATOM   878  C  CB    . ILE A 1 113 ? -13.043 1.388   -11.896 1.00 23.80  ? 113 ILE A CB    1 
ATOM   879  C  CG1   . ILE A 1 113 ? -12.484 1.975   -13.229 1.00 21.78  ? 113 ILE A CG1   1 
ATOM   880  C  CG2   . ILE A 1 113 ? -11.861 0.881   -11.053 1.00 21.09  ? 113 ILE A CG2   1 
ATOM   881  C  CD1   . ILE A 1 113 ? -11.753 3.300   -13.019 1.00 22.70  ? 113 ILE A CD1   1 
ATOM   882  N  N     . GLU A 1 114 ? -13.991 -1.767  -10.814 1.00 21.71  ? 114 GLU A N     1 
ATOM   883  C  CA    . GLU A 1 114 ? -14.369 -2.610  -9.684  1.00 22.10  ? 114 GLU A CA    1 
ATOM   884  C  C     . GLU A 1 114 ? -13.345 -2.644  -8.556  1.00 23.07  ? 114 GLU A C     1 
ATOM   885  O  O     . GLU A 1 114 ? -12.156 -2.416  -8.774  1.00 21.67  ? 114 GLU A O     1 
ATOM   886  C  CB    . GLU A 1 114 ? -14.504 -4.058  -10.263 1.00 22.05  ? 114 GLU A CB    1 
ATOM   887  C  CG    . GLU A 1 114 ? -15.329 -4.970  -9.396  1.00 28.13  ? 114 GLU A CG    1 
ATOM   888  C  CD    . GLU A 1 114 ? -16.627 -4.358  -8.905  1.00 27.18  ? 114 GLU A CD    1 
ATOM   889  O  OE1   . GLU A 1 114 ? -16.641 -3.936  -7.722  1.00 28.63  ? 114 GLU A OE1   1 
ATOM   890  O  OE2   . GLU A 1 114 ? -17.587 -4.271  -9.687  1.00 26.90  ? 114 GLU A OE2   1 
ATOM   891  N  N     . THR A 1 115 ? -13.810 -2.787  -7.307  1.00 21.83  ? 115 THR A N     1 
ATOM   892  C  CA    . THR A 1 115 ? -12.862 -2.901  -6.205  1.00 21.49  ? 115 THR A CA    1 
ATOM   893  C  C     . THR A 1 115 ? -12.855 -4.385  -5.771  1.00 20.09  ? 115 THR A C     1 
ATOM   894  O  O     . THR A 1 115 ? -13.897 -4.968  -5.452  1.00 20.40  ? 115 THR A O     1 
ATOM   895  C  CB    . THR A 1 115 ? -13.111 -1.976  -5.017  1.00 21.21  ? 115 THR A CB    1 
ATOM   896  O  OG1   . THR A 1 115 ? -13.087 -0.602  -5.449  1.00 21.23  ? 115 THR A OG1   1 
ATOM   897  C  CG2   . THR A 1 115 ? -11.993 -2.087  -3.968  1.00 17.26  ? 115 THR A CG2   1 
ATOM   898  N  N     . PHE A 1 116 ? -11.696 -4.989  -5.829  1.00 18.36  ? 116 PHE A N     1 
ATOM   899  C  CA    . PHE A 1 116 ? -11.500 -6.365  -5.429  1.00 18.28  ? 116 PHE A CA    1 
ATOM   900  C  C     . PHE A 1 116 ? -10.692 -6.422  -4.124  1.00 18.65  ? 116 PHE A C     1 
ATOM   901  O  O     . PHE A 1 116 ? -9.637  -5.802  -3.953  1.00 17.93  ? 116 PHE A O     1 
ATOM   902  C  CB    . PHE A 1 116 ? -10.798 -7.198  -6.491  1.00 18.24  ? 116 PHE A CB    1 
ATOM   903  C  CG    . PHE A 1 116 ? -11.515 -7.478  -7.771  1.00 18.67  ? 116 PHE A CG    1 
ATOM   904  C  CD1   . PHE A 1 116 ? -10.822 -7.502  -8.966  1.00 21.70  ? 116 PHE A CD1   1 
ATOM   905  C  CD2   . PHE A 1 116 ? -12.858 -7.804  -7.803  1.00 22.29  ? 116 PHE A CD2   1 
ATOM   906  C  CE1   . PHE A 1 116 ? -11.459 -7.788  -10.160 1.00 25.80  ? 116 PHE A CE1   1 
ATOM   907  C  CE2   . PHE A 1 116 ? -13.506 -8.072  -8.999  1.00 25.07  ? 116 PHE A CE2   1 
ATOM   908  C  CZ    . PHE A 1 116 ? -12.813 -8.061  -10.186 1.00 23.36  ? 116 PHE A CZ    1 
ATOM   909  N  N     . PHE A 1 117 ? -11.192 -7.243  -3.200  1.00 18.42  ? 117 PHE A N     1 
ATOM   910  C  CA    . PHE A 1 117 ? -10.487 -7.409  -1.939  1.00 18.23  ? 117 PHE A CA    1 
ATOM   911  C  C     . PHE A 1 117 ? -9.867  -8.810  -1.897  1.00 20.28  ? 117 PHE A C     1 
ATOM   912  O  O     . PHE A 1 117 ? -10.503 -9.776  -2.314  1.00 17.92  ? 117 PHE A O     1 
ATOM   913  C  CB    . PHE A 1 117 ? -11.411 -7.228  -0.733  1.00 19.02  ? 117 PHE A CB    1 
ATOM   914  C  CG    . PHE A 1 117 ? -11.918 -5.810  -0.618  1.00 23.31  ? 117 PHE A CG    1 
ATOM   915  C  CD1   . PHE A 1 117 ? -13.147 -5.464  -1.182  1.00 29.33  ? 117 PHE A CD1   1 
ATOM   916  C  CD2   . PHE A 1 117 ? -11.176 -4.845  0.011   1.00 23.79  ? 117 PHE A CD2   1 
ATOM   917  C  CE1   . PHE A 1 117 ? -13.603 -4.148  -1.117  1.00 28.36  ? 117 PHE A CE1   1 
ATOM   918  C  CE2   . PHE A 1 117 ? -11.618 -3.529  0.095   1.00 28.26  ? 117 PHE A CE2   1 
ATOM   919  C  CZ    . PHE A 1 117 ? -12.833 -3.197  -0.476  1.00 28.97  ? 117 PHE A CZ    1 
HETATM 920  N  N     . MSE A 1 118 ? -8.616  -8.837  -1.440  1.00 19.01  ? 118 MSE A N     1 
HETATM 921  C  CA    . MSE A 1 118 ? -7.944  -10.119 -1.254  1.00 21.73  ? 118 MSE A CA    1 
HETATM 922  C  C     . MSE A 1 118 ? -7.783  -10.302 0.275   1.00 21.56  ? 118 MSE A C     1 
HETATM 923  O  O     . MSE A 1 118 ? -7.491  -9.329  0.982   1.00 21.61  ? 118 MSE A O     1 
HETATM 924  C  CB    . MSE A 1 118 ? -6.568  -10.152 -1.906  1.00 18.83  ? 118 MSE A CB    1 
HETATM 925  C  CG    . MSE A 1 118 ? -6.558  -10.656 -3.340  1.00 29.48  ? 118 MSE A CG    1 
HETATM 926  SE SE    . MSE A 1 118 ? -4.846  -10.292 -4.192  1.00 43.27  ? 118 MSE A SE    1 
HETATM 927  C  CE    . MSE A 1 118 ? -5.070  -8.452  -4.585  1.00 21.20  ? 118 MSE A CE    1 
HETATM 928  N  N     . MSE A 1 119 ? -8.011  -11.498 0.760   1.00 21.44  ? 119 MSE A N     1 
HETATM 929  C  CA    . MSE A 1 119 ? -7.834  -11.686 2.200   1.00 25.60  ? 119 MSE A CA    1 
HETATM 930  C  C     . MSE A 1 119 ? -6.324  -11.913 2.467   1.00 25.21  ? 119 MSE A C     1 
HETATM 931  O  O     . MSE A 1 119 ? -5.708  -12.588 1.654   1.00 21.34  ? 119 MSE A O     1 
HETATM 932  C  CB    . MSE A 1 119 ? -8.574  -12.925 2.693   1.00 32.88  ? 119 MSE A CB    1 
HETATM 933  C  CG    . MSE A 1 119 ? -10.034 -12.983 2.257   1.00 48.93  ? 119 MSE A CG    1 
HETATM 934  SE SE    . MSE A 1 119 ? -11.243 -12.476 3.640   1.00 62.72  ? 119 MSE A SE    1 
HETATM 935  C  CE    . MSE A 1 119 ? -12.929 -12.894 2.899   1.00 56.12  ? 119 MSE A CE    1 
ATOM   936  N  N     . ALA A 1 120 ? -5.865  -11.334 3.556   1.00 24.21  ? 120 ALA A N     1 
ATOM   937  C  CA    . ALA A 1 120 ? -4.483  -11.614 4.031   1.00 27.73  ? 120 ALA A CA    1 
ATOM   938  C  C     . ALA A 1 120 ? -4.699  -12.991 4.726   1.00 30.09  ? 120 ALA A C     1 
ATOM   939  O  O     . ALA A 1 120 ? -5.314  -13.047 5.804   1.00 31.47  ? 120 ALA A O     1 
ATOM   940  C  CB    . ALA A 1 120 ? -4.108  -10.593 5.094   1.00 22.36  ? 120 ALA A CB    1 
ATOM   941  N  N     . ASN A 1 121 ? -4.505  -14.037 3.975   1.00 32.85  ? 121 ASN A N     1 
ATOM   942  C  CA    . ASN A 1 121 ? -4.821  -15.385 4.410   1.00 36.20  ? 121 ASN A CA    1 
ATOM   943  C  C     . ASN A 1 121 ? -3.627  -16.287 4.614   1.00 37.16  ? 121 ASN A C     1 
ATOM   944  O  O     . ASN A 1 121 ? -3.695  -17.467 4.263   1.00 37.34  ? 121 ASN A O     1 
ATOM   945  C  CB    . ASN A 1 121 ? -5.736  -16.016 3.305   1.00 35.34  ? 121 ASN A CB    1 
ATOM   946  C  CG    . ASN A 1 121 ? -5.097  -15.862 1.937   1.00 37.65  ? 121 ASN A CG    1 
ATOM   947  O  OD1   . ASN A 1 121 ? -3.908  -15.552 1.820   1.00 35.53  ? 121 ASN A OD1   1 
ATOM   948  N  ND2   . ASN A 1 121 ? -5.912  -16.047 0.894   1.00 33.92  ? 121 ASN A ND2   1 
ATOM   949  N  N     . ASN A 1 122 ? -2.575  -15.770 5.239   1.00 37.76  ? 122 ASN A N     1 
ATOM   950  C  CA    . ASN A 1 122 ? -1.372  -16.535 5.496   1.00 38.24  ? 122 ASN A CA    1 
ATOM   951  C  C     . ASN A 1 122 ? -0.649  -15.916 6.691   1.00 39.82  ? 122 ASN A C     1 
ATOM   952  O  O     . ASN A 1 122 ? -1.325  -15.206 7.456   1.00 38.91  ? 122 ASN A O     1 
ATOM   953  C  CB    . ASN A 1 122 ? -0.483  -16.599 4.268   1.00 41.23  ? 122 ASN A CB    1 
ATOM   954  C  CG    . ASN A 1 122 ? 0.165   -15.281 3.906   1.00 45.03  ? 122 ASN A CG    1 
ATOM   955  O  OD1   . ASN A 1 122 ? -0.208  -14.203 4.395   1.00 46.23  ? 122 ASN A OD1   1 
ATOM   956  N  ND2   . ASN A 1 122 ? 1.166   -15.363 3.040   1.00 44.69  ? 122 ASN A ND2   1 
ATOM   957  N  N     . GLN A 1 123 ? 0.632   -16.148 6.858   1.00 37.33  ? 123 GLN A N     1 
ATOM   958  C  CA    . GLN A 1 123 ? 1.424   -15.699 7.959   1.00 39.26  ? 123 GLN A CA    1 
ATOM   959  C  C     . GLN A 1 123 ? 1.654   -14.217 8.146   1.00 38.25  ? 123 GLN A C     1 
ATOM   960  O  O     . GLN A 1 123 ? 2.044   -13.836 9.281   1.00 38.14  ? 123 GLN A O     1 
ATOM   961  C  CB    . GLN A 1 123 ? 2.820   -16.402 7.888   1.00 40.74  ? 123 GLN A CB    1 
ATOM   962  C  CG    . GLN A 1 123 ? 3.624   -15.781 6.733   1.00 45.94  ? 123 GLN A CG    1 
ATOM   963  C  CD    . GLN A 1 123 ? 5.061   -16.294 6.779   1.00 51.11  ? 123 GLN A CD    1 
ATOM   964  O  OE1   . GLN A 1 123 ? 5.813   -15.921 7.683   1.00 53.87  ? 123 GLN A OE1   1 
ATOM   965  N  NE2   . GLN A 1 123 ? 5.390   -17.153 5.836   1.00 50.95  ? 123 GLN A NE2   1 
ATOM   966  N  N     . TYR A 1 124 ? 1.246   -13.349 7.237   1.00 36.90  ? 124 TYR A N     1 
ATOM   967  C  CA    . TYR A 1 124 ? 1.378   -11.921 7.422   1.00 38.38  ? 124 TYR A CA    1 
ATOM   968  C  C     . TYR A 1 124 ? 0.112   -11.265 7.936   1.00 36.98  ? 124 TYR A C     1 
ATOM   969  O  O     . TYR A 1 124 ? 0.113   -10.078 8.217   1.00 36.79  ? 124 TYR A O     1 
ATOM   970  C  CB    . TYR A 1 124 ? 1.783   -11.210 6.078   1.00 39.89  ? 124 TYR A CB    1 
ATOM   971  C  CG    . TYR A 1 124 ? 3.165   -11.744 5.691   1.00 43.11  ? 124 TYR A CG    1 
ATOM   972  C  CD1   . TYR A 1 124 ? 3.383   -12.397 4.493   1.00 44.37  ? 124 TYR A CD1   1 
ATOM   973  C  CD2   . TYR A 1 124 ? 4.193   -11.669 6.615   1.00 44.93  ? 124 TYR A CD2   1 
ATOM   974  C  CE1   . TYR A 1 124 ? 4.638   -12.917 4.198   1.00 46.97  ? 124 TYR A CE1   1 
ATOM   975  C  CE2   . TYR A 1 124 ? 5.444   -12.191 6.333   1.00 47.80  ? 124 TYR A CE2   1 
ATOM   976  C  CZ    . TYR A 1 124 ? 5.651   -12.807 5.120   1.00 49.29  ? 124 TYR A CZ    1 
ATOM   977  O  OH    . TYR A 1 124 ? 6.909   -13.317 4.859   1.00 54.02  ? 124 TYR A OH    1 
ATOM   978  N  N     . SER A 1 125 ? -0.951  -12.031 8.134   1.00 37.40  ? 125 SER A N     1 
ATOM   979  C  CA    . SER A 1 125 ? -2.222  -11.505 8.577   1.00 38.88  ? 125 SER A CA    1 
ATOM   980  C  C     . SER A 1 125 ? -2.185  -10.729 9.877   1.00 39.70  ? 125 SER A C     1 
ATOM   981  O  O     . SER A 1 125 ? -2.990  -9.788  10.046  1.00 38.19  ? 125 SER A O     1 
ATOM   982  C  CB    . SER A 1 125 ? -3.287  -12.588 8.564   1.00 38.23  ? 125 SER A CB    1 
ATOM   983  O  OG    . SER A 1 125 ? -3.171  -13.519 9.607   1.00 39.39  ? 125 SER A OG    1 
ATOM   984  N  N     . PHE A 1 126 ? -1.286  -11.053 10.798  1.00 39.56  ? 126 PHE A N     1 
ATOM   985  C  CA    . PHE A 1 126 ? -1.178  -10.358 12.063  1.00 41.33  ? 126 PHE A CA    1 
ATOM   986  C  C     . PHE A 1 126 ? -0.524  -8.995  11.973  1.00 41.94  ? 126 PHE A C     1 
ATOM   987  O  O     . PHE A 1 126 ? -0.695  -8.161  12.888  1.00 42.86  ? 126 PHE A O     1 
ATOM   988  C  CB    . PHE A 1 126 ? -0.402  -11.241 13.074  1.00 40.22  ? 126 PHE A CB    1 
ATOM   989  C  CG    . PHE A 1 126 ? 1.092   -11.194 12.914  1.00 39.42  ? 126 PHE A CG    1 
ATOM   990  C  CD1   . PHE A 1 126 ? 1.859   -10.357 13.712  1.00 40.96  ? 126 PHE A CD1   1 
ATOM   991  C  CD2   . PHE A 1 126 ? 1.738   -11.946 11.958  1.00 38.96  ? 126 PHE A CD2   1 
ATOM   992  C  CE1   . PHE A 1 126 ? 3.232   -10.282 13.556  1.00 40.66  ? 126 PHE A CE1   1 
ATOM   993  C  CE2   . PHE A 1 126 ? 3.107   -11.868 11.775  1.00 39.05  ? 126 PHE A CE2   1 
ATOM   994  C  CZ    . PHE A 1 126 ? 3.860   -11.045 12.591  1.00 40.16  ? 126 PHE A CZ    1 
ATOM   995  N  N     . LEU A 1 127 ? 0.203   -8.672  10.901  1.00 41.22  ? 127 LEU A N     1 
ATOM   996  C  CA    . LEU A 1 127 ? 0.905   -7.404  10.837  1.00 39.62  ? 127 LEU A CA    1 
ATOM   997  C  C     . LEU A 1 127 ? 0.191   -6.216  10.258  1.00 37.94  ? 127 LEU A C     1 
ATOM   998  O  O     . LEU A 1 127 ? -0.750  -6.356  9.482   1.00 40.78  ? 127 LEU A O     1 
ATOM   999  C  CB    . LEU A 1 127 ? 2.217   -7.621  10.021  1.00 44.71  ? 127 LEU A CB    1 
ATOM   1000 N  N     . SER A 1 128 ? 0.716   -5.022  10.537  1.00 34.19  ? 128 SER A N     1 
ATOM   1001 C  CA    . SER A 1 128 ? 0.276   -3.751  10.060  1.00 30.63  ? 128 SER A CA    1 
ATOM   1002 C  C     . SER A 1 128 ? 1.430   -2.723  10.114  1.00 30.44  ? 128 SER A C     1 
ATOM   1003 O  O     . SER A 1 128 ? 2.353   -2.848  10.908  1.00 28.68  ? 128 SER A O     1 
ATOM   1004 C  CB    . SER A 1 128 ? -0.899  -3.182  10.845  1.00 30.13  ? 128 SER A CB    1 
ATOM   1005 O  OG    . SER A 1 128 ? -0.518  -2.707  12.123  1.00 27.65  ? 128 SER A OG    1 
ATOM   1006 N  N     . SER A 1 129 ? 1.281   -1.642  9.370   1.00 29.32  ? 129 SER A N     1 
ATOM   1007 C  CA    . SER A 1 129 ? 2.217   -0.567  9.313   1.00 29.20  ? 129 SER A CA    1 
ATOM   1008 C  C     . SER A 1 129 ? 2.354   0.064   10.708  1.00 29.62  ? 129 SER A C     1 
ATOM   1009 O  O     . SER A 1 129 ? 3.456   0.411   11.130  1.00 27.23  ? 129 SER A O     1 
ATOM   1010 C  CB    . SER A 1 129 ? 1.811   0.516   8.305   1.00 29.82  ? 129 SER A CB    1 
ATOM   1011 O  OG    . SER A 1 129 ? 2.258   0.167   7.015   1.00 34.68  ? 129 SER A OG    1 
ATOM   1012 N  N     . SER A 1 130 ? 1.205   0.176   11.385  1.00 27.42  ? 130 SER A N     1 
ATOM   1013 C  CA    . SER A 1 130 ? 1.178   0.721   12.719  1.00 28.07  ? 130 SER A CA    1 
ATOM   1014 C  C     . SER A 1 130 ? 2.024   -0.107  13.671  1.00 26.59  ? 130 SER A C     1 
ATOM   1015 O  O     . SER A 1 130 ? 2.793   0.507   14.394  1.00 28.43  ? 130 SER A O     1 
ATOM   1016 C  CB    . SER A 1 130 ? -0.254  0.862   13.289  1.00 27.44  ? 130 SER A CB    1 
ATOM   1017 O  OG    . SER A 1 130 ? -0.739  2.090   12.801  1.00 31.80  ? 130 SER A OG    1 
ATOM   1018 N  N     . ILE A 1 131 ? 1.829   -1.422  13.693  1.00 26.35  ? 131 ILE A N     1 
ATOM   1019 C  CA    . ILE A 1 131 ? 2.654   -2.270  14.559  1.00 25.05  ? 131 ILE A CA    1 
ATOM   1020 C  C     . ILE A 1 131 ? 4.138   -2.082  14.185  1.00 25.78  ? 131 ILE A C     1 
ATOM   1021 O  O     . ILE A 1 131 ? 4.980   -1.984  15.076  1.00 24.65  ? 131 ILE A O     1 
ATOM   1022 C  CB    . ILE A 1 131 ? 2.275   -3.739  14.489  1.00 25.53  ? 131 ILE A CB    1 
ATOM   1023 C  CG1   . ILE A 1 131 ? 0.994   -4.030  15.309  1.00 28.42  ? 131 ILE A CG1   1 
ATOM   1024 C  CG2   . ILE A 1 131 ? 3.388   -4.676  14.981  1.00 25.62  ? 131 ILE A CG2   1 
ATOM   1025 C  CD1   . ILE A 1 131 ? 0.250   -5.253  14.813  1.00 19.88  ? 131 ILE A CD1   1 
ATOM   1026 N  N     . VAL A 1 132 ? 4.488   -2.036  12.890  1.00 25.08  ? 132 VAL A N     1 
ATOM   1027 C  CA    . VAL A 1 132 ? 5.901   -1.878  12.571  1.00 25.77  ? 132 VAL A CA    1 
ATOM   1028 C  C     . VAL A 1 132 ? 6.458   -0.550  13.031  1.00 25.37  ? 132 VAL A C     1 
ATOM   1029 O  O     . VAL A 1 132 ? 7.534   -0.538  13.660  1.00 24.51  ? 132 VAL A O     1 
ATOM   1030 C  CB    . VAL A 1 132 ? 6.313   -2.258  11.157  1.00 26.63  ? 132 VAL A CB    1 
ATOM   1031 C  CG1   . VAL A 1 132 ? 5.412   -3.336  10.559  1.00 19.47  ? 132 VAL A CG1   1 
ATOM   1032 C  CG2   . VAL A 1 132 ? 6.526   -1.099  10.248  1.00 27.82  ? 132 VAL A CG2   1 
ATOM   1033 N  N     . LYS A 1 133 ? 5.739   0.555   12.863  1.00 25.54  ? 133 LYS A N     1 
ATOM   1034 C  CA    . LYS A 1 133 ? 6.230   1.858   13.296  1.00 26.91  ? 133 LYS A CA    1 
ATOM   1035 C  C     . LYS A 1 133 ? 6.418   1.932   14.795  1.00 27.17  ? 133 LYS A C     1 
ATOM   1036 O  O     . LYS A 1 133 ? 7.409   2.525   15.267  1.00 27.38  ? 133 LYS A O     1 
ATOM   1037 C  CB    . LYS A 1 133 ? 5.366   3.010   12.784  1.00 24.92  ? 133 LYS A CB    1 
ATOM   1038 C  CG    . LYS A 1 133 ? 5.434   3.137   11.251  1.00 26.31  ? 133 LYS A CG    1 
ATOM   1039 C  CD    . LYS A 1 133 ? 4.622   4.381   10.806  1.00 28.68  ? 133 LYS A CD    1 
ATOM   1040 C  CE    . LYS A 1 133 ? 3.111   3.976   10.823  1.00 27.32  ? 133 LYS A CE    1 
ATOM   1041 N  NZ    . LYS A 1 133 ? 2.349   5.017   10.042  1.00 28.39  ? 133 LYS A NZ    1 
ATOM   1042 N  N     . GLU A 1 134 ? 5.509   1.362   15.570  1.00 26.74  ? 134 GLU A N     1 
ATOM   1043 C  CA    . GLU A 1 134 ? 5.625   1.375   17.026  1.00 27.78  ? 134 GLU A CA    1 
ATOM   1044 C  C     . GLU A 1 134 ? 6.863   0.564   17.444  1.00 25.75  ? 134 GLU A C     1 
ATOM   1045 O  O     . GLU A 1 134 ? 7.596   0.998   18.334  1.00 24.59  ? 134 GLU A O     1 
ATOM   1046 C  CB    . GLU A 1 134 ? 4.420   0.664   17.670  1.00 34.97  ? 134 GLU A CB    1 
ATOM   1047 C  CG    . GLU A 1 134 ? 3.171   1.502   17.798  1.00 45.26  ? 134 GLU A CG    1 
ATOM   1048 C  CD    . GLU A 1 134 ? 3.321   2.495   18.956  1.00 52.43  ? 134 GLU A CD    1 
ATOM   1049 O  OE1   . GLU A 1 134 ? 3.739   3.628   18.654  1.00 53.39  ? 134 GLU A OE1   1 
ATOM   1050 O  OE2   . GLU A 1 134 ? 3.045   2.093   20.116  1.00 53.22  ? 134 GLU A OE2   1 
ATOM   1051 N  N     . VAL A 1 135 ? 6.925   -0.668  16.953  1.00 23.40  ? 135 VAL A N     1 
ATOM   1052 C  CA    . VAL A 1 135 ? 8.072   -1.527  17.292  1.00 26.32  ? 135 VAL A CA    1 
ATOM   1053 C  C     . VAL A 1 135 ? 9.368   -0.755  16.983  1.00 26.33  ? 135 VAL A C     1 
ATOM   1054 O  O     . VAL A 1 135 ? 10.191  -0.534  17.874  1.00 27.74  ? 135 VAL A O     1 
ATOM   1055 C  CB    . VAL A 1 135 ? 8.054   -2.854  16.518  1.00 26.74  ? 135 VAL A CB    1 
ATOM   1056 C  CG1   . VAL A 1 135 ? 9.392   -3.583  16.657  1.00 25.20  ? 135 VAL A CG1   1 
ATOM   1057 C  CG2   . VAL A 1 135 ? 6.933   -3.774  17.021  1.00 26.06  ? 135 VAL A CG2   1 
ATOM   1058 N  N     . ALA A 1 136 ? 9.502   -0.231  15.784  1.00 25.99  ? 136 ALA A N     1 
ATOM   1059 C  CA    . ALA A 1 136 ? 10.673  0.511   15.361  1.00 26.79  ? 136 ALA A CA    1 
ATOM   1060 C  C     . ALA A 1 136 ? 10.964  1.695   16.263  1.00 27.28  ? 136 ALA A C     1 
ATOM   1061 O  O     . ALA A 1 136 ? 12.104  1.959   16.657  1.00 25.17  ? 136 ALA A O     1 
ATOM   1062 C  CB    . ALA A 1 136 ? 10.513  1.008   13.925  1.00 26.29  ? 136 ALA A CB    1 
ATOM   1063 N  N     . ARG A 1 137 ? 9.907   2.439   16.607  1.00 26.53  ? 137 ARG A N     1 
ATOM   1064 C  CA    . ARG A 1 137 ? 10.090  3.609   17.474  1.00 25.26  ? 137 ARG A CA    1 
ATOM   1065 C  C     . ARG A 1 137 ? 10.693  3.228   18.813  1.00 25.13  ? 137 ARG A C     1 
ATOM   1066 O  O     . ARG A 1 137 ? 11.420  4.019   19.434  1.00 25.49  ? 137 ARG A O     1 
ATOM   1067 C  CB    . ARG A 1 137 ? 8.736   4.292   17.616  1.00 25.67  ? 137 ARG A CB    1 
ATOM   1068 C  CG    . ARG A 1 137 ? 8.616   5.368   18.674  1.00 29.51  ? 137 ARG A CG    1 
ATOM   1069 C  CD    . ARG A 1 137 ? 7.108   5.724   18.828  1.00 34.29  ? 137 ARG A CD    1 
ATOM   1070 N  NE    . ARG A 1 137 ? 6.686   6.600   17.734  1.00 37.62  ? 137 ARG A NE    1 
ATOM   1071 N  N     . TYR A 1 138 ? 10.374  2.057   19.346  1.00 22.79  ? 138 TYR A N     1 
ATOM   1072 C  CA    . TYR A 1 138 ? 10.867  1.599   20.610  1.00 24.24  ? 138 TYR A CA    1 
ATOM   1073 C  C     . TYR A 1 138 ? 12.032  0.644   20.539  1.00 24.12  ? 138 TYR A C     1 
ATOM   1074 O  O     . TYR A 1 138 ? 12.309  -0.110  21.471  1.00 23.93  ? 138 TYR A O     1 
ATOM   1075 C  CB    . TYR A 1 138 ? 9.667   1.031   21.437  1.00 25.93  ? 138 TYR A CB    1 
ATOM   1076 C  CG    . TYR A 1 138 ? 8.704   2.188   21.702  1.00 28.66  ? 138 TYR A CG    1 
ATOM   1077 C  CD1   . TYR A 1 138 ? 9.144   3.317   22.379  1.00 31.56  ? 138 TYR A CD1   1 
ATOM   1078 C  CD2   . TYR A 1 138 ? 7.414   2.149   21.221  1.00 32.15  ? 138 TYR A CD2   1 
ATOM   1079 C  CE1   . TYR A 1 138 ? 8.287   4.399   22.592  1.00 35.14  ? 138 TYR A CE1   1 
ATOM   1080 C  CE2   . TYR A 1 138 ? 6.551   3.215   21.419  1.00 34.00  ? 138 TYR A CE2   1 
ATOM   1081 C  CZ    . TYR A 1 138 ? 6.994   4.329   22.094  1.00 36.17  ? 138 TYR A CZ    1 
ATOM   1082 O  OH    . TYR A 1 138 ? 6.150   5.389   22.282  1.00 40.89  ? 138 TYR A OH    1 
ATOM   1083 N  N     . ASP A 1 139 ? 12.720  0.608   19.392  1.00 24.14  ? 139 ASP A N     1 
ATOM   1084 C  CA    . ASP A 1 139 ? 13.938  -0.173  19.230  1.00 23.73  ? 139 ASP A CA    1 
ATOM   1085 C  C     . ASP A 1 139 ? 13.774  -1.653  19.146  1.00 24.29  ? 139 ASP A C     1 
ATOM   1086 O  O     . ASP A 1 139 ? 14.709  -2.403  19.445  1.00 24.61  ? 139 ASP A O     1 
ATOM   1087 C  CB    . ASP A 1 139 ? 14.935  0.190   20.357  1.00 23.36  ? 139 ASP A CB    1 
ATOM   1088 C  CG    . ASP A 1 139 ? 16.388  0.031   19.952  1.00 25.23  ? 139 ASP A CG    1 
ATOM   1089 O  OD1   . ASP A 1 139 ? 16.689  -0.059  18.754  1.00 22.30  ? 139 ASP A OD1   1 
ATOM   1090 O  OD2   . ASP A 1 139 ? 17.300  0.008   20.810  1.00 25.61  ? 139 ASP A OD2   1 
ATOM   1091 N  N     . GLY A 1 140 ? 12.582  -2.147  18.751  1.00 23.71  ? 140 GLY A N     1 
ATOM   1092 C  CA    . GLY A 1 140 ? 12.400  -3.581  18.633  1.00 21.55  ? 140 GLY A CA    1 
ATOM   1093 C  C     . GLY A 1 140 ? 12.876  -3.988  17.232  1.00 24.02  ? 140 GLY A C     1 
ATOM   1094 O  O     . GLY A 1 140 ? 13.195  -3.135  16.378  1.00 23.60  ? 140 GLY A O     1 
ATOM   1095 N  N     . SER A 1 141 ? 12.885  -5.273  16.984  1.00 23.89  ? 141 SER A N     1 
ATOM   1096 C  CA    . SER A 1 141 ? 13.283  -5.781  15.686  1.00 27.59  ? 141 SER A CA    1 
ATOM   1097 C  C     . SER A 1 141 ? 12.098  -5.811  14.725  1.00 26.77  ? 141 SER A C     1 
ATOM   1098 O  O     . SER A 1 141 ? 11.052  -6.306  15.141  1.00 28.37  ? 141 SER A O     1 
ATOM   1099 C  CB    . SER A 1 141 ? 13.725  -7.273  15.849  1.00 30.36  ? 141 SER A CB    1 
ATOM   1100 O  OG    . SER A 1 141 ? 14.093  -7.704  14.504  1.00 35.24  ? 141 SER A OG    1 
ATOM   1101 N  N     . VAL A 1 142 ? 12.251  -5.373  13.496  1.00 27.69  ? 142 VAL A N     1 
ATOM   1102 C  CA    . VAL A 1 142 ? 11.181  -5.420  12.505  1.00 24.09  ? 142 VAL A CA    1 
ATOM   1103 C  C     . VAL A 1 142 ? 11.618  -6.246  11.300  1.00 23.94  ? 142 VAL A C     1 
ATOM   1104 O  O     . VAL A 1 142 ? 10.947  -6.249  10.276  1.00 20.26  ? 142 VAL A O     1 
ATOM   1105 C  CB    . VAL A 1 142 ? 10.779  -4.017  12.013  1.00 24.86  ? 142 VAL A CB    1 
ATOM   1106 C  CG1   . VAL A 1 142 ? 10.091  -3.214  13.095  1.00 20.87  ? 142 VAL A CG1   1 
ATOM   1107 C  CG2   . VAL A 1 142 ? 11.980  -3.262  11.452  1.00 21.95  ? 142 VAL A CG2   1 
ATOM   1108 N  N     . SER A 1 143 ? 12.740  -6.983  11.400  1.00 23.20  ? 143 SER A N     1 
ATOM   1109 C  CA    . SER A 1 143 ? 13.215  -7.731  10.248  1.00 26.73  ? 143 SER A CA    1 
ATOM   1110 C  C     . SER A 1 143 ? 12.286  -8.811  9.769   1.00 26.80  ? 143 SER A C     1 
ATOM   1111 O  O     . SER A 1 143 ? 12.334  -9.157  8.588   1.00 25.48  ? 143 SER A O     1 
ATOM   1112 C  CB    . SER A 1 143 ? 14.647  -8.295  10.450  1.00 28.64  ? 143 SER A CB    1 
ATOM   1113 O  OG    . SER A 1 143 ? 14.581  -9.218  11.510  1.00 37.40  ? 143 SER A OG    1 
ATOM   1114 N  N     . GLU A 1 144 ? 11.451  -9.403  10.643  1.00 26.59  ? 144 GLU A N     1 
ATOM   1115 C  CA    . GLU A 1 144 ? 10.512  -10.397 10.138  1.00 28.73  ? 144 GLU A CA    1 
ATOM   1116 C  C     . GLU A 1 144 ? 9.284   -9.727  9.505   1.00 27.56  ? 144 GLU A C     1 
ATOM   1117 O  O     . GLU A 1 144 ? 8.476   -10.411 8.910   1.00 26.61  ? 144 GLU A O     1 
ATOM   1118 C  CB    . GLU A 1 144 ? 10.010  -11.292 11.289  1.00 32.23  ? 144 GLU A CB    1 
ATOM   1119 C  CG    . GLU A 1 144 ? 11.046  -12.385 11.632  1.00 41.66  ? 144 GLU A CG    1 
ATOM   1120 C  CD    . GLU A 1 144 ? 10.470  -13.383 12.644  1.00 45.93  ? 144 GLU A CD    1 
ATOM   1121 N  N     . PHE A 1 145 ? 9.127   -8.402  9.645   1.00 26.43  ? 145 PHE A N     1 
ATOM   1122 C  CA    . PHE A 1 145 ? 7.947   -7.732  9.163   1.00 25.44  ? 145 PHE A CA    1 
ATOM   1123 C  C     . PHE A 1 145 ? 8.084   -6.934  7.891   1.00 25.32  ? 145 PHE A C     1 
ATOM   1124 O  O     . PHE A 1 145 ? 7.045   -6.710  7.214   1.00 24.70  ? 145 PHE A O     1 
ATOM   1125 C  CB    . PHE A 1 145 ? 7.370   -6.792  10.240  1.00 22.17  ? 145 PHE A CB    1 
ATOM   1126 C  CG    . PHE A 1 145 ? 7.297   -7.329  11.624  1.00 30.56  ? 145 PHE A CG    1 
ATOM   1127 C  CD1   . PHE A 1 145 ? 7.476   -6.478  12.718  1.00 29.36  ? 145 PHE A CD1   1 
ATOM   1128 C  CD2   . PHE A 1 145 ? 7.049   -8.675  11.879  1.00 32.01  ? 145 PHE A CD2   1 
ATOM   1129 C  CE1   . PHE A 1 145 ? 7.450   -6.962  14.002  1.00 32.57  ? 145 PHE A CE1   1 
ATOM   1130 C  CE2   . PHE A 1 145 ? 7.044   -9.170  13.164  1.00 34.04  ? 145 PHE A CE2   1 
ATOM   1131 C  CZ    . PHE A 1 145 ? 7.223   -8.312  14.233  1.00 35.26  ? 145 PHE A CZ    1 
ATOM   1132 N  N     . VAL A 1 146 ? 9.255   -6.362  7.612   1.00 22.14  ? 146 VAL A N     1 
ATOM   1133 C  CA    . VAL A 1 146 ? 9.451   -5.525  6.452   1.00 22.35  ? 146 VAL A CA    1 
ATOM   1134 C  C     . VAL A 1 146 ? 10.772  -5.863  5.734   1.00 23.33  ? 146 VAL A C     1 
ATOM   1135 O  O     . VAL A 1 146 ? 11.669  -6.417  6.343   1.00 21.56  ? 146 VAL A O     1 
ATOM   1136 C  CB    . VAL A 1 146 ? 9.564   -4.027  6.855   1.00 24.22  ? 146 VAL A CB    1 
ATOM   1137 C  CG1   . VAL A 1 146 ? 8.326   -3.558  7.637   1.00 19.72  ? 146 VAL A CG1   1 
ATOM   1138 C  CG2   . VAL A 1 146 ? 10.808  -3.784  7.733   1.00 19.74  ? 146 VAL A CG2   1 
ATOM   1139 N  N     . PRO A 1 147 ? 10.858  -5.528  4.468   1.00 22.78  ? 147 PRO A N     1 
ATOM   1140 C  CA    . PRO A 1 147 ? 12.078  -5.696  3.707   1.00 24.63  ? 147 PRO A CA    1 
ATOM   1141 C  C     . PRO A 1 147 ? 13.225  -4.923  4.363   1.00 25.17  ? 147 PRO A C     1 
ATOM   1142 O  O     . PRO A 1 147 ? 13.036  -3.909  5.062   1.00 24.30  ? 147 PRO A O     1 
ATOM   1143 C  CB    . PRO A 1 147 ? 11.751  -5.110  2.333   1.00 23.32  ? 147 PRO A CB    1 
ATOM   1144 C  CG    . PRO A 1 147 ? 10.272  -5.028  2.259   1.00 24.40  ? 147 PRO A CG    1 
ATOM   1145 C  CD    . PRO A 1 147 ? 9.763   -4.904  3.664   1.00 23.37  ? 147 PRO A CD    1 
ATOM   1146 N  N     . PRO A 1 148 ? 14.460  -5.365  4.116   1.00 24.45  ? 148 PRO A N     1 
ATOM   1147 C  CA    . PRO A 1 148 ? 15.648  -4.744  4.688   1.00 24.00  ? 148 PRO A CA    1 
ATOM   1148 C  C     . PRO A 1 148 ? 15.743  -3.268  4.389   1.00 22.18  ? 148 PRO A C     1 
ATOM   1149 O  O     . PRO A 1 148 ? 16.109  -2.491  5.269   1.00 22.25  ? 148 PRO A O     1 
ATOM   1150 C  CB    . PRO A 1 148 ? 16.834  -5.537  4.129   1.00 23.67  ? 148 PRO A CB    1 
ATOM   1151 C  CG    . PRO A 1 148 ? 16.236  -6.849  3.734   1.00 25.13  ? 148 PRO A CG    1 
ATOM   1152 C  CD    . PRO A 1 148 ? 14.794  -6.564  3.330   1.00 24.48  ? 148 PRO A CD    1 
ATOM   1153 N  N     . GLU A 1 149 ? 15.372  -2.834  3.195   1.00 22.38  ? 149 GLU A N     1 
ATOM   1154 C  CA    . GLU A 1 149 ? 15.378  -1.420  2.859   1.00 23.78  ? 149 GLU A CA    1 
ATOM   1155 C  C     . GLU A 1 149 ? 14.430  -0.632  3.764   1.00 22.61  ? 149 GLU A C     1 
ATOM   1156 O  O     . GLU A 1 149 ? 14.713  0.529   4.056   1.00 23.46  ? 149 GLU A O     1 
ATOM   1157 C  CB    . GLU A 1 149 ? 14.949  -1.170  1.404   1.00 23.33  ? 149 GLU A CB    1 
ATOM   1158 C  CG    . GLU A 1 149 ? 15.865  -1.805  0.364   1.00 29.23  ? 149 GLU A CG    1 
ATOM   1159 C  CD    . GLU A 1 149 ? 15.531  -3.249  0.077   1.00 34.43  ? 149 GLU A CD    1 
ATOM   1160 O  OE1   . GLU A 1 149 ? 14.792  -3.939  0.808   1.00 32.30  ? 149 GLU A OE1   1 
ATOM   1161 O  OE2   . GLU A 1 149 ? 16.031  -3.769  -0.949  1.00 43.04  ? 149 GLU A OE2   1 
ATOM   1162 N  N     . VAL A 1 150 ? 13.275  -1.214  4.122   1.00 22.78  ? 150 VAL A N     1 
ATOM   1163 C  CA    . VAL A 1 150 ? 12.327  -0.465  4.986   1.00 20.12  ? 150 VAL A CA    1 
ATOM   1164 C  C     . VAL A 1 150 ? 12.847  -0.409  6.393   1.00 18.95  ? 150 VAL A C     1 
ATOM   1165 O  O     . VAL A 1 150 ? 12.734  0.570   7.115   1.00 19.24  ? 150 VAL A O     1 
ATOM   1166 C  CB    . VAL A 1 150 ? 10.934  -1.112  4.918   1.00 23.56  ? 150 VAL A CB    1 
ATOM   1167 C  CG1   . VAL A 1 150 ? 9.989   -0.510  5.950   1.00 19.06  ? 150 VAL A CG1   1 
ATOM   1168 C  CG2   . VAL A 1 150 ? 10.360  -0.959  3.515   1.00 23.50  ? 150 VAL A CG2   1 
ATOM   1169 N  N     . GLU A 1 151 ? 13.453  -1.520  6.843   1.00 20.33  ? 151 GLU A N     1 
ATOM   1170 C  CA    . GLU A 1 151 ? 14.038  -1.547  8.190   1.00 21.71  ? 151 GLU A CA    1 
ATOM   1171 C  C     . GLU A 1 151 ? 15.081  -0.425  8.338   1.00 23.04  ? 151 GLU A C     1 
ATOM   1172 O  O     . GLU A 1 151 ? 15.097  0.293   9.328   1.00 22.30  ? 151 GLU A O     1 
ATOM   1173 C  CB    . GLU A 1 151 ? 14.694  -2.911  8.391   1.00 21.37  ? 151 GLU A CB    1 
ATOM   1174 C  CG    . GLU A 1 151 ? 15.359  -3.106  9.752   1.00 28.50  ? 151 GLU A CG    1 
ATOM   1175 C  CD    . GLU A 1 151 ? 15.717  -4.567  9.976   1.00 33.33  ? 151 GLU A CD    1 
ATOM   1176 O  OE1   . GLU A 1 151 ? 15.683  -5.378  9.021   1.00 36.52  ? 151 GLU A OE1   1 
ATOM   1177 O  OE2   . GLU A 1 151 ? 16.056  -4.926  11.104  1.00 37.79  ? 151 GLU A OE2   1 
ATOM   1178 N  N     . LEU A 1 152 ? 15.912  -0.236  7.302   1.00 23.01  ? 152 LEU A N     1 
ATOM   1179 C  CA    . LEU A 1 152 ? 16.932  0.814   7.339   1.00 24.06  ? 152 LEU A CA    1 
ATOM   1180 C  C     . LEU A 1 152 ? 16.300  2.186   7.286   1.00 23.95  ? 152 LEU A C     1 
ATOM   1181 O  O     . LEU A 1 152 ? 16.652  3.107   8.032   1.00 24.83  ? 152 LEU A O     1 
ATOM   1182 C  CB    . LEU A 1 152 ? 17.909  0.594   6.155   1.00 24.66  ? 152 LEU A CB    1 
ATOM   1183 C  CG    . LEU A 1 152 ? 18.986  1.670   5.984   1.00 27.73  ? 152 LEU A CG    1 
ATOM   1184 C  CD1   . LEU A 1 152 ? 19.918  1.649   7.184   1.00 26.36  ? 152 LEU A CD1   1 
ATOM   1185 C  CD2   . LEU A 1 152 ? 19.786  1.444   4.688   1.00 25.97  ? 152 LEU A CD2   1 
ATOM   1186 N  N     . ALA A 1 153 ? 15.282  2.388   6.430   1.00 22.61  ? 153 ALA A N     1 
ATOM   1187 C  CA    . ALA A 1 153 ? 14.631  3.699   6.388   1.00 22.32  ? 153 ALA A CA    1 
ATOM   1188 C  C     . ALA A 1 153 ? 14.014  4.052   7.742   1.00 23.15  ? 153 ALA A C     1 
ATOM   1189 O  O     . ALA A 1 153 ? 14.024  5.216   8.150   1.00 21.51  ? 153 ALA A O     1 
ATOM   1190 C  CB    . ALA A 1 153 ? 13.632  3.750   5.261   1.00 22.66  ? 153 ALA A CB    1 
ATOM   1191 N  N     . LEU A 1 154 ? 13.457  3.074   8.469   1.00 22.92  ? 154 LEU A N     1 
ATOM   1192 C  CA    . LEU A 1 154 ? 12.926  3.353   9.805   1.00 23.51  ? 154 LEU A CA    1 
ATOM   1193 C  C     . LEU A 1 154 ? 14.026  3.747   10.784  1.00 22.12  ? 154 LEU A C     1 
ATOM   1194 O  O     . LEU A 1 154 ? 13.826  4.626   11.635  1.00 20.56  ? 154 LEU A O     1 
ATOM   1195 C  CB    . LEU A 1 154 ? 12.172  2.112   10.347  1.00 19.89  ? 154 LEU A CB    1 
ATOM   1196 C  CG    . LEU A 1 154 ? 10.802  1.860   9.701   1.00 21.22  ? 154 LEU A CG    1 
ATOM   1197 C  CD1   . LEU A 1 154 ? 10.400  0.387   9.896   1.00 18.87  ? 154 LEU A CD1   1 
ATOM   1198 C  CD2   . LEU A 1 154 ? 9.756   2.814   10.286  1.00 16.15  ? 154 LEU A CD2   1 
ATOM   1199 N  N     . GLN A 1 155 ? 15.176  3.064   10.736  1.00 22.60  ? 155 GLN A N     1 
ATOM   1200 C  CA    . GLN A 1 155 ? 16.308  3.431   11.614  1.00 23.58  ? 155 GLN A CA    1 
ATOM   1201 C  C     . GLN A 1 155 ? 16.721  4.880   11.314  1.00 23.33  ? 155 GLN A C     1 
ATOM   1202 O  O     . GLN A 1 155 ? 16.994  5.672   12.222  1.00 24.33  ? 155 GLN A O     1 
ATOM   1203 C  CB    . GLN A 1 155 ? 17.502  2.487   11.342  1.00 23.68  ? 155 GLN A CB    1 
ATOM   1204 C  CG    . GLN A 1 155 ? 17.239  1.025   11.719  1.00 19.27  ? 155 GLN A CG    1 
ATOM   1205 C  CD    . GLN A 1 155 ? 18.313  0.081   11.237  1.00 23.84  ? 155 GLN A CD    1 
ATOM   1206 O  OE1   . GLN A 1 155 ? 18.235  -1.141  11.451  1.00 24.37  ? 155 GLN A OE1   1 
ATOM   1207 N  NE2   . GLN A 1 155 ? 19.381  0.575   10.635  1.00 19.26  ? 155 GLN A NE2   1 
ATOM   1208 N  N     . GLN A 1 156 ? 16.801  5.239   10.048  1.00 23.33  ? 156 GLN A N     1 
ATOM   1209 C  CA    . GLN A 1 156 ? 17.139  6.586   9.608   1.00 25.93  ? 156 GLN A CA    1 
ATOM   1210 C  C     . GLN A 1 156 ? 16.074  7.604   10.016  1.00 27.45  ? 156 GLN A C     1 
ATOM   1211 O  O     . GLN A 1 156 ? 16.370  8.706   10.483  1.00 26.77  ? 156 GLN A O     1 
ATOM   1212 C  CB    . GLN A 1 156 ? 17.291  6.597   8.078   1.00 24.93  ? 156 GLN A CB    1 
ATOM   1213 C  CG    . GLN A 1 156 ? 18.520  5.768   7.626   1.00 23.71  ? 156 GLN A CG    1 
ATOM   1214 C  CD    . GLN A 1 156 ? 18.555  5.578   6.142   1.00 25.28  ? 156 GLN A CD    1 
ATOM   1215 O  OE1   . GLN A 1 156 ? 17.605  5.892   5.412   1.00 29.91  ? 156 GLN A OE1   1 
ATOM   1216 N  NE2   . GLN A 1 156 ? 19.657  5.058   5.615   1.00 29.99  ? 156 GLN A NE2   1 
ATOM   1217 N  N     . LYS A 1 157 ? 14.798  7.263   9.837   1.00 27.41  ? 157 LYS A N     1 
ATOM   1218 C  CA    . LYS A 1 157 ? 13.722  8.162   10.208  1.00 29.56  ? 157 LYS A CA    1 
ATOM   1219 C  C     . LYS A 1 157 ? 13.694  8.455   11.705  1.00 29.68  ? 157 LYS A C     1 
ATOM   1220 O  O     . LYS A 1 157 ? 13.585  9.613   12.110  1.00 28.64  ? 157 LYS A O     1 
ATOM   1221 C  CB    . LYS A 1 157 ? 12.365  7.604   9.774   1.00 30.80  ? 157 LYS A CB    1 
ATOM   1222 C  CG    . LYS A 1 157 ? 11.190  8.357   10.423  1.00 32.59  ? 157 LYS A CG    1 
ATOM   1223 C  CD    . LYS A 1 157 ? 10.961  9.708   9.766   1.00 34.41  ? 157 LYS A CD    1 
ATOM   1224 C  CE    . LYS A 1 157 ? 10.900  9.596   8.255   1.00 37.59  ? 157 LYS A CE    1 
ATOM   1225 N  NZ    . LYS A 1 157 ? 10.573  10.913  7.613   1.00 44.19  ? 157 LYS A NZ    1 
ATOM   1226 N  N     . PHE A 1 158 ? 13.805  7.435   12.550  1.00 29.58  ? 158 PHE A N     1 
ATOM   1227 C  CA    . PHE A 1 158 ? 13.779  7.663   13.987  1.00 29.47  ? 158 PHE A CA    1 
ATOM   1228 C  C     . PHE A 1 158 ? 15.033  8.303   14.531  1.00 31.92  ? 158 PHE A C     1 
ATOM   1229 O  O     . PHE A 1 158 ? 15.047  8.757   15.683  1.00 30.84  ? 158 PHE A O     1 
ATOM   1230 C  CB    . PHE A 1 158 ? 13.349  6.408   14.761  1.00 27.11  ? 158 PHE A CB    1 
ATOM   1231 C  CG    . PHE A 1 158 ? 11.872  6.153   14.546  1.00 28.72  ? 158 PHE A CG    1 
ATOM   1232 C  CD1   . PHE A 1 158 ? 11.445  5.054   13.832  1.00 22.98  ? 158 PHE A CD1   1 
ATOM   1233 C  CD2   . PHE A 1 158 ? 10.934  7.080   15.024  1.00 28.91  ? 158 PHE A CD2   1 
ATOM   1234 C  CE1   . PHE A 1 158 ? 10.086  4.834   13.636  1.00 28.08  ? 158 PHE A CE1   1 
ATOM   1235 C  CE2   . PHE A 1 158 ? 9.577   6.865   14.803  1.00 27.84  ? 158 PHE A CE2   1 
ATOM   1236 C  CZ    . PHE A 1 158 ? 9.152   5.740   14.117  1.00 27.04  ? 158 PHE A CZ    1 
ATOM   1237 N  N     . ARG A 1 159 ? 16.104  8.410   13.736  1.00 31.80  ? 159 ARG A N     1 
ATOM   1238 C  CA    . ARG A 1 159 ? 17.288  9.129   14.188  1.00 34.17  ? 159 ARG A CA    1 
ATOM   1239 C  C     . ARG A 1 159 ? 17.067  10.622  13.893  1.00 36.89  ? 159 ARG A C     1 
ATOM   1240 O  O     . ARG A 1 159 ? 17.726  11.467  14.470  1.00 36.95  ? 159 ARG A O     1 
ATOM   1241 C  CB    . ARG A 1 159 ? 18.578  8.671   13.499  1.00 29.73  ? 159 ARG A CB    1 
ATOM   1242 C  CG    . ARG A 1 159 ? 19.256  7.513   14.187  1.00 26.78  ? 159 ARG A CG    1 
ATOM   1243 C  CD    . ARG A 1 159 ? 20.693  7.300   13.745  1.00 24.16  ? 159 ARG A CD    1 
ATOM   1244 N  NE    . ARG A 1 159 ? 20.810  7.196   12.306  1.00 24.79  ? 159 ARG A NE    1 
ATOM   1245 C  CZ    . ARG A 1 159 ? 20.845  6.083   11.595  1.00 22.95  ? 159 ARG A CZ    1 
ATOM   1246 N  NH1   . ARG A 1 159 ? 20.952  6.163   10.274  1.00 20.93  ? 159 ARG A NH1   1 
ATOM   1247 N  NH2   . ARG A 1 159 ? 20.755  4.895   12.211  1.00 24.22  ? 159 ARG A NH2   1 
ATOM   1248 N  N     . GLN A 1 160 ? 16.125  10.936  12.986  1.00 39.72  ? 160 GLN A N     1 
ATOM   1249 C  CA    . GLN A 1 160 ? 15.929  12.368  12.714  1.00 43.47  ? 160 GLN A CA    1 
ATOM   1250 C  C     . GLN A 1 160 ? 14.949  12.964  13.701  1.00 45.51  ? 160 GLN A C     1 
ATOM   1251 O  O     . GLN A 1 160 ? 14.117  12.290  14.329  1.00 47.12  ? 160 GLN A O     1 
ATOM   1252 C  CB    . GLN A 1 160 ? 15.683  12.704  11.294  1.00 44.82  ? 160 GLN A CB    1 
ATOM   1253 C  CG    . GLN A 1 160 ? 14.745  11.909  10.455  1.00 46.43  ? 160 GLN A CG    1 
ATOM   1254 C  CD    . GLN A 1 160 ? 14.264  12.715  9.236   1.00 46.34  ? 160 GLN A CD    1 
ATOM   1255 N  N     . GLY A 1 161 ? 15.182  14.234  14.052  0.50 47.21  ? 161 GLY A N     1 
ATOM   1256 C  CA    . GLY A 1 161 ? 14.261  14.872  15.026  0.50 49.47  ? 161 GLY A CA    1 
ATOM   1257 C  C     . GLY A 1 161 ? 12.985  15.249  14.273  0.50 50.68  ? 161 GLY A C     1 
ATOM   1258 O  O     . GLY A 1 161 ? 13.061  15.552  13.077  0.50 50.74  ? 161 GLY A O     1 
ATOM   1259 N  N     . GLY A 1 162 ? 11.834  15.223  14.926  0.50 52.57  ? 162 GLY A N     1 
ATOM   1260 C  CA    . GLY A 1 162 ? 10.592  15.581  14.215  0.50 54.95  ? 162 GLY A CA    1 
ATOM   1261 C  C     . GLY A 1 162 ? 9.394   15.420  15.139  0.50 56.62  ? 162 GLY A C     1 
ATOM   1262 O  O     . GLY A 1 162 ? 9.575   15.251  16.348  0.50 56.54  ? 162 GLY A O     1 
ATOM   1263 N  N     . SER A 1 163 ? 8.185   15.471  14.584  0.50 58.19  ? 163 SER A N     1 
ATOM   1264 C  CA    . SER A 1 163 ? 6.990   15.330  15.414  0.50 59.91  ? 163 SER A CA    1 
ATOM   1265 C  C     . SER A 1 163 ? 6.881   13.926  15.995  0.50 60.73  ? 163 SER A C     1 
ATOM   1266 O  O     . SER A 1 163 ? 5.806   13.492  16.407  0.50 60.62  ? 163 SER A O     1 
ATOM   1267 C  CB    . SER A 1 163 ? 5.734   15.722  14.659  0.50 60.56  ? 163 SER A CB    1 
ATOM   1268 O  OG    . SER A 1 163 ? 5.776   15.308  13.307  0.50 61.26  ? 163 SER A OG    1 
ATOM   1269 N  N     . HIS A 1 164 ? 8.015   13.226  16.062  0.50 61.45  ? 164 HIS A N     1 
ATOM   1270 C  CA    . HIS A 1 164 ? 8.059   11.880  16.617  0.50 61.36  ? 164 HIS A CA    1 
ATOM   1271 C  C     . HIS A 1 164 ? 9.183   11.747  17.640  0.50 62.05  ? 164 HIS A C     1 
ATOM   1272 O  O     . HIS A 1 164 ? 10.311  12.172  17.398  0.50 62.78  ? 164 HIS A O     1 
ATOM   1273 C  CB    . HIS A 1 164 ? 8.186   10.812  15.543  0.50 59.44  ? 164 HIS A CB    1 
ATOM   1274 C  CG    . HIS A 1 164 ? 9.266   11.013  14.530  0.50 58.17  ? 164 HIS A CG    1 
ATOM   1275 N  ND1   . HIS A 1 164 ? 9.180   11.962  13.531  0.50 56.97  ? 164 HIS A ND1   1 
ATOM   1276 C  CD2   . HIS A 1 164 ? 10.454  10.386  14.335  0.50 56.55  ? 164 HIS A CD2   1 
ATOM   1277 C  CE1   . HIS A 1 164 ? 10.270  11.922  12.786  0.50 55.66  ? 164 HIS A CE1   1 
ATOM   1278 N  NE2   . HIS A 1 164 ? 11.058  10.970  13.251  0.50 54.66  ? 164 HIS A NE2   1 
HETATM 1279 P  P     . PO4 B 2 .   ? -1.919  -1.131  7.195   0.50 37.63  ? 170 PO4 A P     1 
HETATM 1280 O  O1    . PO4 B 2 .   ? -3.317  -0.939  7.662   0.50 39.40  ? 170 PO4 A O1    1 
HETATM 1281 O  O2    . PO4 B 2 .   ? -0.942  -0.341  8.184   0.50 40.74  ? 170 PO4 A O2    1 
HETATM 1282 O  O3    . PO4 B 2 .   ? -1.594  -2.694  7.189   0.50 38.47  ? 170 PO4 A O3    1 
HETATM 1283 O  O4    . PO4 B 2 .   ? -1.756  -0.482  5.735   0.50 38.86  ? 170 PO4 A O4    1 
HETATM 1284 MG MG    . MG  C 3 .   ? 17.104  -0.581  16.320  0.50 19.16  ? 171 MG  A MG    1 
HETATM 1285 CL CL    . CL  D 4 .   ? -7.866  -9.843  -16.505 0.50 56.88  ? 172 CL  A CL    1 
HETATM 1286 P  PB    . ADP E 5 .   ? -4.447  2.842   3.399   0.50 46.69  ? 173 ADP A PB    1 
HETATM 1287 O  O1B   . ADP E 5 .   ? -5.053  3.100   2.059   0.50 48.77  ? 173 ADP A O1B   1 
HETATM 1288 O  O2B   . ADP E 5 .   ? -5.321  1.776   4.204   0.50 48.80  ? 173 ADP A O2B   1 
HETATM 1289 O  O3B   . ADP E 5 .   ? -4.416  4.253   4.209   0.50 48.06  ? 173 ADP A O3B   1 
HETATM 1290 P  PA    . ADP E 5 .   ? -2.186  0.980   3.282   0.50 48.55  ? 173 ADP A PA    1 
HETATM 1291 O  O1A   . ADP E 5 .   ? -0.813  1.082   2.672   0.50 46.61  ? 173 ADP A O1A   1 
HETATM 1292 O  O2A   . ADP E 5 .   ? -2.099  0.459   4.788   0.50 47.94  ? 173 ADP A O2A   1 
HETATM 1293 O  O3A   . ADP E 5 .   ? -2.964  2.343   3.210   0.50 48.42  ? 173 ADP A O3A   1 
HETATM 1294 O  "O5'" . ADP E 5 .   ? -3.003  -0.171  2.416   0.50 49.59  ? 173 ADP A "O5'" 1 
HETATM 1295 C  "C5'" . ADP E 5 .   ? -2.259  -1.144  1.687   0.50 49.31  ? 173 ADP A "C5'" 1 
HETATM 1296 C  "C4'" . ADP E 5 .   ? -2.950  -2.132  0.819   0.50 49.60  ? 173 ADP A "C4'" 1 
HETATM 1297 O  "O4'" . ADP E 5 .   ? -2.527  -3.484  1.071   0.50 49.44  ? 173 ADP A "O4'" 1 
HETATM 1298 C  "C3'" . ADP E 5 .   ? -4.495  -2.199  0.989   0.50 49.39  ? 173 ADP A "C3'" 1 
HETATM 1299 O  "O3'" . ADP E 5 .   ? -4.978  -2.952  -0.085  0.50 49.56  ? 173 ADP A "O3'" 1 
HETATM 1300 C  "C2'" . ADP E 5 .   ? -4.514  -3.049  2.266   0.50 49.76  ? 173 ADP A "C2'" 1 
HETATM 1301 O  "O2'" . ADP E 5 .   ? -5.791  -3.430  2.643   0.50 50.81  ? 173 ADP A "O2'" 1 
HETATM 1302 C  "C1'" . ADP E 5 .   ? -3.547  -4.167  1.836   0.50 48.98  ? 173 ADP A "C1'" 1 
HETATM 1303 N  N9    . ADP E 5 .   ? -2.920  -4.734  3.051   0.50 48.54  ? 173 ADP A N9    1 
HETATM 1304 C  C8    . ADP E 5 .   ? -2.368  -3.965  4.063   0.50 49.11  ? 173 ADP A C8    1 
HETATM 1305 N  N7    . ADP E 5 .   ? -1.820  -4.641  5.021   0.50 48.40  ? 173 ADP A N7    1 
HETATM 1306 C  C5    . ADP E 5 .   ? -2.051  -5.962  4.672   0.50 47.87  ? 173 ADP A C5    1 
HETATM 1307 C  C6    . ADP E 5 .   ? -1.743  -7.185  5.302   0.50 48.15  ? 173 ADP A C6    1 
HETATM 1308 N  N6    . ADP E 5 .   ? -1.083  -7.315  6.463   0.50 46.84  ? 173 ADP A N6    1 
HETATM 1309 N  N1    . ADP E 5 .   ? -2.091  -8.342  4.680   0.50 48.26  ? 173 ADP A N1    1 
HETATM 1310 C  C2    . ADP E 5 .   ? -2.749  -8.241  3.533   0.50 49.05  ? 173 ADP A C2    1 
HETATM 1311 N  N3    . ADP E 5 .   ? -3.121  -7.162  2.864   0.50 48.77  ? 173 ADP A N3    1 
HETATM 1312 C  C4    . ADP E 5 .   ? -2.731  -6.015  3.467   0.50 48.49  ? 173 ADP A C4    1 
HETATM 1313 O  O     . HOH F 6 .   ? 14.836  -0.839  16.124  1.00 19.69  ? 174 HOH A O     1 
HETATM 1314 O  O     . HOH F 6 .   ? 14.173  5.532   18.259  1.00 39.07  ? 175 HOH A O     1 
HETATM 1315 O  O     . HOH F 6 .   ? 6.632   2.495   1.555   1.00 21.75  ? 176 HOH A O     1 
HETATM 1316 O  O     . HOH F 6 .   ? 19.795  -0.695  19.837  1.00 20.36  ? 177 HOH A O     1 
HETATM 1317 O  O     . HOH F 6 .   ? -15.130 8.676   -12.758 1.00 24.09  ? 178 HOH A O     1 
HETATM 1318 O  O     . HOH F 6 .   ? -12.831 7.239   -13.139 1.00 22.56  ? 179 HOH A O     1 
HETATM 1319 O  O     . HOH F 6 .   ? -16.263 -4.079  -4.174  1.00 18.71  ? 180 HOH A O     1 
HETATM 1320 O  O     . HOH F 6 .   ? -11.422 7.800   -5.691  1.00 29.77  ? 181 HOH A O     1 
HETATM 1321 O  O     . HOH F 6 .   ? 16.163  2.246   2.615   1.00 29.44  ? 182 HOH A O     1 
HETATM 1322 O  O     . HOH F 6 .   ? 21.045  2.788   10.332  1.00 23.40  ? 183 HOH A O     1 
HETATM 1323 O  O     . HOH F 6 .   ? -15.369 1.974   -8.405  1.00 20.85  ? 184 HOH A O     1 
HETATM 1324 O  O     . HOH F 6 .   ? 15.880  -1.912  12.830  1.00 30.80  ? 185 HOH A O     1 
HETATM 1325 O  O     . HOH F 6 .   ? 9.371   -1.155  -9.232  1.00 36.17  ? 186 HOH A O     1 
HETATM 1326 O  O     . HOH F 6 .   ? -15.694 0.490   -6.132  1.00 29.32  ? 187 HOH A O     1 
HETATM 1327 O  O     . HOH F 6 .   ? 8.340   1.306   -10.538 1.00 35.37  ? 188 HOH A O     1 
HETATM 1328 O  O     . HOH F 6 .   ? -17.638 -4.616  -12.367 1.00 36.83  ? 189 HOH A O     1 
HETATM 1329 O  O     . HOH F 6 .   ? 16.756  1.361   22.847  1.00 17.88  ? 190 HOH A O     1 
HETATM 1330 O  O     . HOH F 6 .   ? 9.075   -2.967  -11.052 1.00 33.99  ? 191 HOH A O     1 
HETATM 1331 O  O     . HOH F 6 .   ? 13.987  -0.114  12.558  1.00 29.01  ? 192 HOH A O     1 
HETATM 1332 O  O     . HOH F 6 .   ? 4.485   13.923  1.452   1.00 48.73  ? 193 HOH A O     1 
HETATM 1333 O  O     . HOH F 6 .   ? -18.636 -1.042  -9.833  1.00 53.02  ? 194 HOH A O     1 
HETATM 1334 O  O     . HOH F 6 .   ? -12.502 1.502   -3.847  1.00 30.16  ? 195 HOH A O     1 
HETATM 1335 O  O     . HOH F 6 .   ? 5.501   -10.503 1.321   1.00 31.62  ? 196 HOH A O     1 
HETATM 1336 O  O     . HOH F 6 .   ? -15.322 6.174   -16.837 1.00 43.08  ? 197 HOH A O     1 
HETATM 1337 O  O     . HOH F 6 .   ? 12.754  6.401   0.968   1.00 44.32  ? 198 HOH A O     1 
HETATM 1338 O  O     . HOH F 6 .   ? -9.073  13.558  -9.385  1.00 28.52  ? 199 HOH A O     1 
HETATM 1339 O  O     . HOH F 6 .   ? -10.495 2.392   -16.469 1.00 33.65  ? 200 HOH A O     1 
HETATM 1340 O  O     . HOH F 6 .   ? 11.835  -6.840  -6.329  1.00 50.23  ? 201 HOH A O     1 
HETATM 1341 O  O     . HOH F 6 .   ? 0.668   -11.448 -14.531 1.00 36.17  ? 202 HOH A O     1 
HETATM 1342 O  O     . HOH F 6 .   ? 17.246  6.246   17.089  1.00 29.56  ? 203 HOH A O     1 
HETATM 1343 O  O     . HOH F 6 .   ? -0.306  3.244   10.256  1.00 38.90  ? 204 HOH A O     1 
HETATM 1344 O  O     . HOH F 6 .   ? 11.638  -9.130  13.332  1.00 48.70  ? 205 HOH A O     1 
HETATM 1345 O  O     . HOH F 6 .   ? 16.545  4.829   3.165   1.00 33.47  ? 206 HOH A O     1 
HETATM 1346 O  O     . HOH F 6 .   ? 13.012  3.949   21.858  1.00 42.64  ? 207 HOH A O     1 
HETATM 1347 O  O     . HOH F 6 .   ? 13.984  -6.114  -0.648  1.00 34.98  ? 208 HOH A O     1 
HETATM 1348 O  O     . HOH F 6 .   ? 3.437   -12.119 -13.202 1.00 39.27  ? 209 HOH A O     1 
HETATM 1349 O  O     . HOH F 6 .   ? -1.486  2.050   -18.275 1.00 42.84  ? 210 HOH A O     1 
HETATM 1350 O  O     . HOH F 6 .   ? -20.668 5.722   -11.850 1.00 37.95  ? 211 HOH A O     1 
HETATM 1351 O  O     . HOH F 6 .   ? 1.728   -18.358 5.260   1.00 39.84  ? 212 HOH A O     1 
HETATM 1352 O  O     . HOH F 6 .   ? 4.297   9.121   -10.206 1.00 38.91  ? 213 HOH A O     1 
HETATM 1353 O  O     . HOH F 6 .   ? 13.070  -9.771  2.115   1.00 42.18  ? 214 HOH A O     1 
HETATM 1354 O  O     . HOH F 6 .   ? 13.531  6.907   3.623   1.00 44.57  ? 215 HOH A O     1 
HETATM 1355 O  O     . HOH F 6 .   ? 2.818   -14.762 -12.205 1.00 56.54  ? 216 HOH A O     1 
HETATM 1356 O  O     . HOH F 6 .   ? 14.267  7.883   6.001   1.00 53.67  ? 217 HOH A O     1 
HETATM 1357 O  O     . HOH F 6 .   ? 17.794  -1.615  14.632  1.00 30.12  ? 218 HOH A O     1 
HETATM 1358 O  O     . HOH F 6 .   ? 15.433  3.495   18.588  1.00 40.53  ? 219 HOH A O     1 
HETATM 1359 O  O     . HOH F 6 .   ? -20.174 5.171   5.643   1.00 39.08  ? 220 HOH A O     1 
HETATM 1360 O  O     . HOH F 6 .   ? -10.004 2.148   -1.995  1.00 65.67  ? 221 HOH A O     1 
HETATM 1361 O  O     . HOH F 6 .   ? 4.386   -10.547 -11.538 1.00 31.03  ? 222 HOH A O     1 
HETATM 1362 O  O     . HOH F 6 .   ? -22.302 0.690   1.868   1.00 40.30  ? 223 HOH A O     1 
HETATM 1363 O  O     . HOH F 6 .   ? -3.432  -19.983 3.156   1.00 40.27  ? 224 HOH A O     1 
HETATM 1364 O  O     . HOH F 6 .   ? 20.843  2.176   1.527   1.00 36.44  ? 225 HOH A O     1 
HETATM 1365 O  O     . HOH F 6 .   ? -1.525  0.318   10.393  1.00 38.10  ? 226 HOH A O     1 
HETATM 1366 O  O     . HOH F 6 .   ? -9.803  3.464   -18.833 1.00 49.86  ? 227 HOH A O     1 
HETATM 1367 O  O     . HOH F 6 .   ? -2.506  -15.386 -13.822 1.00 48.97  ? 228 HOH A O     1 
HETATM 1368 O  O     . HOH F 6 .   ? 2.520   7.319   11.141  1.00 44.85  ? 229 HOH A O     1 
HETATM 1369 O  O     . HOH F 6 .   ? -4.100  -10.499 14.221  1.00 53.30  ? 230 HOH A O     1 
HETATM 1370 O  O     . HOH F 6 .   ? 4.807   5.028   16.439  1.00 61.49  ? 231 HOH A O     1 
HETATM 1371 O  O     . HOH F 6 .   ? 8.771   12.948  6.709   1.00 64.02  ? 232 HOH A O     1 
HETATM 1372 O  O     . HOH F 6 .   ? 2.669   -13.826 -2.456  1.00 43.35  ? 233 HOH A O     1 
HETATM 1373 O  O     . HOH F 6 .   ? 18.509  -3.287  7.118   1.00 43.84  ? 234 HOH A O     1 
HETATM 1374 O  O     . HOH F 6 .   ? 0.150   -0.116  -18.682 1.00 59.38  ? 235 HOH A O     1 
HETATM 1375 O  O     . HOH F 6 .   ? 11.378  -7.334  -0.378  1.00 44.91  ? 236 HOH A O     1 
HETATM 1376 O  O     . HOH F 6 .   ? 2.417   3.761   14.875  1.00 54.83  ? 237 HOH A O     1 
HETATM 1377 O  O     . HOH F 6 .   ? 2.594   -14.149 -5.040  1.00 57.17  ? 238 HOH A O     1 
HETATM 1378 O  O     . HOH F 6 .   ? 18.868  -1.750  2.294   1.00 50.85  ? 239 HOH A O     1 
HETATM 1379 O  O     . HOH F 6 .   ? -16.453 2.760   -19.203 1.00 56.02  ? 240 HOH A O     1 
HETATM 1380 O  O     . HOH F 6 .   ? 19.676  -4.519  1.290   1.00 56.95  ? 241 HOH A O     1 
HETATM 1381 O  O     . HOH F 6 .   ? 14.674  -4.400  12.807  1.00 35.15  ? 242 HOH A O     1 
HETATM 1382 O  O     . HOH F 6 .   ? -3.593  -2.017  -2.191  1.00 38.10  ? 243 HOH A O     1 
HETATM 1383 O  O     . HOH F 6 .   ? -17.036 -1.767  -6.229  1.00 52.70  ? 244 HOH A O     1 
HETATM 1384 O  O     . HOH F 6 .   ? 3.739   6.833   13.418  1.00 45.62  ? 245 HOH A O     1 
HETATM 1385 O  O     . HOH F 6 .   ? -3.764  0.301   -21.825 1.00 48.36  ? 246 HOH A O     1 
HETATM 1386 O  O     . HOH F 6 .   ? 3.945   -11.152 -8.834  1.00 35.27  ? 247 HOH A O     1 
HETATM 1387 O  O     . HOH F 6 .   ? 3.598   0.028   23.566  1.00 55.14  ? 248 HOH A O     1 
HETATM 1388 O  O     . HOH F 6 .   ? 14.512  -6.667  7.005   1.00 49.41  ? 249 HOH A O     1 
HETATM 1389 O  O     . HOH F 6 .   ? 16.267  -4.858  15.646  1.00 43.32  ? 250 HOH A O     1 
HETATM 1390 O  O     . HOH F 6 .   ? -12.829 -0.249  -17.033 1.00 59.30  ? 251 HOH A O     1 
HETATM 1391 O  O     . HOH F 6 .   ? 0.684   4.686   -17.312 1.00 47.63  ? 252 HOH A O     1 
HETATM 1392 O  O     . HOH F 6 .   ? 2.756   -8.789  -17.676 1.00 54.67  ? 253 HOH A O     1 
HETATM 1393 O  O     . HOH F 6 .   ? 3.830   -14.417 -9.868  1.00 55.87  ? 254 HOH A O     1 
HETATM 1394 O  O     . HOH F 6 .   ? 18.177  0.892   1.310   1.00 44.48  ? 255 HOH A O     1 
HETATM 1395 O  O     . HOH F 6 .   ? -1.493  -12.080 -16.071 1.00 54.69  ? 256 HOH A O     1 
HETATM 1396 O  O     . HOH F 6 .   ? -14.141 6.840   -20.164 1.00 57.26  ? 257 HOH A O     1 
HETATM 1397 O  O     . HOH F 6 .   ? 14.809  1.201   -7.706  1.00 71.43  ? 258 HOH A O     1 
HETATM 1398 O  O     . HOH F 6 .   ? 6.201   -11.387 -7.382  1.00 51.78  ? 259 HOH A O     1 
HETATM 1399 O  O     . HOH F 6 .   ? 3.382   -5.023  -18.105 1.00 45.21  ? 260 HOH A O     1 
HETATM 1400 O  O     . HOH F 6 .   ? -18.733 4.019   -15.571 1.00 47.45  ? 261 HOH A O     1 
HETATM 1401 O  O     . HOH F 6 .   ? 13.880  8.904   -0.546  1.00 53.09  ? 262 HOH A O     1 
HETATM 1402 O  O     . HOH F 6 .   ? -24.434 2.764   -6.664  1.00 56.18  ? 263 HOH A O     1 
HETATM 1403 O  O     . HOH F 6 .   ? 6.880   -1.686  -15.164 1.00 52.03  ? 264 HOH A O     1 
HETATM 1404 O  O     . HOH F 6 .   ? 6.128   13.620  6.159   1.00 72.22  ? 265 HOH A O     1 
HETATM 1405 O  O     . HOH F 6 .   ? 10.571  -9.354  -5.149  1.00 86.62  ? 266 HOH A O     1 
HETATM 1406 O  O     . HOH F 6 .   ? -12.747 -0.392  8.489   1.00 108.66 ? 267 HOH A O     1 
HETATM 1407 O  O     . HOH F 6 .   ? -10.764 13.535  -13.597 1.00 29.64  ? 268 HOH A O     1 
HETATM 1408 O  O     . HOH F 6 .   ? -0.409  -14.980 12.062  1.00 70.39  ? 269 HOH A O     1 
HETATM 1409 O  O     . HOH F 6 .   ? -8.047  -1.028  -23.824 1.00 61.03  ? 270 HOH A O     1 
HETATM 1410 O  O     . HOH F 6 .   ? 22.472  -1.137  4.885   1.00 61.57  ? 271 HOH A O     1 
HETATM 1411 O  O     . HOH F 6 .   ? 1.526   -18.225 1.885   1.00 61.28  ? 272 HOH A O     1 
HETATM 1412 O  O     . HOH F 6 .   ? -5.946  11.370  -9.774  1.00 40.48  ? 273 HOH A O     1 
HETATM 1413 O  O     . HOH F 6 .   ? 12.671  10.343  17.167  1.00 48.88  ? 274 HOH A O     1 
HETATM 1414 O  O     . HOH F 6 .   ? 0.584   2.104   5.772   1.00 31.84  ? 275 HOH A O     1 
HETATM 1415 O  O     . HOH F 6 .   ? 0.518   10.052  -11.603 1.00 59.15  ? 276 HOH A O     1 
HETATM 1416 O  O     . HOH F 6 .   ? 2.881   9.680   -12.820 1.00 87.39  ? 277 HOH A O     1 
HETATM 1417 O  O     . HOH F 6 .   ? 12.308  12.859  6.345   1.00 88.74  ? 278 HOH A O     1 
HETATM 1418 O  O     . HOH F 6 .   ? 14.684  10.258  7.177   1.00 60.72  ? 279 HOH A O     1 
HETATM 1419 O  O     . HOH F 6 .   ? -0.624  4.179   7.842   1.00 50.94  ? 280 HOH A O     1 
HETATM 1420 O  O     . HOH F 6 .   ? 0.093   6.744   8.024   1.00 38.49  ? 281 HOH A O     1 
HETATM 1421 O  O     . HOH F 6 .   ? 1.086   12.934  -4.713  1.00 49.37  ? 282 HOH A O     1 
HETATM 1422 O  O     . HOH F 6 .   ? 8.098   9.213   -6.989  1.00 88.53  ? 283 HOH A O     1 
HETATM 1423 O  O     . HOH F 6 .   ? 0.772   -4.249  6.676   1.00 42.33  ? 284 HOH A O     1 
HETATM 1424 O  O     . HOH F 6 .   ? -8.847  8.901   -3.523  1.00 33.04  ? 285 HOH A O     1 
HETATM 1425 O  O     . HOH F 6 .   ? 0.126   10.721  2.910   0.50 37.25  ? 286 HOH A O     1 
# 
